data_6XEK
# 
_entry.id   6XEK 
# 
_audit_conform.dict_name       mmcif_pdbx.dic 
_audit_conform.dict_version    5.380 
_audit_conform.dict_location   http://mmcif.pdb.org/dictionaries/ascii/mmcif_pdbx.dic 
# 
loop_
_database_2.database_id 
_database_2.database_code 
_database_2.pdbx_database_accession 
_database_2.pdbx_DOI 
PDB   6XEK         pdb_00006xek 10.2210/pdb6xek/pdb 
WWPDB D_1000249234 ?            ?                   
# 
_pdbx_database_status.status_code                     REL 
_pdbx_database_status.status_code_sf                  REL 
_pdbx_database_status.status_code_mr                  ? 
_pdbx_database_status.entry_id                        6XEK 
_pdbx_database_status.recvd_initial_deposition_date   2020-06-12 
_pdbx_database_status.SG_entry                        N 
_pdbx_database_status.deposit_site                    RCSB 
_pdbx_database_status.process_site                    RCSB 
_pdbx_database_status.status_code_cs                  ? 
_pdbx_database_status.status_code_nmr_data            ? 
_pdbx_database_status.methods_development_category    ? 
_pdbx_database_status.pdb_format_compatible           Y 
# 
loop_
_audit_author.name 
_audit_author.pdbx_ordinal 
_audit_author.identifier_ORCID 
'Simmons, C.R.'      1 0000-0002-2290-6132 
'MacCulloch, T.'     2 0000-0001-5875-3361 
'Stephanopoulos, N.' 3 0000-0001-7859-410X 
'Yan, H.'            4 0000-0001-7397-9852 
# 
_citation.abstract                  ? 
_citation.abstract_id_CAS           ? 
_citation.book_id_ISBN              ? 
_citation.book_publisher            ? 
_citation.book_publisher_city       ? 
_citation.book_title                ? 
_citation.coordinate_linkage        ? 
_citation.country                   UK 
_citation.database_id_Medline       ? 
_citation.details                   ? 
_citation.id                        primary 
_citation.journal_abbrev            'Nat Commun' 
_citation.journal_id_ASTM           ? 
_citation.journal_id_CSD            ? 
_citation.journal_id_ISSN           2041-1723 
_citation.journal_full              ? 
_citation.journal_issue             ? 
_citation.journal_volume            13 
_citation.language                  ? 
_citation.page_first                3112 
_citation.page_last                 3112 
_citation.title                     'The influence of Holliday junction sequence and dynamics on DNA crystal self-assembly.' 
_citation.year                      2022 
_citation.database_id_CSD           ? 
_citation.pdbx_database_id_DOI      10.1038/s41467-022-30779-6 
_citation.pdbx_database_id_PubMed   35662248 
_citation.unpublished_flag          ? 
# 
loop_
_citation_author.citation_id 
_citation_author.name 
_citation_author.ordinal 
_citation_author.identifier_ORCID 
primary 'Simmons, C.R.'      1  ?                   
primary 'MacCulloch, T.'     2  ?                   
primary 'Krepl, M.'          3  0000-0002-9833-4281 
primary 'Matthies, M.'       4  ?                   
primary 'Buchberger, A.'     5  ?                   
primary 'Crawford, I.'       6  ?                   
primary 'Sponer, J.'         7  0000-0001-6558-6186 
primary 'Sulc, P.'           8  0000-0003-1565-6769 
primary 'Stephanopoulos, N.' 9  0000-0001-7859-410X 
primary 'Yan, H.'            10 0000-0001-7397-9852 
# 
_cell.angle_alpha                  90.000 
_cell.angle_alpha_esd              ? 
_cell.angle_beta                   90.000 
_cell.angle_beta_esd               ? 
_cell.angle_gamma                  120.000 
_cell.angle_gamma_esd              ? 
_cell.entry_id                     6XEK 
_cell.details                      ? 
_cell.formula_units_Z              ? 
_cell.length_a                     68.908 
_cell.length_a_esd                 ? 
_cell.length_b                     68.908 
_cell.length_b_esd                 ? 
_cell.length_c                     62.094 
_cell.length_c_esd                 ? 
_cell.volume                       ? 
_cell.volume_esd                   ? 
_cell.Z_PDB                        6 
_cell.reciprocal_angle_alpha       ? 
_cell.reciprocal_angle_beta        ? 
_cell.reciprocal_angle_gamma       ? 
_cell.reciprocal_angle_alpha_esd   ? 
_cell.reciprocal_angle_beta_esd    ? 
_cell.reciprocal_angle_gamma_esd   ? 
_cell.reciprocal_length_a          ? 
_cell.reciprocal_length_b          ? 
_cell.reciprocal_length_c          ? 
_cell.reciprocal_length_a_esd      ? 
_cell.reciprocal_length_b_esd      ? 
_cell.reciprocal_length_c_esd      ? 
_cell.pdbx_unique_axis             ? 
# 
_symmetry.entry_id                         6XEK 
_symmetry.cell_setting                     ? 
_symmetry.Int_Tables_number                154 
_symmetry.space_group_name_Hall            ? 
_symmetry.space_group_name_H-M             'P 32 2 1' 
_symmetry.pdbx_full_space_group_name_H-M   ? 
# 
loop_
_entity.id 
_entity.type 
_entity.src_method 
_entity.pdbx_description 
_entity.formula_weight 
_entity.pdbx_number_of_molecules 
_entity.pdbx_ec 
_entity.pdbx_mutation 
_entity.pdbx_fragment 
_entity.details 
1 polymer syn 
;DNA (5'-D(*GP*AP*GP*CP*AP*GP*AP*CP*CP*TP*G)-3')
;
3432.262 1 ? ? ? ? 
2 polymer syn 
;DNA (5'-D(P*AP*CP*TP*CP*CP*AP*CP*TP*CP*A)-3')
;
2933.947 1 ? ? ? ? 
3 polymer syn 
;DNA (5'-D(P*CP*AP*AP*GP*T)-3')
;
1511.022 1 ? ? ? ? 
4 polymer syn 
;DNA (5'-D(*TP*CP*TP*GP*AP*GP*TP*GP*GP*GP*GP*TP*CP*TP*GP*C)-3')
;
4921.175 1 ? ? ? ? 
# 
loop_
_entity_poly.entity_id 
_entity_poly.type 
_entity_poly.nstd_linkage 
_entity_poly.nstd_monomer 
_entity_poly.pdbx_seq_one_letter_code 
_entity_poly.pdbx_seq_one_letter_code_can 
_entity_poly.pdbx_strand_id 
_entity_poly.pdbx_target_identifier 
1 polydeoxyribonucleotide no no '(DG)(DA)(DG)(DC)(DA)(DG)(DA)(DC)(DG)(DA)(DG)'                     GAGCAGACGAG      A ? 
2 polydeoxyribonucleotide no no '(DA)(DC)(DC)(DC)(DC)(DA)(DC)(DT)(DC)(DA)'                         ACCCCACTCA       B ? 
3 polydeoxyribonucleotide no no '(DC)(DT)(DG)(DG)(DT)'                                             CTGGT            C ? 
4 polydeoxyribonucleotide no no '(DT)(DC)(DT)(DG)(DA)(DG)(DT)(DG)(DG)(DC)(DG)(DT)(DC)(DT)(DG)(DC)' TCTGAGTGGCGTCTGC D ? 
# 
loop_
_entity_poly_seq.entity_id 
_entity_poly_seq.num 
_entity_poly_seq.mon_id 
_entity_poly_seq.hetero 
1 1  DG n 
1 2  DA n 
1 3  DG n 
1 4  DC n 
1 5  DA n 
1 6  DG n 
1 7  DA n 
1 8  DC n 
1 9  DG n 
1 10 DA n 
1 11 DG n 
2 1  DA n 
2 2  DC n 
2 3  DC n 
2 4  DC n 
2 5  DC n 
2 6  DA n 
2 7  DC n 
2 8  DT n 
2 9  DC n 
2 10 DA n 
3 1  DC n 
3 2  DT n 
3 3  DG n 
3 4  DG n 
3 5  DT n 
4 1  DT n 
4 2  DC n 
4 3  DT n 
4 4  DG n 
4 5  DA n 
4 6  DG n 
4 7  DT n 
4 8  DG n 
4 9  DG n 
4 10 DC n 
4 11 DG n 
4 12 DT n 
4 13 DC n 
4 14 DT n 
4 15 DG n 
4 16 DC n 
# 
loop_
_pdbx_entity_src_syn.entity_id 
_pdbx_entity_src_syn.pdbx_src_id 
_pdbx_entity_src_syn.pdbx_alt_source_flag 
_pdbx_entity_src_syn.pdbx_beg_seq_num 
_pdbx_entity_src_syn.pdbx_end_seq_num 
_pdbx_entity_src_syn.organism_scientific 
_pdbx_entity_src_syn.organism_common_name 
_pdbx_entity_src_syn.ncbi_taxonomy_id 
_pdbx_entity_src_syn.details 
1 1 sample 1 11 'synthetic construct' ? 32630 ? 
2 1 sample 1 10 'synthetic construct' ? 32630 ? 
3 1 sample 1 5  'synthetic construct' ? 32630 ? 
4 1 sample 1 16 'synthetic construct' ? 32630 ? 
# 
loop_
_struct_ref.id 
_struct_ref.db_name 
_struct_ref.db_code 
_struct_ref.pdbx_db_accession 
_struct_ref.pdbx_db_isoform 
_struct_ref.entity_id 
_struct_ref.pdbx_seq_one_letter_code 
_struct_ref.pdbx_align_begin 
1 PDB 6XEK 6XEK ? 1 ? 1 
2 PDB 6XEK 6XEK ? 2 ? 1 
3 PDB 6XEK 6XEK ? 3 ? 1 
4 PDB 6XEK 6XEK ? 4 ? 1 
# 
loop_
_struct_ref_seq.align_id 
_struct_ref_seq.ref_id 
_struct_ref_seq.pdbx_PDB_id_code 
_struct_ref_seq.pdbx_strand_id 
_struct_ref_seq.seq_align_beg 
_struct_ref_seq.pdbx_seq_align_beg_ins_code 
_struct_ref_seq.seq_align_end 
_struct_ref_seq.pdbx_seq_align_end_ins_code 
_struct_ref_seq.pdbx_db_accession 
_struct_ref_seq.db_align_beg 
_struct_ref_seq.pdbx_db_align_beg_ins_code 
_struct_ref_seq.db_align_end 
_struct_ref_seq.pdbx_db_align_end_ins_code 
_struct_ref_seq.pdbx_auth_seq_align_beg 
_struct_ref_seq.pdbx_auth_seq_align_end 
1 1 6XEK A 1 ? 11 ? 6XEK 1  ? 11 ? 1  11 
2 2 6XEK B 1 ? 10 ? 6XEK 12 ? 21 ? 12 21 
3 3 6XEK C 1 ? 5  ? 6XEK 1  ? 5  ? 1  5  
4 4 6XEK D 1 ? 16 ? 6XEK 1  ? 16 ? 1  16 
# 
loop_
_chem_comp.id 
_chem_comp.type 
_chem_comp.mon_nstd_flag 
_chem_comp.name 
_chem_comp.pdbx_synonyms 
_chem_comp.formula 
_chem_comp.formula_weight 
DA 'DNA linking' y "2'-DEOXYADENOSINE-5'-MONOPHOSPHATE" ? 'C10 H14 N5 O6 P' 331.222 
DC 'DNA linking' y "2'-DEOXYCYTIDINE-5'-MONOPHOSPHATE"  ? 'C9 H14 N3 O7 P'  307.197 
DG 'DNA linking' y "2'-DEOXYGUANOSINE-5'-MONOPHOSPHATE" ? 'C10 H14 N5 O7 P' 347.221 
DT 'DNA linking' y "THYMIDINE-5'-MONOPHOSPHATE"         ? 'C10 H15 N2 O8 P' 322.208 
# 
_exptl.absorpt_coefficient_mu     ? 
_exptl.absorpt_correction_T_max   ? 
_exptl.absorpt_correction_T_min   ? 
_exptl.absorpt_correction_type    ? 
_exptl.absorpt_process_details    ? 
_exptl.entry_id                   6XEK 
_exptl.crystals_number            1 
_exptl.details                    ? 
_exptl.method                     'X-RAY DIFFRACTION' 
_exptl.method_details             ? 
# 
_exptl_crystal.colour                      ? 
_exptl_crystal.density_diffrn              ? 
_exptl_crystal.density_Matthews            3.33 
_exptl_crystal.density_method              ? 
_exptl_crystal.density_percent_sol         63.01 
_exptl_crystal.description                 ? 
_exptl_crystal.F_000                       ? 
_exptl_crystal.id                          1 
_exptl_crystal.preparation                 ? 
_exptl_crystal.size_max                    ? 
_exptl_crystal.size_mid                    ? 
_exptl_crystal.size_min                    ? 
_exptl_crystal.size_rad                    ? 
_exptl_crystal.colour_lustre               ? 
_exptl_crystal.colour_modifier             ? 
_exptl_crystal.colour_primary              ? 
_exptl_crystal.density_meas                ? 
_exptl_crystal.density_meas_esd            ? 
_exptl_crystal.density_meas_gt             ? 
_exptl_crystal.density_meas_lt             ? 
_exptl_crystal.density_meas_temp           ? 
_exptl_crystal.density_meas_temp_esd       ? 
_exptl_crystal.density_meas_temp_gt        ? 
_exptl_crystal.density_meas_temp_lt        ? 
_exptl_crystal.pdbx_crystal_image_url      ? 
_exptl_crystal.pdbx_crystal_image_format   ? 
_exptl_crystal.pdbx_mosaicity              ? 
_exptl_crystal.pdbx_mosaicity_esd          ? 
# 
_exptl_crystal_grow.apparatus       ? 
_exptl_crystal_grow.atmosphere      ? 
_exptl_crystal_grow.crystal_id      1 
_exptl_crystal_grow.details         ? 
_exptl_crystal_grow.method          'VAPOR DIFFUSION, SITTING DROP' 
_exptl_crystal_grow.method_ref      ? 
_exptl_crystal_grow.pH              ? 
_exptl_crystal_grow.pressure        ? 
_exptl_crystal_grow.pressure_esd    ? 
_exptl_crystal_grow.seeding         ? 
_exptl_crystal_grow.seeding_ref     ? 
_exptl_crystal_grow.temp            298 
_exptl_crystal_grow.temp_details    'temperature gradient generated from 60 to 25 C at 0.3 degrees per hour' 
_exptl_crystal_grow.temp_esd        ? 
_exptl_crystal_grow.time            ? 
_exptl_crystal_grow.pdbx_details    
;0.5 mL of 0.05 M Cacodylate pH 6.0 with 10 mM MgCl2, 2.5 mM spermine, 5 mM CaCl2, and 10% Isopropanol was added to the reservoir with 2 uL added to the drop containing 4 uL of DNA stock
;
_exptl_crystal_grow.pdbx_pH_range   ? 
# 
_diffrn.ambient_environment              ? 
_diffrn.ambient_temp                     100 
_diffrn.ambient_temp_details             ? 
_diffrn.ambient_temp_esd                 ? 
_diffrn.crystal_id                       1 
_diffrn.crystal_support                  ? 
_diffrn.crystal_treatment                ? 
_diffrn.details                          ? 
_diffrn.id                               1 
_diffrn.ambient_pressure                 ? 
_diffrn.ambient_pressure_esd             ? 
_diffrn.ambient_pressure_gt              ? 
_diffrn.ambient_pressure_lt              ? 
_diffrn.ambient_temp_gt                  ? 
_diffrn.ambient_temp_lt                  ? 
_diffrn.pdbx_serial_crystal_experiment   N 
# 
_diffrn_detector.details                      ? 
_diffrn_detector.detector                     PIXEL 
_diffrn_detector.diffrn_id                    1 
_diffrn_detector.type                         'DECTRIS PILATUS3 6M' 
_diffrn_detector.area_resol_mean              ? 
_diffrn_detector.dtime                        ? 
_diffrn_detector.pdbx_frames_total            ? 
_diffrn_detector.pdbx_collection_time_total   ? 
_diffrn_detector.pdbx_collection_date         2018-03-15 
_diffrn_detector.pdbx_frequency               ? 
# 
_diffrn_radiation.collimation                      ? 
_diffrn_radiation.diffrn_id                        1 
_diffrn_radiation.filter_edge                      ? 
_diffrn_radiation.inhomogeneity                    ? 
_diffrn_radiation.monochromator                    ? 
_diffrn_radiation.polarisn_norm                    ? 
_diffrn_radiation.polarisn_ratio                   ? 
_diffrn_radiation.probe                            ? 
_diffrn_radiation.type                             ? 
_diffrn_radiation.xray_symbol                      ? 
_diffrn_radiation.wavelength_id                    1 
_diffrn_radiation.pdbx_monochromatic_or_laue_m_l   M 
_diffrn_radiation.pdbx_wavelength_list             ? 
_diffrn_radiation.pdbx_wavelength                  ? 
_diffrn_radiation.pdbx_diffrn_protocol             'SINGLE WAVELENGTH' 
_diffrn_radiation.pdbx_analyzer                    ? 
_diffrn_radiation.pdbx_scattering_type             x-ray 
# 
_diffrn_radiation_wavelength.id           1 
_diffrn_radiation_wavelength.wavelength   0.92 
_diffrn_radiation_wavelength.wt           1.0 
# 
_diffrn_source.current                     ? 
_diffrn_source.details                     ? 
_diffrn_source.diffrn_id                   1 
_diffrn_source.power                       ? 
_diffrn_source.size                        ? 
_diffrn_source.source                      SYNCHROTRON 
_diffrn_source.target                      ? 
_diffrn_source.type                        'APS BEAMLINE 19-ID' 
_diffrn_source.voltage                     ? 
_diffrn_source.take-off_angle              ? 
_diffrn_source.pdbx_wavelength_list        0.92 
_diffrn_source.pdbx_wavelength             ? 
_diffrn_source.pdbx_synchrotron_beamline   19-ID 
_diffrn_source.pdbx_synchrotron_site       APS 
# 
_reflns.B_iso_Wilson_estimate            ? 
_reflns.entry_id                         6XEK 
_reflns.data_reduction_details           ? 
_reflns.data_reduction_method            ? 
_reflns.d_resolution_high                2.850 
_reflns.d_resolution_low                 59.68 
_reflns.details                          ? 
_reflns.limit_h_max                      ? 
_reflns.limit_h_min                      ? 
_reflns.limit_k_max                      ? 
_reflns.limit_k_min                      ? 
_reflns.limit_l_max                      ? 
_reflns.limit_l_min                      ? 
_reflns.number_all                       ? 
_reflns.number_obs                       4213 
_reflns.observed_criterion               ? 
_reflns.observed_criterion_F_max         ? 
_reflns.observed_criterion_F_min         ? 
_reflns.observed_criterion_I_max         ? 
_reflns.observed_criterion_I_min         ? 
_reflns.observed_criterion_sigma_F       ? 
_reflns.observed_criterion_sigma_I       ? 
_reflns.percent_possible_obs             99.800 
_reflns.R_free_details                   ? 
_reflns.Rmerge_F_all                     ? 
_reflns.Rmerge_F_obs                     ? 
_reflns.Friedel_coverage                 ? 
_reflns.number_gt                        ? 
_reflns.threshold_expression             ? 
_reflns.pdbx_redundancy                  19.100 
_reflns.pdbx_Rmerge_I_obs                0.076 
_reflns.pdbx_Rmerge_I_all                ? 
_reflns.pdbx_Rsym_value                  ? 
_reflns.pdbx_netI_over_av_sigmaI         ? 
_reflns.pdbx_netI_over_sigmaI            8.700 
_reflns.pdbx_res_netI_over_av_sigmaI_2   ? 
_reflns.pdbx_res_netI_over_sigmaI_2      ? 
_reflns.pdbx_chi_squared                 3.239 
_reflns.pdbx_scaling_rejects             ? 
_reflns.pdbx_d_res_high_opt              ? 
_reflns.pdbx_d_res_low_opt               ? 
_reflns.pdbx_d_res_opt_method            ? 
_reflns.phase_calculation_details        ? 
_reflns.pdbx_Rrim_I_all                  0.079 
_reflns.pdbx_Rpim_I_all                  0.019 
_reflns.pdbx_d_opt                       ? 
_reflns.pdbx_number_measured_all         ? 
_reflns.pdbx_diffrn_id                   1 
_reflns.pdbx_ordinal                     1 
_reflns.pdbx_CC_half                     0.917 
_reflns.pdbx_CC_star                     ? 
_reflns.pdbx_R_split                     ? 
# 
loop_
_reflns_shell.d_res_high 
_reflns_shell.d_res_low 
_reflns_shell.meanI_over_sigI_all 
_reflns_shell.meanI_over_sigI_obs 
_reflns_shell.number_measured_all 
_reflns_shell.number_measured_obs 
_reflns_shell.number_possible 
_reflns_shell.number_unique_all 
_reflns_shell.number_unique_obs 
_reflns_shell.percent_possible_all 
_reflns_shell.percent_possible_obs 
_reflns_shell.Rmerge_F_all 
_reflns_shell.Rmerge_F_obs 
_reflns_shell.Rmerge_I_all 
_reflns_shell.Rmerge_I_obs 
_reflns_shell.meanI_over_sigI_gt 
_reflns_shell.meanI_over_uI_all 
_reflns_shell.meanI_over_uI_gt 
_reflns_shell.number_measured_gt 
_reflns_shell.number_unique_gt 
_reflns_shell.percent_possible_gt 
_reflns_shell.Rmerge_F_gt 
_reflns_shell.Rmerge_I_gt 
_reflns_shell.pdbx_redundancy 
_reflns_shell.pdbx_Rsym_value 
_reflns_shell.pdbx_chi_squared 
_reflns_shell.pdbx_netI_over_sigmaI_all 
_reflns_shell.pdbx_netI_over_sigmaI_obs 
_reflns_shell.pdbx_Rrim_I_all 
_reflns_shell.pdbx_Rpim_I_all 
_reflns_shell.pdbx_rejects 
_reflns_shell.pdbx_ordinal 
_reflns_shell.pdbx_diffrn_id 
_reflns_shell.pdbx_CC_half 
_reflns_shell.pdbx_CC_star 
_reflns_shell.pdbx_R_split 
2.850 2.900  ? ? ? ? ? ? 212 100.000 ? ? ? ? 0.746 ? ? ? ? ? ? ? ? 19.400 ? 0.461  ? ? 0.766 0.171 ? 1  1 0.916 ? ? 
2.900 2.950  ? ? ? ? ? ? 194 100.000 ? ? ? ? 0.547 ? ? ? ? ? ? ? ? 19.800 ? 0.445  ? ? 0.561 0.124 ? 2  1 0.967 ? ? 
2.950 3.010  ? ? ? ? ? ? 216 100.000 ? ? ? ? 0.415 ? ? ? ? ? ? ? ? 19.800 ? 0.466  ? ? 0.426 0.095 ? 3  1 0.983 ? ? 
3.010 3.070  ? ? ? ? ? ? 201 100.000 ? ? ? ? 0.282 ? ? ? ? ? ? ? ? 20.000 ? 0.527  ? ? 0.289 0.064 ? 4  1 0.993 ? ? 
3.070 3.140  ? ? ? ? ? ? 209 100.000 ? ? ? ? 0.134 ? ? ? ? ? ? ? ? 19.200 ? 0.701  ? ? 0.138 0.031 ? 5  1 0.998 ? ? 
3.140 3.210  ? ? ? ? ? ? 208 100.000 ? ? ? ? 0.128 ? ? ? ? ? ? ? ? 18.900 ? 1.003  ? ? 0.132 0.029 ? 6  1 0.998 ? ? 
3.210 3.290  ? ? ? ? ? ? 200 100.000 ? ? ? ? 0.097 ? ? ? ? ? ? ? ? 17.700 ? 1.382  ? ? 0.100 0.023 ? 7  1 0.998 ? ? 
3.290 3.380  ? ? ? ? ? ? 207 100.000 ? ? ? ? 0.099 ? ? ? ? ? ? ? ? 20.000 ? 1.112  ? ? 0.101 0.022 ? 8  1 0.999 ? ? 
3.380 3.480  ? ? ? ? ? ? 204 100.000 ? ? ? ? 0.088 ? ? ? ? ? ? ? ? 20.200 ? 1.459  ? ? 0.090 0.019 ? 9  1 1.000 ? ? 
3.480 3.590  ? ? ? ? ? ? 206 100.000 ? ? ? ? 0.095 ? ? ? ? ? ? ? ? 20.100 ? 1.153  ? ? 0.097 0.021 ? 10 1 0.999 ? ? 
3.590 3.720  ? ? ? ? ? ? 213 100.000 ? ? ? ? 0.097 ? ? ? ? ? ? ? ? 19.800 ? 1.206  ? ? 0.099 0.022 ? 11 1 0.998 ? ? 
3.720 3.870  ? ? ? ? ? ? 213 100.000 ? ? ? ? 0.091 ? ? ? ? ? ? ? ? 19.200 ? 2.646  ? ? 0.093 0.021 ? 12 1 0.997 ? ? 
3.870 4.040  ? ? ? ? ? ? 205 100.000 ? ? ? ? 0.092 ? ? ? ? ? ? ? ? 17.700 ? 4.251  ? ? 0.095 0.022 ? 13 1 0.997 ? ? 
4.040 4.260  ? ? ? ? ? ? 210 100.000 ? ? ? ? 0.075 ? ? ? ? ? ? ? ? 19.600 ? 1.988  ? ? 0.077 0.018 ? 14 1 0.999 ? ? 
4.260 4.520  ? ? ? ? ? ? 211 100.000 ? ? ? ? 0.078 ? ? ? ? ? ? ? ? 19.900 ? 2.811  ? ? 0.080 0.018 ? 15 1 0.995 ? ? 
4.520 4.870  ? ? ? ? ? ? 218 100.000 ? ? ? ? 0.079 ? ? ? ? ? ? ? ? 19.600 ? 6.026  ? ? 0.081 0.018 ? 16 1 0.996 ? ? 
4.870 5.360  ? ? ? ? ? ? 212 100.000 ? ? ? ? 0.065 ? ? ? ? ? ? ? ? 17.700 ? 4.877  ? ? 0.067 0.016 ? 17 1 0.998 ? ? 
5.360 6.140  ? ? ? ? ? ? 219 100.000 ? ? ? ? 0.067 ? ? ? ? ? ? ? ? 19.500 ? 6.106  ? ? 0.069 0.015 ? 18 1 0.996 ? ? 
6.140 7.730  ? ? ? ? ? ? 224 100.000 ? ? ? ? 0.057 ? ? ? ? ? ? ? ? 18.300 ? 7.720  ? ? 0.059 0.014 ? 19 1 0.996 ? ? 
7.730 50.000 ? ? ? ? ? ? 231 95.900  ? ? ? ? 0.072 ? ? ? ? ? ? ? ? 16.600 ? 19.283 ? ? 0.075 0.020 ? 20 1 0.942 ? ? 
# 
_refine.aniso_B[1][1]                            -0.5900 
_refine.aniso_B[1][2]                            -0.2900 
_refine.aniso_B[1][3]                            0.0000 
_refine.aniso_B[2][2]                            -0.5900 
_refine.aniso_B[2][3]                            0.0000 
_refine.aniso_B[3][3]                            1.9000 
_refine.B_iso_max                                173.020 
_refine.B_iso_mean                               87.4760 
_refine.B_iso_min                                40.690 
_refine.correlation_coeff_Fo_to_Fc               0.9190 
_refine.correlation_coeff_Fo_to_Fc_free          0.9500 
_refine.details                                  
'HYDROGENS HAVE BEEN ADDED IN THE RIDING POSITIONS U VALUES      : REFINED INDIVIDUALLY' 
_refine.diff_density_max                         ? 
_refine.diff_density_max_esd                     ? 
_refine.diff_density_min                         ? 
_refine.diff_density_min_esd                     ? 
_refine.diff_density_rms                         ? 
_refine.diff_density_rms_esd                     ? 
_refine.entry_id                                 6XEK 
_refine.pdbx_refine_id                           'X-RAY DIFFRACTION' 
_refine.ls_abs_structure_details                 ? 
_refine.ls_abs_structure_Flack                   ? 
_refine.ls_abs_structure_Flack_esd               ? 
_refine.ls_abs_structure_Rogers                  ? 
_refine.ls_abs_structure_Rogers_esd              ? 
_refine.ls_d_res_high                            2.8500 
_refine.ls_d_res_low                             50 
_refine.ls_extinction_coef                       ? 
_refine.ls_extinction_coef_esd                   ? 
_refine.ls_extinction_expression                 ? 
_refine.ls_extinction_method                     ? 
_refine.ls_goodness_of_fit_all                   ? 
_refine.ls_goodness_of_fit_all_esd               ? 
_refine.ls_goodness_of_fit_obs                   ? 
_refine.ls_goodness_of_fit_obs_esd               ? 
_refine.ls_hydrogen_treatment                    ? 
_refine.ls_matrix_type                           ? 
_refine.ls_number_constraints                    ? 
_refine.ls_number_parameters                     ? 
_refine.ls_number_reflns_all                     ? 
_refine.ls_number_reflns_obs                     3969 
_refine.ls_number_reflns_R_free                  227 
_refine.ls_number_reflns_R_work                  ? 
_refine.ls_number_restraints                     ? 
_refine.ls_percent_reflns_obs                    99.6400 
_refine.ls_percent_reflns_R_free                 5.4000 
_refine.ls_R_factor_all                          ? 
_refine.ls_R_factor_obs                          0.2422 
_refine.ls_R_factor_R_free                       0.2627 
_refine.ls_R_factor_R_free_error                 ? 
_refine.ls_R_factor_R_free_error_details         ? 
_refine.ls_R_factor_R_work                       0.2410 
_refine.ls_R_Fsqd_factor_obs                     ? 
_refine.ls_R_I_factor_obs                        ? 
_refine.ls_redundancy_reflns_all                 ? 
_refine.ls_redundancy_reflns_obs                 ? 
_refine.ls_restrained_S_all                      ? 
_refine.ls_restrained_S_obs                      ? 
_refine.ls_shift_over_esd_max                    ? 
_refine.ls_shift_over_esd_mean                   ? 
_refine.ls_structure_factor_coef                 ? 
_refine.ls_weighting_details                     ? 
_refine.ls_weighting_scheme                      ? 
_refine.ls_wR_factor_all                         ? 
_refine.ls_wR_factor_obs                         ? 
_refine.ls_wR_factor_R_free                      ? 
_refine.ls_wR_factor_R_work                      ? 
_refine.occupancy_max                            ? 
_refine.occupancy_min                            ? 
_refine.solvent_model_details                    MASK 
_refine.solvent_model_param_bsol                 ? 
_refine.solvent_model_param_ksol                 ? 
_refine.pdbx_R_complete                          ? 
_refine.ls_R_factor_gt                           ? 
_refine.ls_goodness_of_fit_gt                    ? 
_refine.ls_goodness_of_fit_ref                   ? 
_refine.ls_shift_over_su_max                     ? 
_refine.ls_shift_over_su_max_lt                  ? 
_refine.ls_shift_over_su_mean                    ? 
_refine.ls_shift_over_su_mean_lt                 ? 
_refine.pdbx_ls_sigma_I                          ? 
_refine.pdbx_ls_sigma_F                          0.000 
_refine.pdbx_ls_sigma_Fsqd                       ? 
_refine.pdbx_data_cutoff_high_absF               ? 
_refine.pdbx_data_cutoff_high_rms_absF           ? 
_refine.pdbx_data_cutoff_low_absF                ? 
_refine.pdbx_isotropic_thermal_model             ? 
_refine.pdbx_ls_cross_valid_method               THROUGHOUT 
_refine.pdbx_method_to_determine_struct          'MOLECULAR REPLACEMENT' 
_refine.pdbx_starting_model                      6x8c 
_refine.pdbx_stereochemistry_target_values       'MAXIMUM LIKELIHOOD' 
_refine.pdbx_R_Free_selection_details            RANDOM 
_refine.pdbx_stereochem_target_val_spec_case     ? 
_refine.pdbx_overall_ESU_R                       0.8740 
_refine.pdbx_overall_ESU_R_Free                  0.3540 
_refine.pdbx_solvent_vdw_probe_radii             1.2000 
_refine.pdbx_solvent_ion_probe_radii             0.8000 
_refine.pdbx_solvent_shrinkage_radii             0.8000 
_refine.pdbx_real_space_R                        ? 
_refine.pdbx_density_correlation                 ? 
_refine.pdbx_pd_number_of_powder_patterns        ? 
_refine.pdbx_pd_number_of_points                 ? 
_refine.pdbx_pd_meas_number_of_points            ? 
_refine.pdbx_pd_proc_ls_prof_R_factor            ? 
_refine.pdbx_pd_proc_ls_prof_wR_factor           ? 
_refine.pdbx_pd_Marquardt_correlation_coeff      ? 
_refine.pdbx_pd_Fsqrd_R_factor                   ? 
_refine.pdbx_pd_ls_matrix_band_width             ? 
_refine.pdbx_overall_phase_error                 ? 
_refine.pdbx_overall_SU_R_free_Cruickshank_DPI   ? 
_refine.pdbx_overall_SU_R_free_Blow_DPI          ? 
_refine.pdbx_overall_SU_R_Blow_DPI               ? 
_refine.pdbx_TLS_residual_ADP_flag               ? 
_refine.pdbx_diffrn_id                           1 
_refine.overall_SU_B                             14.6430 
_refine.overall_SU_ML                            0.2820 
_refine.overall_SU_R_Cruickshank_DPI             ? 
_refine.overall_SU_R_free                        ? 
_refine.overall_FOM_free_R_set                   ? 
_refine.overall_FOM_work_R_set                   ? 
_refine.pdbx_average_fsc_overall                 ? 
_refine.pdbx_average_fsc_work                    ? 
_refine.pdbx_average_fsc_free                    ? 
# 
_refine_hist.pdbx_refine_id                   'X-RAY DIFFRACTION' 
_refine_hist.cycle_id                         final 
_refine_hist.details                          ? 
_refine_hist.d_res_high                       2.8500 
_refine_hist.d_res_low                        50 
_refine_hist.number_atoms_solvent             0 
_refine_hist.number_atoms_total               855 
_refine_hist.number_reflns_all                ? 
_refine_hist.number_reflns_obs                ? 
_refine_hist.number_reflns_R_free             ? 
_refine_hist.number_reflns_R_work             ? 
_refine_hist.R_factor_all                     ? 
_refine_hist.R_factor_obs                     ? 
_refine_hist.R_factor_R_free                  ? 
_refine_hist.R_factor_R_work                  ? 
_refine_hist.pdbx_number_residues_total       42 
_refine_hist.pdbx_B_iso_mean_ligand           ? 
_refine_hist.pdbx_B_iso_mean_solvent          ? 
_refine_hist.pdbx_number_atoms_protein        0 
_refine_hist.pdbx_number_atoms_nucleic_acid   855 
_refine_hist.pdbx_number_atoms_ligand         0 
_refine_hist.pdbx_number_atoms_lipid          ? 
_refine_hist.pdbx_number_atoms_carb           ? 
_refine_hist.pdbx_pseudo_atom_details         ? 
# 
loop_
_refine_ls_restr.pdbx_refine_id 
_refine_ls_restr.criterion 
_refine_ls_restr.dev_ideal 
_refine_ls_restr.dev_ideal_target 
_refine_ls_restr.number 
_refine_ls_restr.rejects 
_refine_ls_restr.type 
_refine_ls_restr.weight 
_refine_ls_restr.pdbx_restraint_function 
'X-RAY DIFFRACTION' ? 0.011 0.011 956  ? r_bond_refined_d     ? ? 
'X-RAY DIFFRACTION' ? 0.005 0.020 472  ? r_bond_other_d       ? ? 
'X-RAY DIFFRACTION' ? 1.843 1.170 1467 ? r_angle_refined_deg  ? ? 
'X-RAY DIFFRACTION' ? 1.963 3.000 1118 ? r_angle_other_deg    ? ? 
'X-RAY DIFFRACTION' ? 0.090 0.200 126  ? r_chiral_restr       ? ? 
'X-RAY DIFFRACTION' ? 0.016 0.020 507  ? r_gen_planes_refined ? ? 
'X-RAY DIFFRACTION' ? 0.003 0.020 218  ? r_gen_planes_other   ? ? 
# 
_refine_ls_shell.pdbx_refine_id                   'X-RAY DIFFRACTION' 
_refine_ls_shell.d_res_high                       2.8500 
_refine_ls_shell.d_res_low                        2.9240 
_refine_ls_shell.number_reflns_all                305 
_refine_ls_shell.number_reflns_obs                ? 
_refine_ls_shell.number_reflns_R_free             11 
_refine_ls_shell.number_reflns_R_work             294 
_refine_ls_shell.percent_reflns_obs               100.0000 
_refine_ls_shell.percent_reflns_R_free            ? 
_refine_ls_shell.R_factor_all                     ? 
_refine_ls_shell.R_factor_obs                     ? 
_refine_ls_shell.R_factor_R_free                  0.5430 
_refine_ls_shell.R_factor_R_free_error            0.0000 
_refine_ls_shell.R_factor_R_work                  0.3420 
_refine_ls_shell.redundancy_reflns_all            ? 
_refine_ls_shell.redundancy_reflns_obs            ? 
_refine_ls_shell.wR_factor_all                    ? 
_refine_ls_shell.wR_factor_obs                    ? 
_refine_ls_shell.wR_factor_R_free                 ? 
_refine_ls_shell.wR_factor_R_work                 ? 
_refine_ls_shell.pdbx_R_complete                  ? 
_refine_ls_shell.pdbx_total_number_of_bins_used   20 
_refine_ls_shell.pdbx_phase_error                 ? 
_refine_ls_shell.pdbx_fsc_work                    ? 
_refine_ls_shell.pdbx_fsc_free                    ? 
# 
_struct.entry_id                     6XEK 
_struct.title                        
'Self-assembly of a 3D DNA crystal lattice (4x5 junction version) containing the J14 immobile Holliday junction' 
_struct.pdbx_model_details           ? 
_struct.pdbx_formula_weight          ? 
_struct.pdbx_formula_weight_method   ? 
_struct.pdbx_model_type_details      ? 
_struct.pdbx_CASP_flag               N 
# 
_struct_keywords.entry_id        6XEK 
_struct_keywords.text            
'Structural DNA nanotechnology, immobile Holliday junctions, 3D DNA self-assembly, designer DNA crystals, DNA' 
_struct_keywords.pdbx_keywords   DNA 
# 
loop_
_struct_asym.id 
_struct_asym.pdbx_blank_PDB_chainid_flag 
_struct_asym.pdbx_modified 
_struct_asym.entity_id 
_struct_asym.details 
A N N 1 ? 
B N N 2 ? 
C N N 3 ? 
D N N 4 ? 
# 
loop_
_struct_conn.id 
_struct_conn.conn_type_id 
_struct_conn.pdbx_leaving_atom_flag 
_struct_conn.pdbx_PDB_id 
_struct_conn.ptnr1_label_asym_id 
_struct_conn.ptnr1_label_comp_id 
_struct_conn.ptnr1_label_seq_id 
_struct_conn.ptnr1_label_atom_id 
_struct_conn.pdbx_ptnr1_label_alt_id 
_struct_conn.pdbx_ptnr1_PDB_ins_code 
_struct_conn.pdbx_ptnr1_standard_comp_id 
_struct_conn.ptnr1_symmetry 
_struct_conn.ptnr2_label_asym_id 
_struct_conn.ptnr2_label_comp_id 
_struct_conn.ptnr2_label_seq_id 
_struct_conn.ptnr2_label_atom_id 
_struct_conn.pdbx_ptnr2_label_alt_id 
_struct_conn.pdbx_ptnr2_PDB_ins_code 
_struct_conn.ptnr1_auth_asym_id 
_struct_conn.ptnr1_auth_comp_id 
_struct_conn.ptnr1_auth_seq_id 
_struct_conn.ptnr2_auth_asym_id 
_struct_conn.ptnr2_auth_comp_id 
_struct_conn.ptnr2_auth_seq_id 
_struct_conn.ptnr2_symmetry 
_struct_conn.pdbx_ptnr3_label_atom_id 
_struct_conn.pdbx_ptnr3_label_seq_id 
_struct_conn.pdbx_ptnr3_label_comp_id 
_struct_conn.pdbx_ptnr3_label_asym_id 
_struct_conn.pdbx_ptnr3_label_alt_id 
_struct_conn.pdbx_ptnr3_PDB_ins_code 
_struct_conn.details 
_struct_conn.pdbx_dist_value 
_struct_conn.pdbx_value_order 
_struct_conn.pdbx_role 
hydrog1  hydrog ? ? A DC 4  N3 ? ? ? 1_555 D DG 15 N1 ? ? A DC 4  D DG 15 1_555 ? ? ? ? ? ? WATSON-CRICK ? ? ? 
hydrog2  hydrog ? ? A DC 4  N4 ? ? ? 1_555 D DG 15 O6 ? ? A DC 4  D DG 15 1_555 ? ? ? ? ? ? WATSON-CRICK ? ? ? 
hydrog3  hydrog ? ? A DC 4  O2 ? ? ? 1_555 D DG 15 N2 ? ? A DC 4  D DG 15 1_555 ? ? ? ? ? ? WATSON-CRICK ? ? ? 
hydrog4  hydrog ? ? A DA 5  N1 ? ? ? 1_555 D DT 14 N3 ? ? A DA 5  D DT 14 1_555 ? ? ? ? ? ? 'DA-DT PAIR' ? ? ? 
hydrog5  hydrog ? ? A DG 6  N1 ? ? ? 1_555 D DC 13 N3 ? ? A DG 6  D DC 13 1_555 ? ? ? ? ? ? WATSON-CRICK ? ? ? 
hydrog6  hydrog ? ? A DG 6  N2 ? ? ? 1_555 D DC 13 O2 ? ? A DG 6  D DC 13 1_555 ? ? ? ? ? ? WATSON-CRICK ? ? ? 
hydrog7  hydrog ? ? A DG 6  O6 ? ? ? 1_555 D DC 13 N4 ? ? A DG 6  D DC 13 1_555 ? ? ? ? ? ? WATSON-CRICK ? ? ? 
hydrog8  hydrog ? ? A DA 7  N1 ? ? ? 1_555 D DT 12 N3 ? ? A DA 7  D DT 12 1_555 ? ? ? ? ? ? WATSON-CRICK ? ? ? 
hydrog9  hydrog ? ? A DA 7  N6 ? ? ? 1_555 D DT 12 O4 ? ? A DA 7  D DT 12 1_555 ? ? ? ? ? ? WATSON-CRICK ? ? ? 
hydrog10 hydrog ? ? A DC 8  N3 ? ? ? 1_555 D DG 11 N1 ? ? A DC 8  D DG 11 1_555 ? ? ? ? ? ? WATSON-CRICK ? ? ? 
hydrog11 hydrog ? ? A DC 8  N4 ? ? ? 1_555 D DG 11 O6 ? ? A DC 8  D DG 11 1_555 ? ? ? ? ? ? WATSON-CRICK ? ? ? 
hydrog12 hydrog ? ? A DC 8  O2 ? ? ? 1_555 D DG 11 N2 ? ? A DC 8  D DG 11 1_555 ? ? ? ? ? ? WATSON-CRICK ? ? ? 
hydrog13 hydrog ? ? A DG 9  N1 ? ? ? 1_555 D DC 10 N3 ? ? A DG 9  D DC 10 1_555 ? ? ? ? ? ? WATSON-CRICK ? ? ? 
hydrog14 hydrog ? ? A DG 9  N2 ? ? ? 1_555 D DC 10 O2 ? ? A DG 9  D DC 10 1_555 ? ? ? ? ? ? WATSON-CRICK ? ? ? 
hydrog15 hydrog ? ? A DG 9  O6 ? ? ? 1_555 D DC 10 N4 ? ? A DG 9  D DC 10 1_555 ? ? ? ? ? ? WATSON-CRICK ? ? ? 
hydrog16 hydrog ? ? A DA 10 N1 ? ? ? 1_555 C DT 2  N3 ? ? A DA 10 C DT 2  1_555 ? ? ? ? ? ? WATSON-CRICK ? ? ? 
hydrog17 hydrog ? ? A DA 10 N6 ? ? ? 1_555 C DT 2  O4 ? ? A DA 10 C DT 2  1_555 ? ? ? ? ? ? WATSON-CRICK ? ? ? 
hydrog18 hydrog ? ? A DG 11 N1 ? ? ? 1_555 C DC 1  N3 ? ? A DG 11 C DC 1  1_555 ? ? ? ? ? ? WATSON-CRICK ? ? ? 
hydrog19 hydrog ? ? A DG 11 N2 ? ? ? 1_555 C DC 1  O2 ? ? A DG 11 C DC 1  1_555 ? ? ? ? ? ? WATSON-CRICK ? ? ? 
hydrog20 hydrog ? ? A DG 11 O6 ? ? ? 1_555 C DC 1  N4 ? ? A DG 11 C DC 1  1_555 ? ? ? ? ? ? WATSON-CRICK ? ? ? 
hydrog21 hydrog ? ? B DA 1  N1 ? ? ? 1_555 C DT 5  N3 ? ? B DA 12 C DT 5  1_555 ? ? ? ? ? ? WATSON-CRICK ? ? ? 
hydrog22 hydrog ? ? B DA 1  N6 ? ? ? 1_555 C DT 5  O4 ? ? B DA 12 C DT 5  1_555 ? ? ? ? ? ? WATSON-CRICK ? ? ? 
hydrog23 hydrog ? ? B DC 2  N3 ? ? ? 1_555 C DG 4  N1 ? ? B DC 13 C DG 4  1_555 ? ? ? ? ? ? WATSON-CRICK ? ? ? 
hydrog24 hydrog ? ? B DC 2  N4 ? ? ? 1_555 C DG 4  O6 ? ? B DC 13 C DG 4  1_555 ? ? ? ? ? ? WATSON-CRICK ? ? ? 
hydrog25 hydrog ? ? B DC 2  O2 ? ? ? 1_555 C DG 4  N2 ? ? B DC 13 C DG 4  1_555 ? ? ? ? ? ? WATSON-CRICK ? ? ? 
hydrog26 hydrog ? ? B DC 3  N3 ? ? ? 1_555 C DG 3  N1 ? ? B DC 14 C DG 3  1_555 ? ? ? ? ? ? WATSON-CRICK ? ? ? 
hydrog27 hydrog ? ? B DC 3  N4 ? ? ? 1_555 C DG 3  O6 ? ? B DC 14 C DG 3  1_555 ? ? ? ? ? ? WATSON-CRICK ? ? ? 
hydrog28 hydrog ? ? B DC 3  O2 ? ? ? 1_555 C DG 3  N2 ? ? B DC 14 C DG 3  1_555 ? ? ? ? ? ? WATSON-CRICK ? ? ? 
hydrog29 hydrog ? ? B DC 4  N3 ? ? ? 1_555 D DG 9  N1 ? ? B DC 15 D DG 9  1_555 ? ? ? ? ? ? WATSON-CRICK ? ? ? 
hydrog30 hydrog ? ? B DC 4  N4 ? ? ? 1_555 D DG 9  O6 ? ? B DC 15 D DG 9  1_555 ? ? ? ? ? ? WATSON-CRICK ? ? ? 
hydrog31 hydrog ? ? B DC 4  O2 ? ? ? 1_555 D DG 9  N2 ? ? B DC 15 D DG 9  1_555 ? ? ? ? ? ? WATSON-CRICK ? ? ? 
hydrog32 hydrog ? ? B DC 5  N3 ? ? ? 1_555 D DG 8  N1 ? ? B DC 16 D DG 8  1_555 ? ? ? ? ? ? WATSON-CRICK ? ? ? 
hydrog33 hydrog ? ? B DC 5  N4 ? ? ? 1_555 D DG 8  O6 ? ? B DC 16 D DG 8  1_555 ? ? ? ? ? ? WATSON-CRICK ? ? ? 
hydrog34 hydrog ? ? B DC 5  O2 ? ? ? 1_555 D DG 8  N2 ? ? B DC 16 D DG 8  1_555 ? ? ? ? ? ? WATSON-CRICK ? ? ? 
hydrog35 hydrog ? ? B DA 6  N1 ? ? ? 1_555 D DT 7  N3 ? ? B DA 17 D DT 7  1_555 ? ? ? ? ? ? WATSON-CRICK ? ? ? 
hydrog36 hydrog ? ? B DA 6  N6 ? ? ? 1_555 D DT 7  O4 ? ? B DA 17 D DT 7  1_555 ? ? ? ? ? ? WATSON-CRICK ? ? ? 
hydrog37 hydrog ? ? B DC 7  N3 ? ? ? 1_555 D DG 6  N1 ? ? B DC 18 D DG 6  1_555 ? ? ? ? ? ? WATSON-CRICK ? ? ? 
hydrog38 hydrog ? ? B DC 7  N4 ? ? ? 1_555 D DG 6  O6 ? ? B DC 18 D DG 6  1_555 ? ? ? ? ? ? WATSON-CRICK ? ? ? 
hydrog39 hydrog ? ? B DC 7  O2 ? ? ? 1_555 D DG 6  N2 ? ? B DC 18 D DG 6  1_555 ? ? ? ? ? ? WATSON-CRICK ? ? ? 
hydrog40 hydrog ? ? B DT 8  N3 ? ? ? 1_555 D DA 5  N1 ? ? B DT 19 D DA 5  1_555 ? ? ? ? ? ? WATSON-CRICK ? ? ? 
hydrog41 hydrog ? ? B DT 8  O4 ? ? ? 1_555 D DA 5  N6 ? ? B DT 19 D DA 5  1_555 ? ? ? ? ? ? WATSON-CRICK ? ? ? 
hydrog42 hydrog ? ? B DC 9  O2 ? ? ? 1_555 D DG 4  N2 ? ? B DC 20 D DG 4  1_555 ? ? ? ? ? ? 'DC-DG PAIR' ? ? ? 
hydrog43 hydrog ? ? B DA 10 N1 ? ? ? 1_555 D DT 3  N3 ? ? B DA 21 D DT 3  1_555 ? ? ? ? ? ? WATSON-CRICK ? ? ? 
hydrog44 hydrog ? ? B DA 10 N6 ? ? ? 1_555 D DT 3  O4 ? ? B DA 21 D DT 3  1_555 ? ? ? ? ? ? WATSON-CRICK ? ? ? 
# 
_struct_conn_type.id          hydrog 
_struct_conn_type.criteria    ? 
_struct_conn_type.reference   ? 
# 
_atom_sites.entry_id                    6XEK 
_atom_sites.Cartn_transf_matrix[1][1]   ? 
_atom_sites.Cartn_transf_matrix[1][2]   ? 
_atom_sites.Cartn_transf_matrix[1][3]   ? 
_atom_sites.Cartn_transf_matrix[2][1]   ? 
_atom_sites.Cartn_transf_matrix[2][2]   ? 
_atom_sites.Cartn_transf_matrix[2][3]   ? 
_atom_sites.Cartn_transf_matrix[3][1]   ? 
_atom_sites.Cartn_transf_matrix[3][2]   ? 
_atom_sites.Cartn_transf_matrix[3][3]   ? 
_atom_sites.Cartn_transf_vector[1]      ? 
_atom_sites.Cartn_transf_vector[2]      ? 
_atom_sites.Cartn_transf_vector[3]      ? 
_atom_sites.fract_transf_matrix[1][1]   0.00641602 
_atom_sites.fract_transf_matrix[1][2]   -0.01173964 
_atom_sites.fract_transf_matrix[1][3]   -0.01009066 
_atom_sites.fract_transf_matrix[2][1]   -0.00959400 
_atom_sites.fract_transf_matrix[2][2]   -0.01270084 
_atom_sites.fract_transf_matrix[2][3]   -0.00523839 
_atom_sites.fract_transf_matrix[3][1]   -0.00441491 
_atom_sites.fract_transf_matrix[3][2]   0.00863733 
_atom_sites.fract_transf_matrix[3][3]   -0.01285598 
_atom_sites.fract_transf_vector[1]      0.202637 
_atom_sites.fract_transf_vector[2]      0.381444 
_atom_sites.fract_transf_vector[3]      0.155063 
_atom_sites.solution_primary            ? 
_atom_sites.solution_secondary          ? 
_atom_sites.solution_hydrogens          ? 
_atom_sites.special_details             ? 
# 
loop_
_atom_type.symbol 
AS 
C  
N  
O  
P  
# 
loop_
_atom_site.group_PDB 
_atom_site.id 
_atom_site.type_symbol 
_atom_site.label_atom_id 
_atom_site.label_alt_id 
_atom_site.label_comp_id 
_atom_site.label_asym_id 
_atom_site.label_entity_id 
_atom_site.label_seq_id 
_atom_site.pdbx_PDB_ins_code 
_atom_site.Cartn_x 
_atom_site.Cartn_y 
_atom_site.Cartn_z 
_atom_site.occupancy 
_atom_site.B_iso_or_equiv 
_atom_site.pdbx_formal_charge 
_atom_site.auth_seq_id 
_atom_site.auth_comp_id 
_atom_site.auth_asym_id 
_atom_site.auth_atom_id 
_atom_site.pdbx_PDB_model_num 
ATOM 1   O "O5'" . DG A 1 1  ? 18.178  8.583   -18.763 1.00 121.40 ? 1  DG A "O5'" 1 
ATOM 2   C "C5'" . DG A 1 1  ? 19.421  9.068   -18.224 1.00 121.43 ? 1  DG A "C5'" 1 
ATOM 3   C "C4'" . DG A 1 1  ? 19.368  9.066   -16.715 1.00 125.47 ? 1  DG A "C4'" 1 
ATOM 4   O "O4'" . DG A 1 1  ? 19.065  10.385  -16.217 1.00 114.19 ? 1  DG A "O4'" 1 
ATOM 5   C "C3'" . DG A 1 1  ? 18.316  8.131   -16.113 1.00 133.48 ? 1  DG A "C3'" 1 
ATOM 6   O "O3'" . DG A 1 1  ? 19.008  7.019   -15.542 1.00 153.93 ? 1  DG A "O3'" 1 
ATOM 7   C "C2'" . DG A 1 1  ? 17.545  8.999   -15.126 1.00 129.70 ? 1  DG A "C2'" 1 
ATOM 8   C "C1'" . DG A 1 1  ? 18.371  10.263  -14.990 1.00 105.64 ? 1  DG A "C1'" 1 
ATOM 9   N N9    . DG A 1 1  ? 17.605  11.490  -14.803 1.00 91.27  ? 1  DG A N9    1 
ATOM 10  C C8    . DG A 1 1  ? 17.050  12.259  -15.800 1.00 88.01  ? 1  DG A C8    1 
ATOM 11  N N7    . DG A 1 1  ? 16.460  13.334  -15.349 1.00 91.48  ? 1  DG A N7    1 
ATOM 12  C C5    . DG A 1 1  ? 16.641  13.276  -13.974 1.00 79.12  ? 1  DG A C5    1 
ATOM 13  C C6    . DG A 1 1  ? 16.210  14.163  -12.954 1.00 75.75  ? 1  DG A C6    1 
ATOM 14  O O6    . DG A 1 1  ? 15.567  15.213  -13.069 1.00 77.47  ? 1  DG A O6    1 
ATOM 15  N N1    . DG A 1 1  ? 16.585  13.716  -11.691 1.00 74.17  ? 1  DG A N1    1 
ATOM 16  C C2    . DG A 1 1  ? 17.297  12.566  -11.442 1.00 89.60  ? 1  DG A C2    1 
ATOM 17  N N2    . DG A 1 1  ? 17.563  12.310  -10.155 1.00 93.80  ? 1  DG A N2    1 
ATOM 18  N N3    . DG A 1 1  ? 17.703  11.725  -12.387 1.00 77.03  ? 1  DG A N3    1 
ATOM 19  C C4    . DG A 1 1  ? 17.347  12.142  -13.620 1.00 79.66  ? 1  DG A C4    1 
ATOM 20  P P     . DA A 1 2  ? 18.208  5.732   -15.070 1.00 152.66 ? 2  DA A P     1 
ATOM 21  O OP1   . DA A 1 2  ? 19.182  4.613   -14.899 1.00 142.39 ? 2  DA A OP1   1 
ATOM 22  O OP2   . DA A 1 2  ? 17.020  5.576   -15.952 1.00 149.45 ? 2  DA A OP2   1 
ATOM 23  O "O5'" . DA A 1 2  ? 17.736  6.153   -13.617 1.00 119.75 ? 2  DA A "O5'" 1 
ATOM 24  C "C5'" . DA A 1 2  ? 18.711  6.571   -12.664 1.00 110.61 ? 2  DA A "C5'" 1 
ATOM 25  C "C4'" . DA A 1 2  ? 17.982  7.119   -11.467 1.00 107.64 ? 2  DA A "C4'" 1 
ATOM 26  O "O4'" . DA A 1 2  ? 17.323  8.352   -11.827 1.00 96.64  ? 2  DA A "O4'" 1 
ATOM 27  C "C3'" . DA A 1 2  ? 16.875  6.196   -10.957 1.00 115.01 ? 2  DA A "C3'" 1 
ATOM 28  O "O3'" . DA A 1 2  ? 16.938  6.137   -9.531  1.00 127.99 ? 2  DA A "O3'" 1 
ATOM 29  C "C2'" . DA A 1 2  ? 15.604  6.897   -11.401 1.00 106.63 ? 2  DA A "C2'" 1 
ATOM 30  C "C1'" . DA A 1 2  ? 16.038  8.329   -11.249 1.00 95.60  ? 2  DA A "C1'" 1 
ATOM 31  N N9    . DA A 1 2  ? 15.219  9.310   -11.944 1.00 88.45  ? 2  DA A N9    1 
ATOM 32  C C8    . DA A 1 2  ? 14.909  9.314   -13.281 1.00 89.84  ? 2  DA A C8    1 
ATOM 33  N N7    . DA A 1 2  ? 14.173  10.335  -13.649 1.00 92.29  ? 2  DA A N7    1 
ATOM 34  C C5    . DA A 1 2  ? 13.989  11.055  -12.475 1.00 78.28  ? 2  DA A C5    1 
ATOM 35  C C6    . DA A 1 2  ? 13.306  12.258  -12.198 1.00 86.17  ? 2  DA A C6    1 
ATOM 36  N N6    . DA A 1 2  ? 12.646  12.958  -13.124 1.00 100.13 ? 2  DA A N6    1 
ATOM 37  N N1    . DA A 1 2  ? 13.303  12.705  -10.918 1.00 78.87  ? 2  DA A N1    1 
ATOM 38  C C2    . DA A 1 2  ? 13.963  11.994  -9.994  1.00 83.81  ? 2  DA A C2    1 
ATOM 39  N N3    . DA A 1 2  ? 14.657  10.856  -10.139 1.00 81.99  ? 2  DA A N3    1 
ATOM 40  C C4    . DA A 1 2  ? 14.625  10.434  -11.416 1.00 73.32  ? 2  DA A C4    1 
ATOM 41  P P     . DG A 1 3  ? 16.096  5.047   -8.731  1.00 120.58 ? 3  DG A P     1 
ATOM 42  O OP1   . DG A 1 3  ? 17.012  4.427   -7.751  1.00 116.65 ? 3  DG A OP1   1 
ATOM 43  O OP2   . DG A 1 3  ? 15.369  4.191   -9.709  1.00 119.47 ? 3  DG A OP2   1 
ATOM 44  O "O5'" . DG A 1 3  ? 15.041  5.932   -7.935  1.00 96.73  ? 3  DG A "O5'" 1 
ATOM 45  C "C5'" . DG A 1 3  ? 15.514  6.825   -6.923  1.00 100.72 ? 3  DG A "C5'" 1 
ATOM 46  C "C4'" . DG A 1 3  ? 14.368  7.674   -6.436  1.00 102.99 ? 3  DG A "C4'" 1 
ATOM 47  O "O4'" . DG A 1 3  ? 13.860  8.452   -7.545  1.00 111.44 ? 3  DG A "O4'" 1 
ATOM 48  C "C3'" . DG A 1 3  ? 13.187  6.861   -5.900  1.00 120.20 ? 3  DG A "C3'" 1 
ATOM 49  O "O3'" . DG A 1 3  ? 12.927  7.240   -4.542  1.00 126.98 ? 3  DG A "O3'" 1 
ATOM 50  C "C2'" . DG A 1 3  ? 12.057  7.146   -6.885  1.00 133.74 ? 3  DG A "C2'" 1 
ATOM 51  C "C1'" . DG A 1 3  ? 12.443  8.487   -7.495  1.00 117.35 ? 3  DG A "C1'" 1 
ATOM 52  N N9    . DG A 1 3  ? 11.942  8.774   -8.850  1.00 120.64 ? 3  DG A N9    1 
ATOM 53  C C8    . DG A 1 3  ? 12.172  8.027   -9.984  1.00 122.64 ? 3  DG A C8    1 
ATOM 54  N N7    . DG A 1 3  ? 11.622  8.534   -11.055 1.00 111.47 ? 3  DG A N7    1 
ATOM 55  C C5    . DG A 1 3  ? 10.993  9.690   -10.609 1.00 100.89 ? 3  DG A C5    1 
ATOM 56  C C6    . DG A 1 3  ? 10.237  10.661  -11.323 1.00 104.80 ? 3  DG A C6    1 
ATOM 57  O O6    . DG A 1 3  ? 9.966   10.693  -12.528 1.00 110.51 ? 3  DG A O6    1 
ATOM 58  N N1    . DG A 1 3  ? 9.785   11.678  -10.483 1.00 100.92 ? 3  DG A N1    1 
ATOM 59  C C2    . DG A 1 3  ? 10.029  11.754  -9.133  1.00 97.18  ? 3  DG A C2    1 
ATOM 60  N N2    . DG A 1 3  ? 9.496   12.813  -8.495  1.00 97.03  ? 3  DG A N2    1 
ATOM 61  N N3    . DG A 1 3  ? 10.726  10.852  -8.454  1.00 94.11  ? 3  DG A N3    1 
ATOM 62  C C4    . DG A 1 3  ? 11.183  9.858   -9.251  1.00 105.06 ? 3  DG A C4    1 
ATOM 63  P P     . DC A 1 4  ? 12.009  6.324   -3.608  1.00 133.40 ? 4  DC A P     1 
ATOM 64  O OP1   . DC A 1 4  ? 12.813  5.919   -2.421  1.00 129.44 ? 4  DC A OP1   1 
ATOM 65  O OP2   . DC A 1 4  ? 11.397  5.275   -4.467  1.00 121.48 ? 4  DC A OP2   1 
ATOM 66  O "O5'" . DC A 1 4  ? 10.864  7.328   -3.126  1.00 128.04 ? 4  DC A "O5'" 1 
ATOM 67  C "C5'" . DC A 1 4  ? 10.731  8.649   -3.695  1.00 115.61 ? 4  DC A "C5'" 1 
ATOM 68  C "C4'" . DC A 1 4  ? 9.335   9.218   -3.568  1.00 120.61 ? 4  DC A "C4'" 1 
ATOM 69  O "O4'" . DC A 1 4  ? 8.916   9.751   -4.855  1.00 130.23 ? 4  DC A "O4'" 1 
ATOM 70  C "C3'" . DC A 1 4  ? 8.208   8.283   -3.122  1.00 123.55 ? 4  DC A "C3'" 1 
ATOM 71  O "O3'" . DC A 1 4  ? 7.335   9.030   -2.271  1.00 135.24 ? 4  DC A "O3'" 1 
ATOM 72  C "C2'" . DC A 1 4  ? 7.528   7.907   -4.427  1.00 118.47 ? 4  DC A "C2'" 1 
ATOM 73  C "C1'" . DC A 1 4  ? 7.672   9.180   -5.259  1.00 123.41 ? 4  DC A "C1'" 1 
ATOM 74  N N1    . DC A 1 4  ? 7.690   9.019   -6.747  1.00 112.59 ? 4  DC A N1    1 
ATOM 75  C C2    . DC A 1 4  ? 7.100   10.008  -7.566  1.00 103.55 ? 4  DC A C2    1 
ATOM 76  O O2    . DC A 1 4  ? 6.569   10.997  -7.036  1.00 106.59 ? 4  DC A O2    1 
ATOM 77  N N3    . DC A 1 4  ? 7.140   9.858   -8.914  1.00 76.92  ? 4  DC A N3    1 
ATOM 78  C C4    . DC A 1 4  ? 7.716   8.777   -9.449  1.00 89.92  ? 4  DC A C4    1 
ATOM 79  N N4    . DC A 1 4  ? 7.726   8.665   -10.777 1.00 97.35  ? 4  DC A N4    1 
ATOM 80  C C5    . DC A 1 4  ? 8.312   7.761   -8.645  1.00 91.45  ? 4  DC A C5    1 
ATOM 81  C C6    . DC A 1 4  ? 8.280   7.921   -7.314  1.00 103.71 ? 4  DC A C6    1 
ATOM 82  P P     . DA A 1 5  ? 6.112   8.328   -1.516  1.00 156.37 ? 5  DA A P     1 
ATOM 83  O OP1   . DA A 1 5  ? 6.263   8.592   -0.054  1.00 150.21 ? 5  DA A OP1   1 
ATOM 84  O OP2   . DA A 1 5  ? 5.998   6.928   -2.004  1.00 144.98 ? 5  DA A OP2   1 
ATOM 85  O "O5'" . DA A 1 5  ? 4.856   9.144   -2.059  1.00 150.89 ? 5  DA A "O5'" 1 
ATOM 86  C "C5'" . DA A 1 5  ? 4.396   10.347  -1.403  1.00 140.59 ? 5  DA A "C5'" 1 
ATOM 87  C "C4'" . DA A 1 5  ? 3.202   10.927  -2.125  1.00 130.77 ? 5  DA A "C4'" 1 
ATOM 88  O "O4'" . DA A 1 5  ? 3.342   10.720  -3.552  1.00 121.03 ? 5  DA A "O4'" 1 
ATOM 89  C "C3'" . DA A 1 5  ? 1.870   10.276  -1.775  1.00 117.77 ? 5  DA A "C3'" 1 
ATOM 90  O "O3'" . DA A 1 5  ? 0.875   11.205  -2.200  1.00 112.92 ? 5  DA A "O3'" 1 
ATOM 91  C "C2'" . DA A 1 5  ? 1.893   9.061   -2.676  1.00 123.05 ? 5  DA A "C2'" 1 
ATOM 92  C "C1'" . DA A 1 5  ? 2.455   9.680   -3.960  1.00 116.84 ? 5  DA A "C1'" 1 
ATOM 93  N N9    . DA A 1 5  ? 3.186   8.772   -4.851  1.00 102.88 ? 5  DA A N9    1 
ATOM 94  C C8    . DA A 1 5  ? 3.803   7.579   -4.555  1.00 94.79  ? 5  DA A C8    1 
ATOM 95  N N7    . DA A 1 5  ? 4.322   6.980   -5.602  1.00 103.07 ? 5  DA A N7    1 
ATOM 96  C C5    . DA A 1 5  ? 4.036   7.839   -6.657  1.00 92.04  ? 5  DA A C5    1 
ATOM 97  C C6    . DA A 1 5  ? 4.331   7.784   -8.034  1.00 93.99  ? 5  DA A C6    1 
ATOM 98  N N6    . DA A 1 5  ? 5.016   6.792   -8.606  1.00 108.06 ? 5  DA A N6    1 
ATOM 99  N N1    . DA A 1 5  ? 3.865   8.782   -8.819  1.00 97.87  ? 5  DA A N1    1 
ATOM 100 C C2    . DA A 1 5  ? 3.190   9.788   -8.243  1.00 106.50 ? 5  DA A C2    1 
ATOM 101 N N3    . DA A 1 5  ? 2.869   9.962   -6.958  1.00 98.48  ? 5  DA A N3    1 
ATOM 102 C C4    . DA A 1 5  ? 3.327   8.942   -6.210  1.00 99.24  ? 5  DA A C4    1 
ATOM 103 P P     . DG A 1 6  ? -0.660  10.953  -1.903  1.00 129.56 ? 6  DG A P     1 
ATOM 104 O OP1   . DG A 1 6  ? -0.887  11.142  -0.448  1.00 121.69 ? 6  DG A OP1   1 
ATOM 105 O OP2   . DG A 1 6  ? -1.068  9.681   -2.554  1.00 129.53 ? 6  DG A OP2   1 
ATOM 106 O "O5'" . DG A 1 6  ? -1.371  12.141  -2.695  1.00 138.32 ? 6  DG A "O5'" 1 
ATOM 107 C "C5'" . DG A 1 6  ? -0.943  12.552  -4.016  1.00 127.07 ? 6  DG A "C5'" 1 
ATOM 108 C "C4'" . DG A 1 6  ? -1.616  11.763  -5.120  1.00 124.22 ? 6  DG A "C4'" 1 
ATOM 109 O "O4'" . DG A 1 6  ? -0.702  10.811  -5.698  1.00 124.79 ? 6  DG A "O4'" 1 
ATOM 110 C "C3'" . DG A 1 6  ? -2.874  10.968  -4.759  1.00 115.22 ? 6  DG A "C3'" 1 
ATOM 111 O "O3'" . DG A 1 6  ? -3.971  11.739  -5.242  1.00 130.97 ? 6  DG A "O3'" 1 
ATOM 112 C "C2'" . DG A 1 6  ? -2.691  9.623   -5.452  1.00 105.87 ? 6  DG A "C2'" 1 
ATOM 113 C "C1'" . DG A 1 6  ? -1.450  9.790   -6.317  1.00 101.06 ? 6  DG A "C1'" 1 
ATOM 114 N N9    . DG A 1 6  ? -0.584  8.617   -6.423  1.00 92.39  ? 6  DG A N9    1 
ATOM 115 C C8    . DG A 1 6  ? -0.145  7.822   -5.391  1.00 99.61  ? 6  DG A C8    1 
ATOM 116 N N7    . DG A 1 6  ? 0.664   6.873   -5.781  1.00 94.26  ? 6  DG A N7    1 
ATOM 117 C C5    . DG A 1 6  ? 0.773   7.056   -7.154  1.00 81.30  ? 6  DG A C5    1 
ATOM 118 C C6    . DG A 1 6  ? 1.507   6.317   -8.129  1.00 85.03  ? 6  DG A C6    1 
ATOM 119 O O6    . DG A 1 6  ? 2.235   5.326   -7.965  1.00 93.70  ? 6  DG A O6    1 
ATOM 120 N N1    . DG A 1 6  ? 1.335   6.843   -9.405  1.00 80.21  ? 6  DG A N1    1 
ATOM 121 C C2    . DG A 1 6  ? 0.558   7.937   -9.709  1.00 93.21  ? 6  DG A C2    1 
ATOM 122 N N2    . DG A 1 6  ? 0.528   8.297   -11.000 1.00 87.67  ? 6  DG A N2    1 
ATOM 123 N N3    . DG A 1 6  ? -0.134  8.631   -8.812  1.00 84.22  ? 6  DG A N3    1 
ATOM 124 C C4    . DG A 1 6  ? 0.025   8.142   -7.564  1.00 84.51  ? 6  DG A C4    1 
ATOM 125 P P     . DA A 1 7  ? -5.449  11.156  -5.225  1.00 158.17 ? 7  DA A P     1 
ATOM 126 O OP1   . DA A 1 7  ? -6.384  12.287  -4.976  1.00 146.68 ? 7  DA A OP1   1 
ATOM 127 O OP2   . DA A 1 7  ? -5.467  9.956   -4.345  1.00 143.76 ? 7  DA A OP2   1 
ATOM 128 O "O5'" . DA A 1 7  ? -5.655  10.707  -6.736  1.00 126.04 ? 7  DA A "O5'" 1 
ATOM 129 C "C5'" . DA A 1 7  ? -5.396  11.637  -7.795  1.00 111.16 ? 7  DA A "C5'" 1 
ATOM 130 C "C4'" . DA A 1 7  ? -5.070  10.887  -9.061  1.00 107.18 ? 7  DA A "C4'" 1 
ATOM 131 O "O4'" . DA A 1 7  ? -3.993  9.941   -8.830  1.00 106.31 ? 7  DA A "O4'" 1 
ATOM 132 C "C3'" . DA A 1 7  ? -6.244  10.071  -9.612  1.00 106.84 ? 7  DA A "C3'" 1 
ATOM 133 O "O3'" . DA A 1 7  ? -6.673  10.668  -10.847 1.00 108.60 ? 7  DA A "O3'" 1 
ATOM 134 C "C2'" . DA A 1 7  ? -5.697  8.647   -9.682  1.00 109.67 ? 7  DA A "C2'" 1 
ATOM 135 C "C1'" . DA A 1 7  ? -4.197  8.848   -9.706  1.00 100.96 ? 7  DA A "C1'" 1 
ATOM 136 N N9    . DA A 1 7  ? -3.408  7.714   -9.215  1.00 91.07  ? 7  DA A N9    1 
ATOM 137 C C8    . DA A 1 7  ? -3.268  7.289   -7.918  1.00 99.04  ? 7  DA A C8    1 
ATOM 138 N N7    . DA A 1 7  ? -2.477  6.248   -7.784  1.00 93.46  ? 7  DA A N7    1 
ATOM 139 C C5    . DA A 1 7  ? -2.081  5.959   -9.084  1.00 73.89  ? 7  DA A C5    1 
ATOM 140 C C6    . DA A 1 7  ? -1.242  4.961   -9.624  1.00 85.28  ? 7  DA A C6    1 
ATOM 141 N N6    . DA A 1 7  ? -0.624  4.027   -8.893  1.00 86.91  ? 7  DA A N6    1 
ATOM 142 N N1    . DA A 1 7  ? -1.056  4.953   -10.961 1.00 79.64  ? 7  DA A N1    1 
ATOM 143 C C2    . DA A 1 7  ? -1.663  5.891   -11.695 1.00 83.26  ? 7  DA A C2    1 
ATOM 144 N N3    . DA A 1 7  ? -2.475  6.876   -11.307 1.00 86.45  ? 7  DA A N3    1 
ATOM 145 C C4    . DA A 1 7  ? -2.648  6.852   -9.975  1.00 80.61  ? 7  DA A C4    1 
ATOM 146 P P     . DC A 1 8  ? -7.447  9.801   -11.946 1.00 121.33 ? 8  DC A P     1 
ATOM 147 O OP1   . DC A 1 8  ? -7.925  10.707  -13.007 1.00 110.43 ? 8  DC A OP1   1 
ATOM 148 O OP2   . DC A 1 8  ? -8.429  8.950   -11.245 1.00 133.60 ? 8  DC A OP2   1 
ATOM 149 O "O5'" . DC A 1 8  ? -6.298  8.865   -12.527 1.00 102.16 ? 8  DC A "O5'" 1 
ATOM 150 C "C5'" . DC A 1 8  ? -6.183  8.663   -13.935 1.00 96.28  ? 8  DC A "C5'" 1 
ATOM 151 C "C4'" . DC A 1 8  ? -5.882  7.211   -14.193 1.00 90.66  ? 8  DC A "C4'" 1 
ATOM 152 O "O4'" . DC A 1 8  ? -5.150  6.675   -13.075 1.00 107.49 ? 8  DC A "O4'" 1 
ATOM 153 C "C3'" . DC A 1 8  ? -7.127  6.336   -14.322 1.00 101.24 ? 8  DC A "C3'" 1 
ATOM 154 O "O3'" . DC A 1 8  ? -7.454  6.267   -15.716 1.00 95.19  ? 8  DC A "O3'" 1 
ATOM 155 C "C2'" . DC A 1 8  ? -6.756  5.056   -13.578 1.00 111.03 ? 8  DC A "C2'" 1 
ATOM 156 C "C1'" . DC A 1 8  ? -5.327  5.268   -13.102 1.00 97.74  ? 8  DC A "C1'" 1 
ATOM 157 N N1    . DC A 1 8  ? -5.042  4.749   -11.754 1.00 86.27  ? 8  DC A N1    1 
ATOM 158 C C2    . DC A 1 8  ? -4.131  3.693   -11.600 1.00 101.13 ? 8  DC A C2    1 
ATOM 159 O O2    . DC A 1 8  ? -3.606  3.199   -12.610 1.00 99.70  ? 8  DC A O2    1 
ATOM 160 N N3    . DC A 1 8  ? -3.861  3.225   -10.354 1.00 78.15  ? 8  DC A N3    1 
ATOM 161 C C4    . DC A 1 8  ? -4.443  3.787   -9.292  1.00 97.16  ? 8  DC A C4    1 
ATOM 162 N N4    . DC A 1 8  ? -4.143  3.302   -8.086  1.00 101.87 ? 8  DC A N4    1 
ATOM 163 C C5    . DC A 1 8  ? -5.369  4.869   -9.421  1.00 89.51  ? 8  DC A C5    1 
ATOM 164 C C6    . DC A 1 8  ? -5.638  5.311   -10.658 1.00 91.41  ? 8  DC A C6    1 
ATOM 165 P P     . DG A 1 9  ? -7.931  4.916   -16.431 1.00 116.05 ? 9  DG A P     1 
ATOM 166 O OP1   . DG A 1 9  ? -8.167  5.253   -17.864 1.00 122.47 ? 9  DG A OP1   1 
ATOM 167 O OP2   . DG A 1 9  ? -9.051  4.340   -15.623 1.00 108.03 ? 9  DG A OP2   1 
ATOM 168 O "O5'" . DG A 1 9  ? -6.637  3.984   -16.365 1.00 89.88  ? 9  DG A "O5'" 1 
ATOM 169 C "C5'" . DG A 1 9  ? -6.058  3.371   -17.537 1.00 98.33  ? 9  DG A "C5'" 1 
ATOM 170 C "C4'" . DG A 1 9  ? -5.776  1.904   -17.306 1.00 93.71  ? 9  DG A "C4'" 1 
ATOM 171 O "O4'" . DG A 1 9  ? -5.364  1.666   -15.937 1.00 106.56 ? 9  DG A "O4'" 1 
ATOM 172 C "C3'" . DG A 1 9  ? -6.956  0.961   -17.545 1.00 91.46  ? 9  DG A "C3'" 1 
ATOM 173 O "O3'" . DG A 1 9  ? -6.388  -0.181  -18.169 1.00 87.56  ? 9  DG A "O3'" 1 
ATOM 174 C "C2'" . DG A 1 9  ? -7.432  0.647   -16.138 1.00 99.68  ? 9  DG A "C2'" 1 
ATOM 175 C "C1'" . DG A 1 9  ? -6.099  0.571   -15.409 1.00 92.55  ? 9  DG A "C1'" 1 
ATOM 176 N N9    . DG A 1 9  ? -6.114  0.678   -13.944 1.00 71.90  ? 9  DG A N9    1 
ATOM 177 C C8    . DG A 1 9  ? -6.652  1.697   -13.194 1.00 72.00  ? 9  DG A C8    1 
ATOM 178 N N7    . DG A 1 9  ? -6.494  1.528   -11.905 1.00 66.15  ? 9  DG A N7    1 
ATOM 179 C C5    . DG A 1 9  ? -5.815  0.322   -11.796 1.00 53.10  ? 9  DG A C5    1 
ATOM 180 C C6    . DG A 1 9  ? -5.384  -0.387  -10.646 1.00 60.12  ? 9  DG A C6    1 
ATOM 181 O O6    . DG A 1 9  ? -5.500  -0.068  -9.451  1.00 55.69  ? 9  DG A O6    1 
ATOM 182 N N1    . DG A 1 9  ? -4.710  -1.555  -10.987 1.00 57.46  ? 9  DG A N1    1 
ATOM 183 C C2    . DG A 1 9  ? -4.500  -2.002  -12.268 1.00 72.00  ? 9  DG A C2    1 
ATOM 184 N N2    . DG A 1 9  ? -3.852  -3.174  -12.385 1.00 74.40  ? 9  DG A N2    1 
ATOM 185 N N3    . DG A 1 9  ? -4.913  -1.359  -13.354 1.00 71.09  ? 9  DG A N3    1 
ATOM 186 C C4    . DG A 1 9  ? -5.563  -0.214  -13.044 1.00 61.88  ? 9  DG A C4    1 
ATOM 187 P P     . DA A 1 10 ? -7.290  -1.196  -18.970 1.00 105.36 ? 10 DA A P     1 
ATOM 188 O OP1   . DA A 1 10 ? -7.068  -0.957  -20.414 1.00 104.36 ? 10 DA A OP1   1 
ATOM 189 O OP2   . DA A 1 10 ? -8.650  -1.189  -18.391 1.00 93.27  ? 10 DA A OP2   1 
ATOM 190 O "O5'" . DA A 1 10 ? -6.630  -2.596  -18.626 1.00 89.30  ? 10 DA A "O5'" 1 
ATOM 191 C "C5'" . DA A 1 10 ? -5.417  -2.634  -17.887 1.00 91.43  ? 10 DA A "C5'" 1 
ATOM 192 C "C4'" . DA A 1 10 ? -5.094  -4.074  -17.593 1.00 94.33  ? 10 DA A "C4'" 1 
ATOM 193 O "O4'" . DA A 1 10 ? -5.091  -4.297  -16.162 1.00 100.01 ? 10 DA A "O4'" 1 
ATOM 194 C "C3'" . DA A 1 10 ? -6.159  -5.003  -18.132 1.00 90.15  ? 10 DA A "C3'" 1 
ATOM 195 O "O3'" . DA A 1 10 ? -5.479  -6.222  -18.310 1.00 102.50 ? 10 DA A "O3'" 1 
ATOM 196 C "C2'" . DA A 1 10 ? -7.185  -4.996  -17.014 1.00 94.54  ? 10 DA A "C2'" 1 
ATOM 197 C "C1'" . DA A 1 10 ? -6.324  -4.875  -15.754 1.00 85.70  ? 10 DA A "C1'" 1 
ATOM 198 N N9    . DA A 1 10 ? -6.858  -4.074  -14.640 1.00 74.23  ? 10 DA A N9    1 
ATOM 199 C C8    . DA A 1 10 ? -7.600  -2.913  -14.637 1.00 67.94  ? 10 DA A C8    1 
ATOM 200 N N7    . DA A 1 10 ? -7.900  -2.478  -13.431 1.00 55.61  ? 10 DA A N7    1 
ATOM 201 C C5    . DA A 1 10 ? -7.344  -3.434  -12.588 1.00 54.20  ? 10 DA A C5    1 
ATOM 202 C C6    . DA A 1 10 ? -7.275  -3.539  -11.187 1.00 52.28  ? 10 DA A C6    1 
ATOM 203 N N6    . DA A 1 10 ? -7.828  -2.667  -10.350 1.00 50.68  ? 10 DA A N6    1 
ATOM 204 N N1    . DA A 1 10 ? -6.595  -4.582  -10.667 1.00 77.86  ? 10 DA A N1    1 
ATOM 205 C C2    . DA A 1 10 ? -6.009  -5.449  -11.505 1.00 86.30  ? 10 DA A C2    1 
ATOM 206 N N3    . DA A 1 10 ? -5.978  -5.444  -12.834 1.00 83.70  ? 10 DA A N3    1 
ATOM 207 C C4    . DA A 1 10 ? -6.676  -4.404  -13.319 1.00 65.56  ? 10 DA A C4    1 
ATOM 208 P P     . DG A 1 11 ? -6.212  -7.397  -19.000 1.00 116.22 ? 11 DG A P     1 
ATOM 209 O OP1   . DG A 1 11 ? -5.365  -7.873  -20.126 1.00 103.07 ? 11 DG A OP1   1 
ATOM 210 O OP2   . DG A 1 11 ? -7.632  -7.001  -19.205 1.00 97.48  ? 11 DG A OP2   1 
ATOM 211 O "O5'" . DG A 1 11 ? -6.132  -8.518  -17.889 1.00 96.07  ? 11 DG A "O5'" 1 
ATOM 212 C "C5'" . DG A 1 11 ? -6.753  -9.774  -18.116 1.00 99.57  ? 11 DG A "C5'" 1 
ATOM 213 C "C4'" . DG A 1 11 ? -7.151  -10.315 -16.766 1.00 82.19  ? 11 DG A "C4'" 1 
ATOM 214 O "O4'" . DG A 1 11 ? -6.955  -9.269  -15.793 1.00 77.54  ? 11 DG A "O4'" 1 
ATOM 215 C "C3'" . DG A 1 11 ? -8.632  -10.670 -16.680 1.00 95.68  ? 11 DG A "C3'" 1 
ATOM 216 O "O3'" . DG A 1 11 ? -8.937  -12.057 -16.881 1.00 111.13 ? 11 DG A "O3'" 1 
ATOM 217 C "C2'" . DG A 1 11 ? -8.987  -10.307 -15.254 1.00 98.61  ? 11 DG A "C2'" 1 
ATOM 218 C "C1'" . DG A 1 11 ? -7.807  -9.505  -14.713 1.00 86.45  ? 11 DG A "C1'" 1 
ATOM 219 N N9    . DG A 1 11 ? -8.312  -8.232  -14.220 1.00 80.46  ? 11 DG A N9    1 
ATOM 220 C C8    . DG A 1 11 ? -8.938  -7.261  -14.959 1.00 87.08  ? 11 DG A C8    1 
ATOM 221 N N7    . DG A 1 11 ? -9.447  -6.308  -14.224 1.00 83.12  ? 11 DG A N7    1 
ATOM 222 C C5    . DG A 1 11 ? -9.229  -6.729  -12.921 1.00 59.28  ? 11 DG A C5    1 
ATOM 223 C C6    . DG A 1 11 ? -9.533  -6.097  -11.700 1.00 71.80  ? 11 DG A C6    1 
ATOM 224 O O6    . DG A 1 11 ? -10.105 -5.014  -11.513 1.00 64.32  ? 11 DG A O6    1 
ATOM 225 N N1    . DG A 1 11 ? -9.105  -6.853  -10.612 1.00 69.56  ? 11 DG A N1    1 
ATOM 226 C C2    . DG A 1 11 ? -8.454  -8.057  -10.695 1.00 84.16  ? 11 DG A C2    1 
ATOM 227 N N2    . DG A 1 11 ? -8.120  -8.633  -9.529  1.00 87.47  ? 11 DG A N2    1 
ATOM 228 N N3    . DG A 1 11 ? -8.147  -8.651  -11.834 1.00 82.06  ? 11 DG A N3    1 
ATOM 229 C C4    . DG A 1 11 ? -8.552  -7.928  -12.901 1.00 75.59  ? 11 DG A C4    1 
ATOM 230 P P     . DA B 2 1  ? -15.109 -21.645 6.766   1.00 124.91 ? 12 DA B P     1 
ATOM 231 O OP1   . DA B 2 1  ? -15.812 -20.448 6.213   1.00 123.25 ? 12 DA B OP1   1 
ATOM 232 O OP2   . DA B 2 1  ? -14.637 -22.731 5.857   1.00 100.20 ? 12 DA B OP2   1 
ATOM 233 O "O5'" . DA B 2 1  ? -13.780 -21.171 7.498   1.00 96.82  ? 12 DA B "O5'" 1 
ATOM 234 C "C5'" . DA B 2 1  ? -13.042 -22.166 8.211   1.00 86.99  ? 12 DA B "C5'" 1 
ATOM 235 C "C4'" . DA B 2 1  ? -11.629 -21.713 8.466   1.00 85.07  ? 12 DA B "C4'" 1 
ATOM 236 O "O4'" . DA B 2 1  ? -10.931 -21.450 7.237   1.00 76.50  ? 12 DA B "O4'" 1 
ATOM 237 C "C3'" . DA B 2 1  ? -11.484 -20.432 9.288   1.00 82.78  ? 12 DA B "C3'" 1 
ATOM 238 O "O3'" . DA B 2 1  ? -11.045 -20.774 10.593  1.00 87.49  ? 12 DA B "O3'" 1 
ATOM 239 C "C2'" . DA B 2 1  ? -10.322 -19.711 8.630   1.00 74.29  ? 12 DA B "C2'" 1 
ATOM 240 C "C1'" . DA B 2 1  ? -9.800  -20.718 7.637   1.00 73.82  ? 12 DA B "C1'" 1 
ATOM 241 N N9    . DA B 2 1  ? -9.194  -20.141 6.451   1.00 77.83  ? 12 DA B N9    1 
ATOM 242 C C8    . DA B 2 1  ? -9.788  -19.514 5.386   1.00 83.39  ? 12 DA B C8    1 
ATOM 243 N N7    . DA B 2 1  ? -8.939  -19.129 4.461   1.00 85.42  ? 12 DA B N7    1 
ATOM 244 C C5    . DA B 2 1  ? -7.705  -19.528 4.954   1.00 67.27  ? 12 DA B C5    1 
ATOM 245 C C6    . DA B 2 1  ? -6.395  -19.392 4.456   1.00 70.68  ? 12 DA B C6    1 
ATOM 246 N N6    . DA B 2 1  ? -6.103  -18.796 3.302   1.00 66.96  ? 12 DA B N6    1 
ATOM 247 N N1    . DA B 2 1  ? -5.380  -19.883 5.204   1.00 64.38  ? 12 DA B N1    1 
ATOM 248 C C2    . DA B 2 1  ? -5.675  -20.466 6.375   1.00 76.65  ? 12 DA B C2    1 
ATOM 249 N N3    . DA B 2 1  ? -6.867  -20.657 6.944   1.00 73.74  ? 12 DA B N3    1 
ATOM 250 C C4    . DA B 2 1  ? -7.846  -20.136 6.186   1.00 71.36  ? 12 DA B C4    1 
ATOM 251 P P     . DC B 2 2  ? -11.338 -19.816 11.780  1.00 105.57 ? 13 DC B P     1 
ATOM 252 O OP1   . DC B 2 2  ? -10.866 -20.487 13.008  1.00 106.93 ? 13 DC B OP1   1 
ATOM 253 O OP2   . DC B 2 2  ? -12.737 -19.357 11.668  1.00 109.42 ? 13 DC B OP2   1 
ATOM 254 O "O5'" . DC B 2 2  ? -10.371 -18.595 11.505  1.00 102.18 ? 13 DC B "O5'" 1 
ATOM 255 C "C5'" . DC B 2 2  ? -9.190  -18.451 12.300  1.00 93.54  ? 13 DC B "C5'" 1 
ATOM 256 C "C4'" . DC B 2 2  ? -7.952  -18.716 11.479  1.00 86.90  ? 13 DC B "C4'" 1 
ATOM 257 O "O4'" . DC B 2 2  ? -8.182  -18.550 10.063  1.00 81.49  ? 13 DC B "O4'" 1 
ATOM 258 C "C3'" . DC B 2 2  ? -6.865  -17.699 11.779  1.00 88.39  ? 13 DC B "C3'" 1 
ATOM 259 O "O3'" . DC B 2 2  ? -6.133  -18.000 12.962  1.00 74.42  ? 13 DC B "O3'" 1 
ATOM 260 C "C2'" . DC B 2 2  ? -6.020  -17.693 10.515  1.00 85.21  ? 13 DC B "C2'" 1 
ATOM 261 C "C1'" . DC B 2 2  ? -6.898  -18.335 9.457   1.00 78.87  ? 13 DC B "C1'" 1 
ATOM 262 N N1    . DC B 2 2  ? -7.061  -17.588 8.181   1.00 59.74  ? 13 DC B N1    1 
ATOM 263 C C2    . DC B 2 2  ? -5.914  -17.248 7.442   1.00 69.69  ? 13 DC B C2    1 
ATOM 264 O O2    . DC B 2 2  ? -4.798  -17.526 7.904   1.00 67.97  ? 13 DC B O2    1 
ATOM 265 N N3    . DC B 2 2  ? -6.049  -16.609 6.256   1.00 53.57  ? 13 DC B N3    1 
ATOM 266 C C4    . DC B 2 2  ? -7.268  -16.329 5.793   1.00 72.97  ? 13 DC B C4    1 
ATOM 267 N N4    . DC B 2 2  ? -7.360  -15.699 4.625   1.00 84.70  ? 13 DC B N4    1 
ATOM 268 C C5    . DC B 2 2  ? -8.452  -16.680 6.514   1.00 72.03  ? 13 DC B C5    1 
ATOM 269 C C6    . DC B 2 2  ? -8.302  -17.320 7.680   1.00 68.35  ? 13 DC B C6    1 
ATOM 270 P P     . DC B 2 3  ? -5.365  -16.825 13.657  1.00 102.62 ? 14 DC B P     1 
ATOM 271 O OP1   . DC B 2 3  ? -4.890  -17.316 14.962  1.00 98.70  ? 14 DC B OP1   1 
ATOM 272 O OP2   . DC B 2 3  ? -6.254  -15.632 13.607  1.00 96.22  ? 14 DC B OP2   1 
ATOM 273 O "O5'" . DC B 2 3  ? -4.097  -16.595 12.709  1.00 81.52  ? 14 DC B "O5'" 1 
ATOM 274 C "C5'" . DC B 2 3  ? -3.179  -17.671 12.528  1.00 73.53  ? 14 DC B "C5'" 1 
ATOM 275 C "C4'" . DC B 2 3  ? -1.905  -17.178 11.892  1.00 77.34  ? 14 DC B "C4'" 1 
ATOM 276 O "O4'" . DC B 2 3  ? -2.140  -16.822 10.514  1.00 80.74  ? 14 DC B "O4'" 1 
ATOM 277 C "C3'" . DC B 2 3  ? -1.270  -15.945 12.523  1.00 76.73  ? 14 DC B "C3'" 1 
ATOM 278 O "O3'" . DC B 2 3  ? 0.131   -16.076 12.281  1.00 88.24  ? 14 DC B "O3'" 1 
ATOM 279 C "C2'" . DC B 2 3  ? -1.821  -14.822 11.680  1.00 82.99  ? 14 DC B "C2'" 1 
ATOM 280 C "C1'" . DC B 2 3  ? -1.782  -15.460 10.297  1.00 78.18  ? 14 DC B "C1'" 1 
ATOM 281 N N1    . DC B 2 3  ? -2.759  -14.879 9.338   1.00 59.68  ? 14 DC B N1    1 
ATOM 282 C C2    . DC B 2 3  ? -2.328  -14.348 8.108   1.00 67.85  ? 14 DC B C2    1 
ATOM 283 O O2    . DC B 2 3  ? -1.117  -14.400 7.806   1.00 63.95  ? 14 DC B O2    1 
ATOM 284 N N3    . DC B 2 3  ? -3.243  -13.794 7.280   1.00 59.58  ? 14 DC B N3    1 
ATOM 285 C C4    . DC B 2 3  ? -4.541  -13.839 7.595   1.00 59.70  ? 14 DC B C4    1 
ATOM 286 N N4    . DC B 2 3  ? -5.413  -13.324 6.734   1.00 68.69  ? 14 DC B N4    1 
ATOM 287 C C5    . DC B 2 3  ? -5.003  -14.413 8.808   1.00 47.08  ? 14 DC B C5    1 
ATOM 288 C C6    . DC B 2 3  ? -4.084  -14.878 9.659   1.00 48.39  ? 14 DC B C6    1 
ATOM 289 P P     . DC B 2 4  ? 1.122   -14.912 12.694  1.00 109.31 ? 15 DC B P     1 
ATOM 290 O OP1   . DC B 2 4  ? 2.438   -15.511 13.024  1.00 101.51 ? 15 DC B OP1   1 
ATOM 291 O OP2   . DC B 2 4  ? 0.405   -14.048 13.675  1.00 96.01  ? 15 DC B OP2   1 
ATOM 292 O "O5'" . DC B 2 4  ? 1.355   -14.159 11.315  1.00 86.15  ? 15 DC B "O5'" 1 
ATOM 293 C "C5'" . DC B 2 4  ? 2.471   -14.483 10.476  1.00 79.67  ? 15 DC B "C5'" 1 
ATOM 294 C "C4'" . DC B 2 4  ? 2.857   -13.234 9.726   1.00 89.68  ? 15 DC B "C4'" 1 
ATOM 295 O "O4'" . DC B 2 4  ? 1.752   -12.796 8.876   1.00 85.56  ? 15 DC B "O4'" 1 
ATOM 296 C "C3'" . DC B 2 4  ? 3.153   -12.061 10.654  1.00 92.56  ? 15 DC B "C3'" 1 
ATOM 297 O "O3'" . DC B 2 4  ? 4.113   -11.218 10.040  1.00 105.85 ? 15 DC B "O3'" 1 
ATOM 298 C "C2'" . DC B 2 4  ? 1.869   -11.259 10.598  1.00 94.03  ? 15 DC B "C2'" 1 
ATOM 299 C "C1'" . DC B 2 4  ? 1.482   -11.430 9.129   1.00 76.40  ? 15 DC B "C1'" 1 
ATOM 300 N N1    . DC B 2 4  ? 0.052   -11.130 8.783   1.00 70.61  ? 15 DC B N1    1 
ATOM 301 C C2    . DC B 2 4  ? -0.241  -10.258 7.715   1.00 64.63  ? 15 DC B C2    1 
ATOM 302 O O2    . DC B 2 4  ? 0.684   -9.831  7.002   1.00 65.33  ? 15 DC B O2    1 
ATOM 303 N N3    . DC B 2 4  ? -1.529  -9.957  7.452   1.00 56.93  ? 15 DC B N3    1 
ATOM 304 C C4    . DC B 2 4  ? -2.503  -10.434 8.231   1.00 64.17  ? 15 DC B C4    1 
ATOM 305 N N4    . DC B 2 4  ? -3.758  -10.093 7.938   1.00 64.63  ? 15 DC B N4    1 
ATOM 306 C C5    . DC B 2 4  ? -2.239  -11.315 9.316   1.00 58.32  ? 15 DC B C5    1 
ATOM 307 C C6    . DC B 2 4  ? -0.958  -11.616 9.568   1.00 72.17  ? 15 DC B C6    1 
ATOM 308 P P     . DC B 2 5  ? 5.619   -11.369 10.369  1.00 103.62 ? 16 DC B P     1 
ATOM 309 O OP1   . DC B 2 5  ? 6.140   -12.505 9.580   1.00 100.46 ? 16 DC B OP1   1 
ATOM 310 O OP2   . DC B 2 5  ? 5.713   -11.368 11.845  1.00 90.77  ? 16 DC B OP2   1 
ATOM 311 O "O5'" . DC B 2 5  ? 6.249   -10.084 9.662   1.00 94.14  ? 16 DC B "O5'" 1 
ATOM 312 C "C5'" . DC B 2 5  ? 5.846   -9.627  8.332   1.00 83.38  ? 16 DC B "C5'" 1 
ATOM 313 C "C4'" . DC B 2 5  ? 5.655   -8.123  8.273   1.00 81.50  ? 16 DC B "C4'" 1 
ATOM 314 O "O4'" . DC B 2 5  ? 4.268   -7.768  7.980   1.00 70.12  ? 16 DC B "O4'" 1 
ATOM 315 C "C3'" . DC B 2 5  ? 5.954   -7.409  9.582   1.00 74.38  ? 16 DC B "C3'" 1 
ATOM 316 O "O3'" . DC B 2 5  ? 6.267   -6.038  9.348   1.00 84.13  ? 16 DC B "O3'" 1 
ATOM 317 C "C2'" . DC B 2 5  ? 4.621   -7.532  10.276  1.00 70.47  ? 16 DC B "C2'" 1 
ATOM 318 C "C1'" . DC B 2 5  ? 3.759   -7.096  9.117   1.00 66.85  ? 16 DC B "C1'" 1 
ATOM 319 N N1    . DC B 2 5  ? 2.310   -7.313  9.210   1.00 51.48  ? 16 DC B N1    1 
ATOM 320 C C2    . DC B 2 5  ? 1.512   -6.725  8.237   1.00 57.19  ? 16 DC B C2    1 
ATOM 321 O O2    . DC B 2 5  ? 2.064   -6.165  7.271   1.00 62.16  ? 16 DC B O2    1 
ATOM 322 N N3    . DC B 2 5  ? 0.164   -6.780  8.367   1.00 48.94  ? 16 DC B N3    1 
ATOM 323 C C4    . DC B 2 5  ? -0.376  -7.338  9.454   1.00 57.42  ? 16 DC B C4    1 
ATOM 324 N N4    . DC B 2 5  ? -1.705  -7.389  9.544   1.00 70.29  ? 16 DC B N4    1 
ATOM 325 C C5    . DC B 2 5  ? 0.420   -7.850  10.507  1.00 55.15  ? 16 DC B C5    1 
ATOM 326 C C6    . DC B 2 5  ? 1.749   -7.800  10.354  1.00 59.84  ? 16 DC B C6    1 
ATOM 327 P P     . DA B 2 6  ? 7.775   -5.643  9.157   1.00 104.89 ? 17 DA B P     1 
ATOM 328 O OP1   . DA B 2 6  ? 8.398   -6.721  8.382   1.00 85.45  ? 17 DA B OP1   1 
ATOM 329 O OP2   . DA B 2 6  ? 8.324   -5.271  10.486  1.00 95.80  ? 17 DA B OP2   1 
ATOM 330 O "O5'" . DA B 2 6  ? 7.711   -4.384  8.193   1.00 81.37  ? 17 DA B "O5'" 1 
ATOM 331 C "C5'" . DA B 2 6  ? 7.777   -4.582  6.790   1.00 78.75  ? 17 DA B "C5'" 1 
ATOM 332 C "C4'" . DA B 2 6  ? 7.017   -3.475  6.111   1.00 81.51  ? 17 DA B "C4'" 1 
ATOM 333 O "O4'" . DA B 2 6  ? 5.622   -3.519  6.484   1.00 81.54  ? 17 DA B "O4'" 1 
ATOM 334 C "C3'" . DA B 2 6  ? 7.489   -2.070  6.458   1.00 81.55  ? 17 DA B "C3'" 1 
ATOM 335 O "O3'" . DA B 2 6  ? 7.425   -1.486  5.168   1.00 90.20  ? 17 DA B "O3'" 1 
ATOM 336 C "C2'" . DA B 2 6  ? 6.496   -1.602  7.514   1.00 80.46  ? 17 DA B "C2'" 1 
ATOM 337 C "C1'" . DA B 2 6  ? 5.219   -2.356  7.177   1.00 71.27  ? 17 DA B "C1'" 1 
ATOM 338 N N9    . DA B 2 6  ? 4.422   -2.812  8.306   1.00 69.35  ? 17 DA B N9    1 
ATOM 339 C C8    . DA B 2 6  ? 4.865   -3.407  9.459   1.00 79.54  ? 17 DA B C8    1 
ATOM 340 N N7    . DA B 2 6  ? 3.896   -3.814  10.247  1.00 79.53  ? 17 DA B N7    1 
ATOM 341 C C5    . DA B 2 6  ? 2.740   -3.498  9.546   1.00 63.60  ? 17 DA B C5    1 
ATOM 342 C C6    . DA B 2 6  ? 1.365   -3.697  9.828   1.00 72.60  ? 17 DA B C6    1 
ATOM 343 N N6    . DA B 2 6  ? 0.907   -4.255  10.952  1.00 72.28  ? 17 DA B N6    1 
ATOM 344 N N1    . DA B 2 6  ? 0.466   -3.289  8.904   1.00 68.56  ? 17 DA B N1    1 
ATOM 345 C C2    . DA B 2 6  ? 0.925   -2.746  7.767   1.00 82.36  ? 17 DA B C2    1 
ATOM 346 N N3    . DA B 2 6  ? 2.189   -2.533  7.379   1.00 76.86  ? 17 DA B N3    1 
ATOM 347 C C4    . DA B 2 6  ? 3.053   -2.927  8.328   1.00 60.47  ? 17 DA B C4    1 
ATOM 348 P P     . DC B 2 7  ? 7.541   0.034   4.997   1.00 99.00  ? 18 DC B P     1 
ATOM 349 O OP1   . DC B 2 7  ? 7.800   0.285   3.552   1.00 86.68  ? 18 DC B OP1   1 
ATOM 350 O OP2   . DC B 2 7  ? 8.489   0.529   6.017   1.00 96.45  ? 18 DC B OP2   1 
ATOM 351 O "O5'" . DC B 2 7  ? 6.100   0.503   5.453   1.00 81.36  ? 18 DC B "O5'" 1 
ATOM 352 C "C5'" . DC B 2 7  ? 5.092   0.621   4.475   1.00 78.29  ? 18 DC B "C5'" 1 
ATOM 353 C "C4'" . DC B 2 7  ? 3.849   1.137   5.151   1.00 81.81  ? 18 DC B "C4'" 1 
ATOM 354 O "O4'" . DC B 2 7  ? 3.631   0.419   6.374   1.00 77.34  ? 18 DC B "O4'" 1 
ATOM 355 C "C3'" . DC B 2 7  ? 3.915   2.597   5.576   1.00 86.46  ? 18 DC B "C3'" 1 
ATOM 356 O "O3'" . DC B 2 7  ? 3.173   3.343   4.621   1.00 95.29  ? 18 DC B "O3'" 1 
ATOM 357 C "C2'" . DC B 2 7  ? 3.334   2.594   6.988   1.00 83.13  ? 18 DC B "C2'" 1 
ATOM 358 C "C1'" . DC B 2 7  ? 2.734   1.219   7.096   1.00 71.23  ? 18 DC B "C1'" 1 
ATOM 359 N N1    . DC B 2 7  ? 2.607   0.637   8.441   1.00 69.89  ? 18 DC B N1    1 
ATOM 360 C C2    . DC B 2 7  ? 1.330   0.468   8.979   1.00 68.51  ? 18 DC B C2    1 
ATOM 361 O O2    . DC B 2 7  ? 0.353   0.899   8.354   1.00 69.80  ? 18 DC B O2    1 
ATOM 362 N N3    . DC B 2 7  ? 1.189   -0.140  10.178  1.00 72.60  ? 18 DC B N3    1 
ATOM 363 C C4    . DC B 2 7  ? 2.266   -0.577  10.832  1.00 92.20  ? 18 DC B C4    1 
ATOM 364 N N4    . DC B 2 7  ? 2.080   -1.152  12.022  1.00 84.67  ? 18 DC B N4    1 
ATOM 365 C C5    . DC B 2 7  ? 3.581   -0.452  10.289  1.00 83.65  ? 18 DC B C5    1 
ATOM 366 C C6    . DC B 2 7  ? 3.702   0.146   9.097   1.00 84.29  ? 18 DC B C6    1 
ATOM 367 P P     . DT B 2 8  ? 2.938   4.898   4.833   1.00 109.21 ? 19 DT B P     1 
ATOM 368 O OP1   . DT B 2 8  ? 2.493   5.449   3.538   1.00 88.70  ? 19 DT B OP1   1 
ATOM 369 O OP2   . DT B 2 8  ? 4.140   5.463   5.512   1.00 88.32  ? 19 DT B OP2   1 
ATOM 370 O "O5'" . DT B 2 8  ? 1.674   4.914   5.800   1.00 86.10  ? 19 DT B "O5'" 1 
ATOM 371 C "C5'" . DT B 2 8  ? 0.602   4.037   5.500   1.00 83.56  ? 19 DT B "C5'" 1 
ATOM 372 C "C4'" . DT B 2 8  ? -0.709  4.612   5.974   1.00 98.95  ? 19 DT B "C4'" 1 
ATOM 373 O "O4'" . DT B 2 8  ? -0.999  4.114   7.295   1.00 101.18 ? 19 DT B "O4'" 1 
ATOM 374 C "C3'" . DT B 2 8  ? -0.759  6.120   6.124   1.00 102.43 ? 19 DT B "C3'" 1 
ATOM 375 O "O3'" . DT B 2 8  ? -2.151  6.429   6.165   1.00 112.53 ? 19 DT B "O3'" 1 
ATOM 376 C "C2'" . DT B 2 8  ? -0.140  6.320   7.492   1.00 103.26 ? 19 DT B "C2'" 1 
ATOM 377 C "C1'" . DT B 2 8  ? -0.696  5.111   8.259   1.00 96.84  ? 19 DT B "C1'" 1 
ATOM 378 N N1    . DT B 2 8  ? 0.146   4.480   9.320   1.00 79.69  ? 19 DT B N1    1 
ATOM 379 C C2    . DT B 2 8  ? -0.525  3.846   10.342  1.00 74.07  ? 19 DT B C2    1 
ATOM 380 O O2    . DT B 2 8  ? -1.744  3.791   10.407  1.00 79.71  ? 19 DT B O2    1 
ATOM 381 N N3    . DT B 2 8  ? 0.284   3.300   11.307  1.00 64.87  ? 19 DT B N3    1 
ATOM 382 C C4    . DT B 2 8  ? 1.666   3.331   11.352  1.00 83.21  ? 19 DT B C4    1 
ATOM 383 O O4    . DT B 2 8  ? 2.258   2.792   12.282  1.00 116.06 ? 19 DT B O4    1 
ATOM 384 C C5    . DT B 2 8  ? 2.306   4.016   10.255  1.00 89.18  ? 19 DT B C5    1 
ATOM 385 C C7    . DT B 2 8  ? 3.802   4.090   10.219  1.00 88.61  ? 19 DT B C7    1 
ATOM 386 C C6    . DT B 2 8  ? 1.524   4.552   9.307   1.00 96.87  ? 19 DT B C6    1 
ATOM 387 P P     . DC B 2 9  ? -2.616  7.931   6.178   1.00 118.47 ? 20 DC B P     1 
ATOM 388 O OP1   . DC B 2 9  ? -3.853  8.026   5.368   1.00 101.70 ? 20 DC B OP1   1 
ATOM 389 O OP2   . DC B 2 9  ? -1.417  8.797   5.911   1.00 90.09  ? 20 DC B OP2   1 
ATOM 390 O "O5'" . DC B 2 9  ? -3.120  8.104   7.666   1.00 100.62 ? 20 DC B "O5'" 1 
ATOM 391 C "C5'" . DC B 2 9  ? -4.312  7.448   8.109   1.00 100.65 ? 20 DC B "C5'" 1 
ATOM 392 C "C4'" . DC B 2 9  ? -4.530  7.833   9.550   1.00 108.02 ? 20 DC B "C4'" 1 
ATOM 393 O "O4'" . DC B 2 9  ? -3.463  7.287   10.373  1.00 107.58 ? 20 DC B "O4'" 1 
ATOM 394 C "C3'" . DC B 2 9  ? -4.483  9.341   9.775   1.00 113.38 ? 20 DC B "C3'" 1 
ATOM 395 O "O3'" . DC B 2 9  ? -5.348  9.646   10.862  1.00 129.13 ? 20 DC B "O3'" 1 
ATOM 396 C "C2'" . DC B 2 9  ? -3.039  9.591   10.167  1.00 103.37 ? 20 DC B "C2'" 1 
ATOM 397 C "C1'" . DC B 2 9  ? -2.760  8.343   11.010  1.00 100.46 ? 20 DC B "C1'" 1 
ATOM 398 N N1    . DC B 2 9  ? -1.338  7.939   11.190  1.00 95.21  ? 20 DC B N1    1 
ATOM 399 C C2    . DC B 2 9  ? -1.003  7.035   12.222  1.00 83.92  ? 20 DC B C2    1 
ATOM 400 O O2    . DC B 2 9  ? -1.911  6.541   12.920  1.00 76.96  ? 20 DC B O2    1 
ATOM 401 N N3    . DC B 2 9  ? 0.299   6.732   12.433  1.00 79.93  ? 20 DC B N3    1 
ATOM 402 C C4    . DC B 2 9  ? 1.250   7.300   11.683  1.00 106.05 ? 20 DC B C4    1 
ATOM 403 N N4    . DC B 2 9  ? 2.522   6.965   11.922  1.00 106.17 ? 20 DC B N4    1 
ATOM 404 C C5    . DC B 2 9  ? 0.939   8.219   10.634  1.00 107.08 ? 20 DC B C5    1 
ATOM 405 C C6    . DC B 2 9  ? -0.353  8.520   10.436  1.00 94.19  ? 20 DC B C6    1 
ATOM 406 P P     . DA B 2 10 ? -6.284  10.884  10.746  1.00 120.67 ? 21 DA B P     1 
ATOM 407 O OP1   . DA B 2 10 ? -7.380  10.516  9.828   1.00 117.89 ? 21 DA B OP1   1 
ATOM 408 O OP2   . DA B 2 10 ? -5.416  12.058  10.447  1.00 136.32 ? 21 DA B OP2   1 
ATOM 409 O "O5'" . DA B 2 10 ? -6.876  11.042  12.219  1.00 139.18 ? 21 DA B "O5'" 1 
ATOM 410 C "C5'" . DA B 2 10 ? -7.970  10.227  12.696  1.00 124.64 ? 21 DA B "C5'" 1 
ATOM 411 C "C4'" . DA B 2 10 ? -7.476  9.331   13.809  1.00 112.59 ? 21 DA B "C4'" 1 
ATOM 412 O "O4'" . DA B 2 10 ? -6.056  9.131   13.620  1.00 111.26 ? 21 DA B "O4'" 1 
ATOM 413 C "C3'" . DA B 2 10 ? -7.612  9.912   15.216  1.00 105.34 ? 21 DA B "C3'" 1 
ATOM 414 O "O3'" . DA B 2 10 ? -7.750  8.879   16.199  1.00 105.47 ? 21 DA B "O3'" 1 
ATOM 415 C "C2'" . DA B 2 10 ? -6.269  10.578  15.426  1.00 109.89 ? 21 DA B "C2'" 1 
ATOM 416 C "C1'" . DA B 2 10 ? -5.362  9.570   14.773  1.00 95.36  ? 21 DA B "C1'" 1 
ATOM 417 N N9    . DA B 2 10 ? -4.042  10.023  14.349  1.00 93.35  ? 21 DA B N9    1 
ATOM 418 C C8    . DA B 2 10 ? -3.673  10.960  13.414  1.00 96.04  ? 21 DA B C8    1 
ATOM 419 N N7    . DA B 2 10 ? -2.375  11.062  13.254  1.00 97.34  ? 21 DA B N7    1 
ATOM 420 C C5    . DA B 2 10 ? -1.856  10.100  14.110  1.00 76.55  ? 21 DA B C5    1 
ATOM 421 C C6    . DA B 2 10 ? -0.539  9.685   14.392  1.00 87.55  ? 21 DA B C6    1 
ATOM 422 N N6    . DA B 2 10 ? 0.547   10.226  13.833  1.00 98.73  ? 21 DA B N6    1 
ATOM 423 N N1    . DA B 2 10 ? -0.371  8.712   15.316  1.00 74.55  ? 21 DA B N1    1 
ATOM 424 C C2    . DA B 2 10 ? -1.460  8.180   15.893  1.00 84.55  ? 21 DA B C2    1 
ATOM 425 N N3    . DA B 2 10 ? -2.743  8.475   15.701  1.00 91.06  ? 21 DA B N3    1 
ATOM 426 C C4    . DA B 2 10 ? -2.874  9.449   14.785  1.00 81.14  ? 21 DA B C4    1 
ATOM 427 P P     . DC C 3 1  ? -13.446 -4.844  -0.544  1.00 96.56  ? 1  DC C P     1 
ATOM 428 O OP1   . DC C 3 1  ? -12.508 -3.710  -0.794  1.00 72.56  ? 1  DC C OP1   1 
ATOM 429 O OP2   . DC C 3 1  ? -14.733 -4.875  -1.276  1.00 90.12  ? 1  DC C OP2   1 
ATOM 430 O "O5'" . DC C 3 1  ? -12.764 -5.999  -1.374  1.00 72.27  ? 1  DC C "O5'" 1 
ATOM 431 C "C5'" . DC C 3 1  ? -11.622 -5.673  -2.127  1.00 68.70  ? 1  DC C "C5'" 1 
ATOM 432 C "C4'" . DC C 3 1  ? -10.985 -6.966  -2.536  1.00 66.91  ? 1  DC C "C4'" 1 
ATOM 433 O "O4'" . DC C 3 1  ? -11.075 -7.079  -3.960  1.00 73.24  ? 1  DC C "O4'" 1 
ATOM 434 C "C3'" . DC C 3 1  ? -9.507  -6.912  -2.226  1.00 69.76  ? 1  DC C "C3'" 1 
ATOM 435 O "O3'" . DC C 3 1  ? -8.966  -8.203  -2.061  1.00 67.35  ? 1  DC C "O3'" 1 
ATOM 436 C "C2'" . DC C 3 1  ? -8.944  -6.254  -3.458  1.00 75.91  ? 1  DC C "C2'" 1 
ATOM 437 C "C1'" . DC C 3 1  ? -9.781  -6.904  -4.525  1.00 73.31  ? 1  DC C "C1'" 1 
ATOM 438 N N1    . DC C 3 1  ? -9.929  -6.102  -5.736  1.00 62.30  ? 1  DC C N1    1 
ATOM 439 C C2    . DC C 3 1  ? -9.498  -6.638  -6.947  1.00 70.92  ? 1  DC C C2    1 
ATOM 440 O O2    . DC C 3 1  ? -8.969  -7.760  -6.952  1.00 84.53  ? 1  DC C O2    1 
ATOM 441 N N3    . DC C 3 1  ? -9.679  -5.933  -8.083  1.00 67.70  ? 1  DC C N3    1 
ATOM 442 C C4    . DC C 3 1  ? -10.216 -4.712  -8.031  1.00 66.07  ? 1  DC C C4    1 
ATOM 443 N N4    . DC C 3 1  ? -10.344 -4.037  -9.176  1.00 61.80  ? 1  DC C N4    1 
ATOM 444 C C5    . DC C 3 1  ? -10.656 -4.133  -6.805  1.00 57.81  ? 1  DC C C5    1 
ATOM 445 C C6    . DC C 3 1  ? -10.489 -4.857  -5.691  1.00 62.28  ? 1  DC C C6    1 
ATOM 446 P P     . DT C 3 2  ? -7.701  -8.356  -1.199  1.00 76.88  ? 2  DT C P     1 
ATOM 447 O OP1   . DT C 3 2  ? -7.820  -9.614  -0.525  1.00 71.02  ? 2  DT C OP1   1 
ATOM 448 O OP2   . DT C 3 2  ? -7.438  -7.083  -0.449  1.00 69.53  ? 2  DT C OP2   1 
ATOM 449 O "O5'" . DT C 3 2  ? -6.577  -8.444  -2.297  1.00 60.79  ? 2  DT C "O5'" 1 
ATOM 450 C "C5'" . DT C 3 2  ? -6.614  -9.579  -3.082  1.00 60.53  ? 2  DT C "C5'" 1 
ATOM 451 C "C4'" . DT C 3 2  ? -5.694  -9.298  -4.231  1.00 65.33  ? 2  DT C "C4'" 1 
ATOM 452 O "O4'" . DT C 3 2  ? -6.159  -8.131  -4.874  1.00 70.66  ? 2  DT C "O4'" 1 
ATOM 453 C "C3'" . DT C 3 2  ? -4.272  -8.949  -3.822  1.00 63.31  ? 2  DT C "C3'" 1 
ATOM 454 O "O3'" . DT C 3 2  ? -3.850  -10.316 -3.634  1.00 57.11  ? 2  DT C "O3'" 1 
ATOM 455 C "C2'" . DT C 3 2  ? -3.845  -7.971  -4.924  1.00 67.08  ? 2  DT C "C2'" 1 
ATOM 456 C "C1'" . DT C 3 2  ? -5.119  -7.768  -5.741  1.00 67.24  ? 2  DT C "C1'" 1 
ATOM 457 N N1    . DT C 3 2  ? -5.485  -6.461  -6.264  1.00 62.56  ? 2  DT C N1    1 
ATOM 458 C C2    . DT C 3 2  ? -5.576  -6.294  -7.622  1.00 62.62  ? 2  DT C C2    1 
ATOM 459 O O2    . DT C 3 2  ? -5.164  -7.113  -8.421  1.00 74.21  ? 2  DT C O2    1 
ATOM 460 N N3    . DT C 3 2  ? -6.049  -5.067  -8.010  1.00 52.11  ? 2  DT C N3    1 
ATOM 461 C C4    . DT C 3 2  ? -6.620  -4.109  -7.196  1.00 60.81  ? 2  DT C C4    1 
ATOM 462 O O4    . DT C 3 2  ? -7.075  -3.085  -7.683  1.00 76.44  ? 2  DT C O4    1 
ATOM 463 C C5    . DT C 3 2  ? -6.599  -4.402  -5.794  1.00 57.48  ? 2  DT C C5    1 
ATOM 464 C C7    . DT C 3 2  ? -7.124  -3.380  -4.837  1.00 57.01  ? 2  DT C C7    1 
ATOM 465 C C6    . DT C 3 2  ? -6.050  -5.556  -5.400  1.00 62.04  ? 2  DT C C6    1 
ATOM 466 P P     . DG C 3 3  ? -2.429  -10.790 -3.993  1.00 70.17  ? 3  DG C P     1 
ATOM 467 O OP1   . DG C 3 3  ? -1.874  -9.921  -5.042  1.00 59.95  ? 3  DG C OP1   1 
ATOM 468 O OP2   . DG C 3 3  ? -2.513  -12.223 -4.245  1.00 73.78  ? 3  DG C OP2   1 
ATOM 469 O "O5'" . DG C 3 3  ? -1.668  -10.475 -2.639  1.00 69.59  ? 3  DG C "O5'" 1 
ATOM 470 C "C5'" . DG C 3 3  ? -0.388  -9.864  -2.682  1.00 77.77  ? 3  DG C "C5'" 1 
ATOM 471 C "C4'" . DG C 3 3  ? 0.352   -10.174 -1.405  1.00 69.20  ? 3  DG C "C4'" 1 
ATOM 472 O "O4'" . DG C 3 3  ? -0.286  -9.541  -0.295  1.00 56.22  ? 3  DG C "O4'" 1 
ATOM 473 C "C3'" . DG C 3 3  ? 0.374   -11.641 -1.033  1.00 63.16  ? 3  DG C "C3'" 1 
ATOM 474 O "O3'" . DG C 3 3  ? 1.433   -12.200 -1.791  1.00 59.07  ? 3  DG C "O3'" 1 
ATOM 475 C "C2'" . DG C 3 3  ? 0.689   -11.542 0.435   1.00 67.29  ? 3  DG C "C2'" 1 
ATOM 476 C "C1'" . DG C 3 3  ? -0.108  -10.323 0.861   1.00 53.95  ? 3  DG C "C1'" 1 
ATOM 477 N N9    . DG C 3 3  ? -1.431  -10.608 1.392   1.00 57.94  ? 3  DG C N9    1 
ATOM 478 C C8    . DG C 3 3  ? -2.631  -10.211 0.862   1.00 66.98  ? 3  DG C C8    1 
ATOM 479 N N7    . DG C 3 3  ? -3.656  -10.563 1.593   1.00 73.11  ? 3  DG C N7    1 
ATOM 480 C C5    . DG C 3 3  ? -3.097  -11.245 2.659   1.00 56.48  ? 3  DG C C5    1 
ATOM 481 C C6    . DG C 3 3  ? -3.712  -11.856 3.765   1.00 66.43  ? 3  DG C C6    1 
ATOM 482 O O6    . DG C 3 3  ? -4.921  -11.948 4.018   1.00 77.17  ? 3  DG C O6    1 
ATOM 483 N N1    . DG C 3 3  ? -2.778  -12.441 4.613   1.00 66.61  ? 3  DG C N1    1 
ATOM 484 C C2    . DG C 3 3  ? -1.417  -12.409 4.428   1.00 70.45  ? 3  DG C C2    1 
ATOM 485 N N2    . DG C 3 3  ? -0.676  -12.986 5.384   1.00 74.19  ? 3  DG C N2    1 
ATOM 486 N N3    . DG C 3 3  ? -0.826  -11.831 3.396   1.00 50.82  ? 3  DG C N3    1 
ATOM 487 C C4    . DG C 3 3  ? -1.722  -11.263 2.563   1.00 56.88  ? 3  DG C C4    1 
ATOM 488 P P     . DG C 3 4  ? 1.534   -13.729 -2.011  1.00 74.23  ? 4  DG C P     1 
ATOM 489 O OP1   . DG C 3 4  ? 2.701   -13.923 -2.882  1.00 67.32  ? 4  DG C OP1   1 
ATOM 490 O OP2   . DG C 3 4  ? 0.200   -14.300 -2.482  1.00 54.78  ? 4  DG C OP2   1 
ATOM 491 O "O5'" . DG C 3 4  ? 1.605   -14.170 -0.493  1.00 58.61  ? 4  DG C "O5'" 1 
ATOM 492 C "C5'" . DG C 3 4  ? 2.834   -14.207 0.242   1.00 71.13  ? 4  DG C "C5'" 1 
ATOM 493 C "C4'" . DG C 3 4  ? 2.565   -14.865 1.576   1.00 62.55  ? 4  DG C "C4'" 1 
ATOM 494 O "O4'" . DG C 3 4  ? 1.284   -14.411 2.035   1.00 68.52  ? 4  DG C "O4'" 1 
ATOM 495 C "C3'" . DG C 3 4  ? 2.344   -16.355 1.466   1.00 66.58  ? 4  DG C "C3'" 1 
ATOM 496 O "O3'" . DG C 3 4  ? 3.552   -17.089 1.551   1.00 80.12  ? 4  DG C "O3'" 1 
ATOM 497 C "C2'" . DG C 3 4  ? 1.439   -16.642 2.652   1.00 67.68  ? 4  DG C "C2'" 1 
ATOM 498 C "C1'" . DG C 3 4  ? 0.746   -15.337 2.945   1.00 47.57  ? 4  DG C "C1'" 1 
ATOM 499 N N9    . DG C 3 4  ? -0.692  -15.321 2.760   1.00 52.16  ? 4  DG C N9    1 
ATOM 500 C C8    . DG C 3 4  ? -1.343  -14.802 1.668   1.00 56.96  ? 4  DG C C8    1 
ATOM 501 N N7    . DG C 3 4  ? -2.649  -14.852 1.780   1.00 64.36  ? 4  DG C N7    1 
ATOM 502 C C5    . DG C 3 4  ? -2.871  -15.475 3.000   1.00 40.69  ? 4  DG C C5    1 
ATOM 503 C C6    . DG C 3 4  ? -4.083  -15.798 3.649   1.00 57.56  ? 4  DG C C6    1 
ATOM 504 O O6    . DG C 3 4  ? -5.241  -15.589 3.258   1.00 64.87  ? 4  DG C O6    1 
ATOM 505 N N1    . DG C 3 4  ? -3.863  -16.384 4.896   1.00 45.38  ? 4  DG C N1    1 
ATOM 506 C C2    . DG C 3 4  ? -2.628  -16.633 5.435   1.00 59.66  ? 4  DG C C2    1 
ATOM 507 N N2    . DG C 3 4  ? -2.625  -17.204 6.650   1.00 66.95  ? 4  DG C N2    1 
ATOM 508 N N3    . DG C 3 4  ? -1.478  -16.360 4.820   1.00 46.73  ? 4  DG C N3    1 
ATOM 509 C C4    . DG C 3 4  ? -1.676  -15.775 3.621   1.00 48.44  ? 4  DG C C4    1 
ATOM 510 P P     . DT C 3 5  ? 3.475   -18.655 1.561   1.00 92.14  ? 5  DT C P     1 
ATOM 511 O OP1   . DT C 3 5  ? 4.854   -19.123 1.486   1.00 88.42  ? 5  DT C OP1   1 
ATOM 512 O OP2   . DT C 3 5  ? 2.492   -19.049 0.523   1.00 88.41  ? 5  DT C OP2   1 
ATOM 513 O "O5'" . DT C 3 5  ? 2.819   -19.030 2.976   1.00 73.02  ? 5  DT C "O5'" 1 
ATOM 514 C "C5'" . DT C 3 5  ? 3.627   -19.409 4.090   1.00 74.71  ? 5  DT C "C5'" 1 
ATOM 515 C "C4'" . DT C 3 5  ? 2.811   -20.165 5.110   1.00 76.58  ? 5  DT C "C4'" 1 
ATOM 516 O "O4'" . DT C 3 5  ? 1.536   -19.527 5.252   1.00 71.81  ? 5  DT C "O4'" 1 
ATOM 517 C "C3'" . DT C 3 5  ? 2.509   -21.610 4.722   1.00 85.22  ? 5  DT C "C3'" 1 
ATOM 518 O "O3'" . DT C 3 5  ? 3.349   -22.592 5.339   1.00 83.01  ? 5  DT C "O3'" 1 
ATOM 519 C "C2'" . DT C 3 5  ? 1.089   -21.843 5.199   1.00 80.00  ? 5  DT C "C2'" 1 
ATOM 520 C "C1'" . DT C 3 5  ? 0.536   -20.501 5.552   1.00 69.56  ? 5  DT C "C1'" 1 
ATOM 521 N N1    . DT C 3 5  ? -0.641  -20.169 4.768   1.00 58.17  ? 5  DT C N1    1 
ATOM 522 C C2    . DT C 3 5  ? -1.894  -20.295 5.314   1.00 72.06  ? 5  DT C C2    1 
ATOM 523 O O2    . DT C 3 5  ? -2.094  -20.753 6.424   1.00 97.60  ? 5  DT C O2    1 
ATOM 524 N N3    . DT C 3 5  ? -2.914  -19.851 4.508   1.00 59.32  ? 5  DT C N3    1 
ATOM 525 C C4    . DT C 3 5  ? -2.799  -19.326 3.234   1.00 55.26  ? 5  DT C C4    1 
ATOM 526 O O4    . DT C 3 5  ? -3.802  -18.947 2.632   1.00 60.06  ? 5  DT C O4    1 
ATOM 527 C C5    . DT C 3 5  ? -1.460  -19.242 2.726   1.00 44.43  ? 5  DT C C5    1 
ATOM 528 C C7    . DT C 3 5  ? -1.235  -18.657 1.369   1.00 50.62  ? 5  DT C C7    1 
ATOM 529 C C6    . DT C 3 5  ? -0.460  -19.642 3.513   1.00 55.53  ? 5  DT C C6    1 
ATOM 530 O "O5'" . DT D 4 1  ? 9.388   17.032  16.822  1.00 139.90 ? 1  DT D "O5'" 1 
ATOM 531 C "C5'" . DT D 4 1  ? 8.155   16.289  16.896  1.00 138.73 ? 1  DT D "C5'" 1 
ATOM 532 C "C4'" . DT D 4 1  ? 8.178   15.289  18.033  1.00 129.62 ? 1  DT D "C4'" 1 
ATOM 533 O "O4'" . DT D 4 1  ? 6.871   15.227  18.656  1.00 123.93 ? 1  DT D "O4'" 1 
ATOM 534 C "C3'" . DT D 4 1  ? 8.459   13.859  17.598  1.00 117.04 ? 1  DT D "C3'" 1 
ATOM 535 O "O3'" . DT D 4 1  ? 8.988   13.062  18.662  1.00 118.42 ? 1  DT D "O3'" 1 
ATOM 536 C "C2'" . DT D 4 1  ? 7.078   13.375  17.207  1.00 113.87 ? 1  DT D "C2'" 1 
ATOM 537 C "C1'" . DT D 4 1  ? 6.160   14.079  18.205  1.00 98.71  ? 1  DT D "C1'" 1 
ATOM 538 N N1    . DT D 4 1  ? 4.888   14.544  17.616  1.00 102.13 ? 1  DT D N1    1 
ATOM 539 C C2    . DT D 4 1  ? 3.687   14.200  18.209  1.00 103.53 ? 1  DT D C2    1 
ATOM 540 O O2    . DT D 4 1  ? 3.603   13.503  19.211  1.00 80.13  ? 1  DT D O2    1 
ATOM 541 N N3    . DT D 4 1  ? 2.573   14.690  17.566  1.00 99.72  ? 1  DT D N3    1 
ATOM 542 C C4    . DT D 4 1  ? 2.542   15.487  16.431  1.00 113.91 ? 1  DT D C4    1 
ATOM 543 O O4    . DT D 4 1  ? 1.462   15.854  15.968  1.00 117.74 ? 1  DT D O4    1 
ATOM 544 C C5    . DT D 4 1  ? 3.834   15.816  15.871  1.00 113.31 ? 1  DT D C5    1 
ATOM 545 C C7    . DT D 4 1  ? 3.902   16.665  14.641  1.00 118.89 ? 1  DT D C7    1 
ATOM 546 C C6    . DT D 4 1  ? 4.925   15.335  16.484  1.00 115.83 ? 1  DT D C6    1 
ATOM 547 P P     . DC D 4 2  ? 9.687   11.653  18.324  1.00 140.25 ? 2  DC D P     1 
ATOM 548 O OP1   . DC D 4 2  ? 11.121  11.905  17.992  1.00 113.99 ? 2  DC D OP1   1 
ATOM 549 O OP2   . DC D 4 2  ? 8.812   10.906  17.373  1.00 129.21 ? 2  DC D OP2   1 
ATOM 550 O "O5'" . DC D 4 2  ? 9.603   10.874  19.704  1.00 125.37 ? 2  DC D "O5'" 1 
ATOM 551 C "C5'" . DC D 4 2  ? 9.144   9.519   19.746  1.00 113.57 ? 2  DC D "C5'" 1 
ATOM 552 C "C4'" . DC D 4 2  ? 7.772   9.477   20.369  1.00 104.09 ? 2  DC D "C4'" 1 
ATOM 553 O "O4'" . DC D 4 2  ? 6.824   10.292  19.633  1.00 99.02  ? 2  DC D "O4'" 1 
ATOM 554 C "C3'" . DC D 4 2  ? 7.169   8.073   20.415  1.00 103.18 ? 2  DC D "C3'" 1 
ATOM 555 O "O3'" . DC D 4 2  ? 6.957   7.657   21.764  1.00 106.91 ? 2  DC D "O3'" 1 
ATOM 556 C "C2'" . DC D 4 2  ? 5.863   8.226   19.655  1.00 106.52 ? 2  DC D "C2'" 1 
ATOM 557 C "C1'" . DC D 4 2  ? 5.561   9.684   19.847  1.00 91.67  ? 2  DC D "C1'" 1 
ATOM 558 N N1    . DC D 4 2  ? 4.585   10.231  18.878  1.00 81.16  ? 2  DC D N1    1 
ATOM 559 C C2    . DC D 4 2  ? 3.205   10.065  19.114  1.00 87.69  ? 2  DC D C2    1 
ATOM 560 O O2    . DC D 4 2  ? 2.835   9.496   20.151  1.00 96.24  ? 2  DC D O2    1 
ATOM 561 N N3    . DC D 4 2  ? 2.316   10.558  18.217  1.00 72.03  ? 2  DC D N3    1 
ATOM 562 C C4    . DC D 4 2  ? 2.757   11.164  17.107  1.00 85.79  ? 2  DC D C4    1 
ATOM 563 N N4    . DC D 4 2  ? 1.851   11.634  16.244  1.00 86.09  ? 2  DC D N4    1 
ATOM 564 C C5    . DC D 4 2  ? 4.150   11.339  16.843  1.00 68.57  ? 2  DC D C5    1 
ATOM 565 C C6    . DC D 4 2  ? 5.018   10.846  17.737  1.00 77.72  ? 2  DC D C6    1 
ATOM 566 P P     . DT D 4 3  ? 6.284   6.217   22.076  1.00 128.85 ? 3  DT D P     1 
ATOM 567 O OP1   . DT D 4 3  ? 6.200   6.039   23.547  1.00 129.47 ? 3  DT D OP1   1 
ATOM 568 O OP2   . DT D 4 3  ? 6.974   5.203   21.250  1.00 107.08 ? 3  DT D OP2   1 
ATOM 569 O "O5'" . DT D 4 3  ? 4.783   6.376   21.569  1.00 109.99 ? 3  DT D "O5'" 1 
ATOM 570 C "C5'" . DT D 4 3  ? 3.679   6.548   22.469  1.00 106.68 ? 3  DT D "C5'" 1 
ATOM 571 C "C4'" . DT D 4 3  ? 2.452   5.955   21.821  1.00 117.85 ? 3  DT D "C4'" 1 
ATOM 572 O "O4'" . DT D 4 3  ? 2.139   6.686   20.607  1.00 122.56 ? 3  DT D "O4'" 1 
ATOM 573 C "C3'" . DT D 4 3  ? 2.653   4.505   21.389  1.00 121.13 ? 3  DT D "C3'" 1 
ATOM 574 O "O3'" . DT D 4 3  ? 1.503   3.738   21.750  1.00 126.73 ? 3  DT D "O3'" 1 
ATOM 575 C "C2'" . DT D 4 3  ? 2.937   4.622   19.904  1.00 116.75 ? 3  DT D "C2'" 1 
ATOM 576 C "C1'" . DT D 4 3  ? 2.032   5.778   19.528  1.00 107.52 ? 3  DT D "C1'" 1 
ATOM 577 N N1    . DT D 4 3  ? 2.319   6.518   18.266  1.00 94.65  ? 3  DT D N1    1 
ATOM 578 C C2    . DT D 4 3  ? 1.239   7.017   17.571  1.00 88.99  ? 3  DT D C2    1 
ATOM 579 O O2    . DT D 4 3  ? 0.082   6.881   17.942  1.00 83.95  ? 3  DT D O2    1 
ATOM 580 N N3    . DT D 4 3  ? 1.562   7.682   16.414  1.00 80.04  ? 3  DT D N3    1 
ATOM 581 C C4    . DT D 4 3  ? 2.823   7.890   15.891  1.00 101.79 ? 3  DT D C4    1 
ATOM 582 O O4    . DT D 4 3  ? 2.954   8.520   14.839  1.00 116.22 ? 3  DT D O4    1 
ATOM 583 C C5    . DT D 4 3  ? 3.910   7.334   16.665  1.00 97.15  ? 3  DT D C5    1 
ATOM 584 C C7    . DT D 4 3  ? 5.312   7.499   16.169  1.00 98.73  ? 3  DT D C7    1 
ATOM 585 C C6    . DT D 4 3  ? 3.607   6.679   17.795  1.00 97.69  ? 3  DT D C6    1 
ATOM 586 P P     . DG D 4 4  ? 1.640   2.771   22.985  1.00 132.75 ? 4  DG D P     1 
ATOM 587 O OP1   . DG D 4 4  ? 1.797   3.616   24.200  1.00 117.88 ? 4  DG D OP1   1 
ATOM 588 O OP2   . DG D 4 4  ? 2.679   1.768   22.611  1.00 97.13  ? 4  DG D OP2   1 
ATOM 589 O "O5'" . DG D 4 4  ? 0.194   2.138   23.154  1.00 103.42 ? 4  DG D "O5'" 1 
ATOM 590 C "C5'" . DG D 4 4  ? -0.982  2.946   23.051  1.00 110.25 ? 4  DG D "C5'" 1 
ATOM 591 C "C4'" . DG D 4 4  ? -1.834  2.406   21.931  1.00 110.07 ? 4  DG D "C4'" 1 
ATOM 592 O "O4'" . DG D 4 4  ? -1.387  2.938   20.663  1.00 127.36 ? 4  DG D "O4'" 1 
ATOM 593 C "C3'" . DG D 4 4  ? -1.787  0.884   21.805  1.00 104.78 ? 4  DG D "C3'" 1 
ATOM 594 O "O3'" . DG D 4 4  ? -3.128  0.501   22.087  1.00 116.20 ? 4  DG D "O3'" 1 
ATOM 595 C "C2'" . DG D 4 4  ? -1.147  0.627   20.443  1.00 106.83 ? 4  DG D "C2'" 1 
ATOM 596 C "C1'" . DG D 4 4  ? -1.350  1.922   19.671  1.00 102.17 ? 4  DG D "C1'" 1 
ATOM 597 N N9    . DG D 4 4  ? -0.313  2.298   18.704  1.00 90.85  ? 4  DG D N9    1 
ATOM 598 C C8    . DG D 4 4  ? 1.026   1.983   18.754  1.00 99.03  ? 4  DG D C8    1 
ATOM 599 N N7    . DG D 4 4  ? 1.716   2.512   17.775  1.00 89.30  ? 4  DG D N7    1 
ATOM 600 C C5    . DG D 4 4  ? 0.789   3.269   17.070  1.00 74.54  ? 4  DG D C5    1 
ATOM 601 C C6    . DG D 4 4  ? 0.947   4.053   15.896  1.00 77.98  ? 4  DG D C6    1 
ATOM 602 O O6    . DG D 4 4  ? 1.980   4.286   15.256  1.00 91.17  ? 4  DG D O6    1 
ATOM 603 N N1    . DG D 4 4  ? -0.258  4.612   15.488  1.00 69.69  ? 4  DG D N1    1 
ATOM 604 C C2    . DG D 4 4  ? -1.467  4.425   16.116  1.00 87.10  ? 4  DG D C2    1 
ATOM 605 N N2    . DG D 4 4  ? -2.518  5.063   15.577  1.00 108.61 ? 4  DG D N2    1 
ATOM 606 N N3    . DG D 4 4  ? -1.634  3.679   17.198  1.00 75.96  ? 4  DG D N3    1 
ATOM 607 C C4    . DG D 4 4  ? -0.470  3.142   17.624  1.00 80.43  ? 4  DG D C4    1 
ATOM 608 P P     . DA D 4 5  ? -3.729  -0.803  21.473  1.00 125.67 ? 5  DA D P     1 
ATOM 609 O OP1   . DA D 4 5  ? -4.862  -1.237  22.349  1.00 98.83  ? 5  DA D OP1   1 
ATOM 610 O OP2   . DA D 4 5  ? -2.598  -1.728  21.196  1.00 114.96 ? 5  DA D OP2   1 
ATOM 611 O "O5'" . DA D 4 5  ? -4.306  -0.274  20.087  1.00 119.91 ? 5  DA D "O5'" 1 
ATOM 612 C "C5'" . DA D 4 5  ? -5.316  0.745   20.049  1.00 114.09 ? 5  DA D "C5'" 1 
ATOM 613 C "C4'" . DA D 4 5  ? -6.107  0.638   18.765  1.00 109.36 ? 5  DA D "C4'" 1 
ATOM 614 O "O4'" . DA D 4 5  ? -5.298  1.034   17.635  1.00 104.78 ? 5  DA D "O4'" 1 
ATOM 615 C "C3'" . DA D 4 5  ? -6.602  -0.762  18.429  1.00 98.85  ? 5  DA D "C3'" 1 
ATOM 616 O "O3'" . DA D 4 5  ? -7.841  -0.562  17.764  1.00 106.56 ? 5  DA D "O3'" 1 
ATOM 617 C "C2'" . DA D 4 5  ? -5.480  -1.332  17.579  1.00 89.35  ? 5  DA D "C2'" 1 
ATOM 618 C "C1'" . DA D 4 5  ? -4.949  -0.102  16.852  1.00 97.69  ? 5  DA D "C1'" 1 
ATOM 619 N N9    . DA D 4 5  ? -3.506  -0.058  16.630  1.00 83.04  ? 5  DA D N9    1 
ATOM 620 C C8    . DA D 4 5  ? -2.494  -0.644  17.351  1.00 88.25  ? 5  DA D C8    1 
ATOM 621 N N7    . DA D 4 5  ? -1.293  -0.383  16.886  1.00 88.29  ? 5  DA D N7    1 
ATOM 622 C C5    . DA D 4 5  ? -1.532  0.416   15.776  1.00 82.99  ? 5  DA D C5    1 
ATOM 623 C C6    . DA D 4 5  ? -0.671  1.024   14.839  1.00 88.58  ? 5  DA D C6    1 
ATOM 624 N N6    . DA D 4 5  ? 0.660   0.906   14.871  1.00 98.97  ? 5  DA D N6    1 
ATOM 625 N N1    . DA D 4 5  ? -1.231  1.762   13.853  1.00 79.94  ? 5  DA D N1    1 
ATOM 626 C C2    . DA D 4 5  ? -2.567  1.870   13.817  1.00 92.57  ? 5  DA D C2    1 
ATOM 627 N N3    . DA D 4 5  ? -3.481  1.347   14.641  1.00 91.18  ? 5  DA D N3    1 
ATOM 628 C C4    . DA D 4 5  ? -2.890  0.629   15.611  1.00 88.22  ? 5  DA D C4    1 
ATOM 629 P P     . DG D 4 6  ? -8.538  -1.768  17.023  1.00 123.80 ? 6  DG D P     1 
ATOM 630 O OP1   . DG D 4 6  ? -10.011 -1.658  17.198  1.00 118.10 ? 6  DG D OP1   1 
ATOM 631 O OP2   . DG D 4 6  ? -7.828  -3.005  17.408  1.00 105.56 ? 6  DG D OP2   1 
ATOM 632 O "O5'" . DG D 4 6  ? -8.206  -1.449  15.505  1.00 108.95 ? 6  DG D "O5'" 1 
ATOM 633 C "C5'" . DG D 4 6  ? -8.225  -0.105  15.018  1.00 91.71  ? 6  DG D "C5'" 1 
ATOM 634 C "C4'" . DG D 4 6  ? -8.051  -0.156  13.523  1.00 85.93  ? 6  DG D "C4'" 1 
ATOM 635 O "O4'" . DG D 4 6  ? -6.651  -0.084  13.160  1.00 80.92  ? 6  DG D "O4'" 1 
ATOM 636 C "C3'" . DG D 4 6  ? -8.570  -1.450  12.916  1.00 75.67  ? 6  DG D "C3'" 1 
ATOM 637 O "O3'" . DG D 4 6  ? -9.234  -1.076  11.724  1.00 89.18  ? 6  DG D "O3'" 1 
ATOM 638 C "C2'" . DG D 4 6  ? -7.307  -2.264  12.697  1.00 78.16  ? 6  DG D "C2'" 1 
ATOM 639 C "C1'" . DG D 4 6  ? -6.275  -1.205  12.381  1.00 62.21  ? 6  DG D "C1'" 1 
ATOM 640 N N9    . DG D 4 6  ? -4.912  -1.552  12.757  1.00 56.33  ? 6  DG D N9    1 
ATOM 641 C C8    . DG D 4 6  ? -4.536  -2.229  13.894  1.00 65.09  ? 6  DG D C8    1 
ATOM 642 N N7    . DG D 4 6  ? -3.237  -2.313  14.036  1.00 73.69  ? 6  DG D N7    1 
ATOM 643 C C5    . DG D 4 6  ? -2.721  -1.621  12.945  1.00 50.72  ? 6  DG D C5    1 
ATOM 644 C C6    . DG D 4 6  ? -1.372  -1.418  12.538  1.00 64.82  ? 6  DG D C6    1 
ATOM 645 O O6    . DG D 4 6  ? -0.328  -1.791  13.099  1.00 73.43  ? 6  DG D O6    1 
ATOM 646 N N1    . DG D 4 6  ? -1.293  -0.677  11.360  1.00 50.74  ? 6  DG D N1    1 
ATOM 647 C C2    . DG D 4 6  ? -2.367  -0.237  10.639  1.00 53.11  ? 6  DG D C2    1 
ATOM 648 N N2    . DG D 4 6  ? -2.061  0.450   9.523   1.00 52.03  ? 6  DG D N2    1 
ATOM 649 N N3    . DG D 4 6  ? -3.641  -0.452  10.984  1.00 44.27  ? 6  DG D N3    1 
ATOM 650 C C4    . DG D 4 6  ? -3.739  -1.149  12.139  1.00 53.69  ? 6  DG D C4    1 
ATOM 651 P P     . DT D 4 7  ? -9.749  -2.190  10.769  1.00 104.97 ? 7  DT D P     1 
ATOM 652 O OP1   . DT D 4 7  ? -11.027 -1.742  10.193  1.00 94.52  ? 7  DT D OP1   1 
ATOM 653 O OP2   . DT D 4 7  ? -9.671  -3.495  11.523  1.00 74.77  ? 7  DT D OP2   1 
ATOM 654 O "O5'" . DT D 4 7  ? -8.654  -2.143  9.620   1.00 89.44  ? 7  DT D "O5'" 1 
ATOM 655 C "C5'" . DT D 4 7  ? -8.274  -0.924  8.960   1.00 89.49  ? 7  DT D "C5'" 1 
ATOM 656 C "C4'" . DT D 4 7  ? -7.394  -1.283  7.782   1.00 98.25  ? 7  DT D "C4'" 1 
ATOM 657 O "O4'" . DT D 4 7  ? -6.035  -1.497  8.260   1.00 92.94  ? 7  DT D "O4'" 1 
ATOM 658 C "C3'" . DT D 4 7  ? -7.805  -2.610  7.128   1.00 87.60  ? 7  DT D "C3'" 1 
ATOM 659 O "O3'" . DT D 4 7  ? -7.451  -2.826  5.748   1.00 88.96  ? 7  DT D "O3'" 1 
ATOM 660 C "C2'" . DT D 4 7  ? -6.955  -3.592  7.906   1.00 80.28  ? 7  DT D "C2'" 1 
ATOM 661 C "C1'" . DT D 4 7  ? -5.644  -2.809  7.918   1.00 63.07  ? 7  DT D "C1'" 1 
ATOM 662 N N1    . DT D 4 7  ? -4.588  -3.261  8.860   1.00 54.21  ? 7  DT D N1    1 
ATOM 663 C C2    . DT D 4 7  ? -3.255  -3.054  8.544   1.00 66.13  ? 7  DT D C2    1 
ATOM 664 O O2    . DT D 4 7  ? -2.886  -2.492  7.526   1.00 73.28  ? 7  DT D O2    1 
ATOM 665 N N3    . DT D 4 7  ? -2.364  -3.523  9.477   1.00 63.30  ? 7  DT D N3    1 
ATOM 666 C C4    . DT D 4 7  ? -2.661  -4.190  10.650  1.00 79.04  ? 7  DT D C4    1 
ATOM 667 O O4    . DT D 4 7  ? -1.748  -4.575  11.384  1.00 90.64  ? 7  DT D O4    1 
ATOM 668 C C5    . DT D 4 7  ? -4.075  -4.382  10.911  1.00 62.96  ? 7  DT D C5    1 
ATOM 669 C C7    . DT D 4 7  ? -4.494  -5.079  12.165  1.00 68.93  ? 7  DT D C7    1 
ATOM 670 C C6    . DT D 4 7  ? -4.952  -3.918  10.016  1.00 55.43  ? 7  DT D C6    1 
ATOM 671 P P     . DG D 4 8  ? -8.171  -2.059  4.524   1.00 96.76  ? 8  DG D P     1 
ATOM 672 O OP1   . DG D 4 8  ? -8.484  -0.674  4.980   1.00 94.28  ? 8  DG D OP1   1 
ATOM 673 O OP2   . DG D 4 8  ? -9.251  -2.926  3.999   1.00 100.96 ? 8  DG D OP2   1 
ATOM 674 O "O5'" . DG D 4 8  ? -7.041  -2.087  3.394   1.00 70.28  ? 8  DG D "O5'" 1 
ATOM 675 C "C5'" . DG D 4 8  ? -5.832  -1.379  3.619   1.00 78.07  ? 8  DG D "C5'" 1 
ATOM 676 C "C4'" . DG D 4 8  ? -4.913  -1.421  2.424   1.00 79.36  ? 8  DG D "C4'" 1 
ATOM 677 O "O4'" . DG D 4 8  ? -3.767  -2.221  2.749   1.00 77.45  ? 8  DG D "O4'" 1 
ATOM 678 C "C3'" . DG D 4 8  ? -5.456  -2.067  1.164   1.00 75.81  ? 8  DG D "C3'" 1 
ATOM 679 O "O3'" . DG D 4 8  ? -4.659  -1.442  0.161   1.00 78.03  ? 8  DG D "O3'" 1 
ATOM 680 C "C2'" . DG D 4 8  ? -5.247  -3.541  1.469   1.00 91.38  ? 8  DG D "C2'" 1 
ATOM 681 C "C1'" . DG D 4 8  ? -4.093  -3.565  2.478   1.00 84.47  ? 8  DG D "C1'" 1 
ATOM 682 N N9    . DG D 4 8  ? -4.320  -4.231  3.760   1.00 82.81  ? 8  DG D N9    1 
ATOM 683 C C8    . DG D 4 8  ? -5.513  -4.557  4.360   1.00 86.96  ? 8  DG D C8    1 
ATOM 684 N N7    . DG D 4 8  ? -5.360  -5.182  5.499   1.00 75.17  ? 8  DG D N7    1 
ATOM 685 C C5    . DG D 4 8  ? -3.984  -5.256  5.668   1.00 69.31  ? 8  DG D C5    1 
ATOM 686 C C6    . DG D 4 8  ? -3.216  -5.817  6.719   1.00 78.15  ? 8  DG D C6    1 
ATOM 687 O O6    . DG D 4 8  ? -3.612  -6.349  7.762   1.00 85.81  ? 8  DG D O6    1 
ATOM 688 N N1    . DG D 4 8  ? -1.852  -5.711  6.470   1.00 63.81  ? 8  DG D N1    1 
ATOM 689 C C2    . DG D 4 8  ? -1.298  -5.128  5.359   1.00 72.80  ? 8  DG D C2    1 
ATOM 690 N N2    . DG D 4 8  ? 0.043   -5.099  5.305   1.00 64.43  ? 8  DG D N2    1 
ATOM 691 N N3    . DG D 4 8  ? -2.004  -4.597  4.375   1.00 77.47  ? 8  DG D N3    1 
ATOM 692 C C4    . DG D 4 8  ? -3.329  -4.695  4.593   1.00 76.30  ? 8  DG D C4    1 
ATOM 693 P P     . DG D 4 9  ? -4.144  -2.239  -1.078  1.00 81.32  ? 9  DG D P     1 
ATOM 694 O OP1   . DG D 4 9  ? -3.560  -1.309  -2.044  1.00 82.02  ? 9  DG D OP1   1 
ATOM 695 O OP2   . DG D 4 9  ? -5.208  -3.152  -1.503  1.00 78.82  ? 9  DG D OP2   1 
ATOM 696 O "O5'" . DG D 4 9  ? -2.849  -2.941  -0.513  1.00 78.28  ? 9  DG D "O5'" 1 
ATOM 697 C "C5'" . DG D 4 9  ? -1.818  -3.359  -1.422  1.00 75.99  ? 9  DG D "C5'" 1 
ATOM 698 C "C4'" . DG D 4 9  ? -1.398  -4.751  -1.031  1.00 70.61  ? 9  DG D "C4'" 1 
ATOM 699 O "O4'" . DG D 4 9  ? -2.131  -5.161  0.152   1.00 78.93  ? 9  DG D "O4'" 1 
ATOM 700 C "C3'" . DG D 4 9  ? -1.707  -5.828  -2.062  1.00 62.72  ? 9  DG D "C3'" 1 
ATOM 701 O "O3'" . DG D 4 9  ? -0.474  -6.398  -2.445  1.00 59.09  ? 9  DG D "O3'" 1 
ATOM 702 C "C2'" . DG D 4 9  ? -2.472  -6.875  -1.268  1.00 77.92  ? 9  DG D "C2'" 1 
ATOM 703 C "C1'" . DG D 4 9  ? -2.040  -6.560  0.139   1.00 67.42  ? 9  DG D "C1'" 1 
ATOM 704 N N9    . DG D 4 9  ? -2.810  -7.083  1.267   1.00 68.21  ? 9  DG D N9    1 
ATOM 705 C C8    . DG D 4 9  ? -4.174  -7.079  1.431   1.00 79.68  ? 9  DG D C8    1 
ATOM 706 N N7    . DG D 4 9  ? -4.553  -7.535  2.594   1.00 65.26  ? 9  DG D N7    1 
ATOM 707 C C5    . DG D 4 9  ? -3.368  -7.843  3.242   1.00 66.67  ? 9  DG D C5    1 
ATOM 708 C C6    . DG D 4 9  ? -3.143  -8.406  4.522   1.00 78.80  ? 9  DG D C6    1 
ATOM 709 O O6    . DG D 4 9  ? -3.975  -8.744  5.375   1.00 83.44  ? 9  DG D O6    1 
ATOM 710 N N1    . DG D 4 9  ? -1.790  -8.573  4.776   1.00 70.29  ? 9  DG D N1    1 
ATOM 711 C C2    . DG D 4 9  ? -0.777  -8.218  3.915   1.00 75.62  ? 9  DG D C2    1 
ATOM 712 N N2    . DG D 4 9  ? 0.471   -8.425  4.349   1.00 75.34  ? 9  DG D N2    1 
ATOM 713 N N3    . DG D 4 9  ? -0.973  -7.691  2.721   1.00 63.99  ? 9  DG D N3    1 
ATOM 714 C C4    . DG D 4 9  ? -2.283  -7.550  2.444   1.00 66.58  ? 9  DG D C4    1 
ATOM 715 P P     . DC D 4 10 ? 0.370   -5.642  -3.477  1.00 80.20  ? 10 DC D P     1 
ATOM 716 O OP1   . DC D 4 10 ? 1.684   -6.312  -3.601  1.00 68.24  ? 10 DC D OP1   1 
ATOM 717 O OP2   . DC D 4 10 ? 0.302   -4.215  -3.114  1.00 74.18  ? 10 DC D OP2   1 
ATOM 718 O "O5'" . DC D 4 10 ? -0.360  -6.003  -4.836  1.00 67.85  ? 10 DC D "O5'" 1 
ATOM 719 C "C5'" . DC D 4 10 ? -0.038  -7.270  -5.430  1.00 77.42  ? 10 DC D "C5'" 1 
ATOM 720 C "C4'" . DC D 4 10 ? -0.459  -7.298  -6.877  1.00 75.90  ? 10 DC D "C4'" 1 
ATOM 721 O "O4'" . DC D 4 10 ? -1.834  -6.894  -7.023  1.00 64.61  ? 10 DC D "O4'" 1 
ATOM 722 C "C3'" . DC D 4 10 ? 0.312   -6.314  -7.728  1.00 66.77  ? 10 DC D "C3'" 1 
ATOM 723 O "O3'" . DC D 4 10 ? 1.465   -6.974  -8.202  1.00 79.24  ? 10 DC D "O3'" 1 
ATOM 724 C "C2'" . DC D 4 10 ? -0.616  -6.126  -8.892  1.00 72.20  ? 10 DC D "C2'" 1 
ATOM 725 C "C1'" . DC D 4 10 ? -1.988  -6.210  -8.257  1.00 61.63  ? 10 DC D "C1'" 1 
ATOM 726 N N1    . DC D 4 10 ? -2.594  -4.903  -7.992  1.00 60.01  ? 10 DC D N1    1 
ATOM 727 C C2    . DC D 4 10 ? -2.929  -4.103  -9.078  1.00 68.29  ? 10 DC D C2    1 
ATOM 728 O O2    . DC D 4 10 ? -2.677  -4.511  -10.221 1.00 74.06  ? 10 DC D O2    1 
ATOM 729 N N3    . DC D 4 10 ? -3.495  -2.894  -8.862  1.00 62.16  ? 10 DC D N3    1 
ATOM 730 C C4    . DC D 4 10 ? -3.743  -2.489  -7.620  1.00 61.18  ? 10 DC D C4    1 
ATOM 731 N N4    . DC D 4 10 ? -4.321  -1.298  -7.456  1.00 65.20  ? 10 DC D N4    1 
ATOM 732 C C5    . DC D 4 10 ? -3.430  -3.291  -6.493  1.00 56.54  ? 10 DC D C5    1 
ATOM 733 C C6    . DC D 4 10 ? -2.855  -4.480  -6.721  1.00 66.08  ? 10 DC D C6    1 
ATOM 734 P P     . DG D 4 11 ? 2.837   -6.215  -8.209  1.00 91.24  ? 11 DG D P     1 
ATOM 735 O OP1   . DG D 4 11 ? 3.901   -7.235  -8.367  1.00 82.86  ? 11 DG D OP1   1 
ATOM 736 O OP2   . DG D 4 11 ? 2.846   -5.235  -7.100  1.00 75.92  ? 11 DG D OP2   1 
ATOM 737 O "O5'" . DG D 4 11 ? 2.769   -5.407  -9.564  1.00 77.04  ? 11 DG D "O5'" 1 
ATOM 738 C "C5'" . DG D 4 11 ? 2.589   -6.126  -10.783 1.00 86.13  ? 11 DG D "C5'" 1 
ATOM 739 C "C4'" . DG D 4 11 ? 1.883   -5.187  -11.720 1.00 85.03  ? 11 DG D "C4'" 1 
ATOM 740 O "O4'" . DG D 4 11 ? 0.914   -4.467  -10.948 1.00 74.65  ? 11 DG D "O4'" 1 
ATOM 741 C "C3'" . DG D 4 11 ? 2.810   -4.101  -12.223 1.00 92.08  ? 11 DG D "C3'" 1 
ATOM 742 O "O3'" . DG D 4 11 ? 3.306   -4.532  -13.466 1.00 104.57 ? 11 DG D "O3'" 1 
ATOM 743 C "C2'" . DG D 4 11 ? 1.908   -2.883  -12.332 1.00 89.97  ? 11 DG D "C2'" 1 
ATOM 744 C "C1'" . DG D 4 11 ? 0.631   -3.280  -11.625 1.00 66.17  ? 11 DG D "C1'" 1 
ATOM 745 N N9    . DG D 4 11 ? 0.116   -2.344  -10.645 1.00 59.75  ? 11 DG D N9    1 
ATOM 746 C C8    . DG D 4 11 ? 0.194   -2.437  -9.275  1.00 71.53  ? 11 DG D C8    1 
ATOM 747 N N7    . DG D 4 11 ? -0.450  -1.479  -8.660  1.00 63.92  ? 11 DG D N7    1 
ATOM 748 C C5    . DG D 4 11 ? -0.953  -0.690  -9.686  1.00 53.85  ? 11 DG D C5    1 
ATOM 749 C C6    . DG D 4 11 ? -1.756  0.469   -9.633  1.00 69.59  ? 11 DG D C6    1 
ATOM 750 O O6    . DG D 4 11 ? -2.154  1.086   -8.636  1.00 78.25  ? 11 DG D O6    1 
ATOM 751 N N1    . DG D 4 11 ? -2.101  0.911   -10.906 1.00 69.63  ? 11 DG D N1    1 
ATOM 752 C C2    . DG D 4 11 ? -1.726  0.306   -12.078 1.00 81.16  ? 11 DG D C2    1 
ATOM 753 N N2    . DG D 4 11 ? -2.151  0.892   -13.204 1.00 97.51  ? 11 DG D N2    1 
ATOM 754 N N3    . DG D 4 11 ? -0.984  -0.786  -12.141 1.00 68.38  ? 11 DG D N3    1 
ATOM 755 C C4    . DG D 4 11 ? -0.631  -1.224  -10.916 1.00 60.63  ? 11 DG D C4    1 
ATOM 756 P P     . DT D 4 12 ? 4.481   -3.753  -14.129 1.00 116.47 ? 12 DT D P     1 
ATOM 757 O OP1   . DT D 4 12 ? 4.916   -4.595  -15.282 1.00 97.63  ? 12 DT D OP1   1 
ATOM 758 O OP2   . DT D 4 12 ? 5.433   -3.334  -13.062 1.00 108.09 ? 12 DT D OP2   1 
ATOM 759 O "O5'" . DT D 4 12 ? 3.801   -2.409  -14.635 1.00 83.12  ? 12 DT D "O5'" 1 
ATOM 760 C "C5'" . DT D 4 12 ? 3.274   -2.428  -15.953 1.00 85.42  ? 12 DT D "C5'" 1 
ATOM 761 C "C4'" . DT D 4 12 ? 2.494   -1.168  -16.203 1.00 86.42  ? 12 DT D "C4'" 1 
ATOM 762 O "O4'" . DT D 4 12 ? 1.866   -0.756  -14.972 1.00 89.72  ? 12 DT D "O4'" 1 
ATOM 763 C "C3'" . DT D 4 12 ? 3.336   0.023   -16.650 1.00 92.78  ? 12 DT D "C3'" 1 
ATOM 764 O "O3'" . DT D 4 12 ? 2.594   0.734   -17.645 1.00 100.51 ? 12 DT D "O3'" 1 
ATOM 765 C "C2'" . DT D 4 12 ? 3.430   0.860   -15.388 1.00 90.58  ? 12 DT D "C2'" 1 
ATOM 766 C "C1'" . DT D 4 12 ? 2.047   0.633   -14.855 1.00 81.41  ? 12 DT D "C1'" 1 
ATOM 767 N N1    . DT D 4 12 ? 1.864   0.990   -13.456 1.00 77.77  ? 12 DT D N1    1 
ATOM 768 C C2    . DT D 4 12 ? 1.077   2.073   -13.150 1.00 79.76  ? 12 DT D C2    1 
ATOM 769 O O2    . DT D 4 12 ? 0.526   2.756   -13.998 1.00 93.80  ? 12 DT D O2    1 
ATOM 770 N N3    . DT D 4 12 ? 0.975   2.347   -11.809 1.00 85.03  ? 12 DT D N3    1 
ATOM 771 C C4    . DT D 4 12 ? 1.553   1.644   -10.768 1.00 80.22  ? 12 DT D C4    1 
ATOM 772 O O4    . DT D 4 12 ? 1.346   1.993   -9.604  1.00 74.77  ? 12 DT D O4    1 
ATOM 773 C C5    . DT D 4 12 ? 2.355   0.508   -11.165 1.00 67.91  ? 12 DT D C5    1 
ATOM 774 C C7    . DT D 4 12 ? 3.022   -0.316  -10.114 1.00 63.84  ? 12 DT D C7    1 
ATOM 775 C C6    . DT D 4 12 ? 2.471   0.245   -12.472 1.00 78.20  ? 12 DT D C6    1 
ATOM 776 P P     . DC D 4 13 ? 3.230   1.998   -18.367 1.00 112.81 ? 13 DC D P     1 
ATOM 777 O OP1   . DC D 4 13 ? 2.702   2.017   -19.735 1.00 102.26 ? 13 DC D OP1   1 
ATOM 778 O OP2   . DC D 4 13 ? 4.711   1.958   -18.136 1.00 92.69  ? 13 DC D OP2   1 
ATOM 779 O "O5'" . DC D 4 13 ? 2.530   3.242   -17.654 1.00 82.18  ? 13 DC D "O5'" 1 
ATOM 780 C "C5'" . DC D 4 13 ? 1.117   3.375   -17.733 1.00 92.60  ? 13 DC D "C5'" 1 
ATOM 781 C "C4'" . DC D 4 13 ? 0.670   4.779   -17.409 1.00 94.90  ? 13 DC D "C4'" 1 
ATOM 782 O "O4'" . DC D 4 13 ? 0.668   4.984   -15.980 1.00 91.58  ? 13 DC D "O4'" 1 
ATOM 783 C "C3'" . DC D 4 13 ? 1.534   5.898   -17.974 1.00 102.23 ? 13 DC D "C3'" 1 
ATOM 784 O "O3'" . DC D 4 13 ? 0.689   7.044   -18.186 1.00 104.11 ? 13 DC D "O3'" 1 
ATOM 785 C "C2'" . DC D 4 13 ? 2.502   6.162   -16.841 1.00 99.03  ? 13 DC D "C2'" 1 
ATOM 786 C "C1'" . DC D 4 13 ? 1.578   6.021   -15.642 1.00 88.18  ? 13 DC D "C1'" 1 
ATOM 787 N N1    . DC D 4 13 ? 2.205   5.643   -14.372 1.00 83.40  ? 13 DC D N1    1 
ATOM 788 C C2    . DC D 4 13 ? 1.873   6.356   -13.217 1.00 83.33  ? 13 DC D C2    1 
ATOM 789 O O2    . DC D 4 13 ? 1.137   7.349   -13.314 1.00 84.78  ? 13 DC D O2    1 
ATOM 790 N N3    . DC D 4 13 ? 2.382   5.962   -12.027 1.00 90.52  ? 13 DC D N3    1 
ATOM 791 C C4    . DC D 4 13 ? 3.178   4.889   -11.964 1.00 102.82 ? 13 DC D C4    1 
ATOM 792 N N4    . DC D 4 13 ? 3.670   4.544   -10.772 1.00 115.51 ? 13 DC D N4    1 
ATOM 793 C C5    . DC D 4 13 ? 3.508   4.126   -13.124 1.00 95.81  ? 13 DC D C5    1 
ATOM 794 C C6    . DC D 4 13 ? 2.984   4.522   -14.292 1.00 95.69  ? 13 DC D C6    1 
ATOM 795 P P     . DT D 4 14 ? 1.178   8.258   -19.098 1.00 104.52 ? 14 DT D P     1 
ATOM 796 O OP1   . DT D 4 14 ? 0.028   8.729   -19.905 1.00 93.32  ? 14 DT D OP1   1 
ATOM 797 O OP2   . DT D 4 14 ? 2.458   7.833   -19.770 1.00 92.97  ? 14 DT D OP2   1 
ATOM 798 O "O5'" . DT D 4 14 ? 1.341   9.448   -18.051 1.00 96.16  ? 14 DT D "O5'" 1 
ATOM 799 C "C5'" . DT D 4 14 ? 0.171   10.171  -17.622 1.00 109.32 ? 14 DT D "C5'" 1 
ATOM 800 C "C4'" . DT D 4 14 ? 0.520   11.116  -16.496 1.00 118.67 ? 14 DT D "C4'" 1 
ATOM 801 O "O4'" . DT D 4 14 ? 1.079   10.384  -15.378 1.00 122.11 ? 14 DT D "O4'" 1 
ATOM 802 C "C3'" . DT D 4 14 ? 1.560   12.173  -16.856 1.00 123.56 ? 14 DT D "C3'" 1 
ATOM 803 O "O3'" . DT D 4 14 ? 1.245   13.390  -16.187 1.00 136.48 ? 14 DT D "O3'" 1 
ATOM 804 C "C2'" . DT D 4 14 ? 2.833   11.622  -16.258 1.00 115.76 ? 14 DT D "C2'" 1 
ATOM 805 C "C1'" . DT D 4 14 ? 2.293   10.997  -14.988 1.00 107.85 ? 14 DT D "C1'" 1 
ATOM 806 N N1    . DT D 4 14 ? 3.140   9.965   -14.355 1.00 96.67  ? 14 DT D N1    1 
ATOM 807 C C2    . DT D 4 14 ? 3.232   9.943   -12.980 1.00 97.05  ? 14 DT D C2    1 
ATOM 808 O O2    . DT D 4 14 ? 2.670   10.753  -12.257 1.00 105.70 ? 14 DT D O2    1 
ATOM 809 N N3    . DT D 4 14 ? 4.046   8.958   -12.479 1.00 86.27  ? 14 DT D N3    1 
ATOM 810 C C4    . DT D 4 14 ? 4.756   8.019   -13.200 1.00 85.74  ? 14 DT D C4    1 
ATOM 811 O O4    . DT D 4 14 ? 5.443   7.193   -12.612 1.00 111.07 ? 14 DT D O4    1 
ATOM 812 C C5    . DT D 4 14 ? 4.600   8.090   -14.630 1.00 83.23  ? 14 DT D C5    1 
ATOM 813 C C7    . DT D 4 14 ? 5.331   7.107   -15.488 1.00 87.08  ? 14 DT D C7    1 
ATOM 814 C C6    . DT D 4 14 ? 3.815   9.049   -15.131 1.00 80.34  ? 14 DT D C6    1 
ATOM 815 P P     . DG D 4 15 ? 0.552   14.535  -16.997 1.00 140.08 ? 15 DG D P     1 
ATOM 816 O OP1   . DG D 4 15 ? -0.644  13.946  -17.651 1.00 140.02 ? 15 DG D OP1   1 
ATOM 817 O OP2   . DG D 4 15 ? 1.595   15.129  -17.853 1.00 122.00 ? 15 DG D OP2   1 
ATOM 818 O "O5'" . DG D 4 15 ? 0.093   15.577  -15.871 1.00 130.29 ? 15 DG D "O5'" 1 
ATOM 819 C "C5'" . DG D 4 15 ? 0.400   15.437  -14.459 1.00 118.66 ? 15 DG D "C5'" 1 
ATOM 820 C "C4'" . DG D 4 15 ? 1.692   16.135  -14.087 1.00 130.29 ? 15 DG D "C4'" 1 
ATOM 821 O "O4'" . DG D 4 15 ? 2.591   15.162  -13.493 1.00 135.49 ? 15 DG D "O4'" 1 
ATOM 822 C "C3'" . DG D 4 15 ? 2.490   16.805  -15.222 1.00 124.42 ? 15 DG D "C3'" 1 
ATOM 823 O "O3'" . DG D 4 15 ? 3.118   18.044  -14.854 1.00 120.97 ? 15 DG D "O3'" 1 
ATOM 824 C "C2'" . DG D 4 15 ? 3.621   15.827  -15.475 1.00 115.27 ? 15 DG D "C2'" 1 
ATOM 825 C "C1'" . DG D 4 15 ? 3.879   15.334  -14.068 1.00 111.96 ? 15 DG D "C1'" 1 
ATOM 826 N N9    . DG D 4 15 ? 4.614   14.078  -13.954 1.00 105.46 ? 15 DG D N9    1 
ATOM 827 C C8    . DG D 4 15 ? 5.266   13.406  -14.960 1.00 107.17 ? 15 DG D C8    1 
ATOM 828 N N7    . DG D 4 15 ? 5.864   12.322  -14.547 1.00 104.86 ? 15 DG D N7    1 
ATOM 829 C C5    . DG D 4 15 ? 5.633   12.303  -13.180 1.00 93.35  ? 15 DG D C5    1 
ATOM 830 C C6    . DG D 4 15 ? 6.062   11.385  -12.192 1.00 98.74  ? 15 DG D C6    1 
ATOM 831 O O6    . DG D 4 15 ? 6.732   10.357  -12.338 1.00 95.01  ? 15 DG D O6    1 
ATOM 832 N N1    . DG D 4 15 ? 5.598   11.735  -10.929 1.00 99.03  ? 15 DG D N1    1 
ATOM 833 C C2    . DG D 4 15 ? 4.832   12.839  -10.650 1.00 107.14 ? 15 DG D C2    1 
ATOM 834 N N2    . DG D 4 15 ? 4.489   13.012  -9.366  1.00 116.22 ? 15 DG D N2    1 
ATOM 835 N N3    . DG D 4 15 ? 4.439   13.716  -11.561 1.00 102.49 ? 15 DG D N3    1 
ATOM 836 C C4    . DG D 4 15 ? 4.867   13.382  -12.797 1.00 98.28  ? 15 DG D C4    1 
ATOM 837 P P     . DC D 4 16 ? 2.283   19.410  -14.823 1.00 130.85 ? 16 DC D P     1 
ATOM 838 O OP1   . DC D 4 16 ? 0.858   19.080  -15.107 1.00 118.68 ? 16 DC D OP1   1 
ATOM 839 O OP2   . DC D 4 16 ? 2.985   20.413  -15.689 1.00 115.16 ? 16 DC D OP2   1 
ATOM 840 O "O5'" . DC D 4 16 ? 2.343   19.815  -13.277 1.00 135.94 ? 16 DC D "O5'" 1 
ATOM 841 C "C5'" . DC D 4 16 ? 3.579   19.847  -12.525 1.00 149.71 ? 16 DC D "C5'" 1 
ATOM 842 C "C4'" . DC D 4 16 ? 3.470   19.044  -11.247 1.00 154.22 ? 16 DC D "C4'" 1 
ATOM 843 O "O4'" . DC D 4 16 ? 4.053   17.731  -11.438 1.00 173.02 ? 16 DC D "O4'" 1 
ATOM 844 C "C3'" . DC D 4 16 ? 4.247   19.625  -10.072 1.00 155.69 ? 16 DC D "C3'" 1 
ATOM 845 O "O3'" . DC D 4 16 ? 3.700   19.083  -8.866  1.00 135.45 ? 16 DC D "O3'" 1 
ATOM 846 C "C2'" . DC D 4 16 ? 5.638   19.069  -10.317 1.00 164.03 ? 16 DC D "C2'" 1 
ATOM 847 C "C1'" . DC D 4 16 ? 5.285   17.641  -10.704 1.00 166.89 ? 16 DC D "C1'" 1 
ATOM 848 N N1    . DC D 4 16 ? 6.251   16.862  -11.520 1.00 158.58 ? 16 DC D N1    1 
ATOM 849 C C2    . DC D 4 16 ? 6.879   15.746  -10.943 1.00 148.05 ? 16 DC D C2    1 
ATOM 850 O O2    . DC D 4 16 ? 6.678   15.497  -9.743  1.00 134.20 ? 16 DC D O2    1 
ATOM 851 N N3    . DC D 4 16 ? 7.703   14.981  -11.703 1.00 125.00 ? 16 DC D N3    1 
ATOM 852 C C4    . DC D 4 16 ? 7.899   15.287  -12.988 1.00 114.26 ? 16 DC D C4    1 
ATOM 853 N N4    . DC D 4 16 ? 8.725   14.511  -13.696 1.00 105.30 ? 16 DC D N4    1 
ATOM 854 C C5    . DC D 4 16 ? 7.269   16.412  -13.601 1.00 127.77 ? 16 DC D C5    1 
ATOM 855 C C6    . DC D 4 16 ? 6.459   17.162  -12.839 1.00 139.70 ? 16 DC D C6    1 
# 
loop_
_pdbx_poly_seq_scheme.asym_id 
_pdbx_poly_seq_scheme.entity_id 
_pdbx_poly_seq_scheme.seq_id 
_pdbx_poly_seq_scheme.mon_id 
_pdbx_poly_seq_scheme.ndb_seq_num 
_pdbx_poly_seq_scheme.pdb_seq_num 
_pdbx_poly_seq_scheme.auth_seq_num 
_pdbx_poly_seq_scheme.pdb_mon_id 
_pdbx_poly_seq_scheme.auth_mon_id 
_pdbx_poly_seq_scheme.pdb_strand_id 
_pdbx_poly_seq_scheme.pdb_ins_code 
_pdbx_poly_seq_scheme.hetero 
A 1 1  DG 1  1  1  DG DG A . n 
A 1 2  DA 2  2  2  DA DA A . n 
A 1 3  DG 3  3  3  DG DG A . n 
A 1 4  DC 4  4  4  DC DC A . n 
A 1 5  DA 5  5  5  DA DA A . n 
A 1 6  DG 6  6  6  DG DG A . n 
A 1 7  DA 7  7  7  DA DA A . n 
A 1 8  DC 8  8  8  DC DC A . n 
A 1 9  DG 9  9  9  DG DG A . n 
A 1 10 DA 10 10 10 DA DA A . n 
A 1 11 DG 11 11 11 DG DG A . n 
B 2 1  DA 1  12 12 DA DA B . n 
B 2 2  DC 2  13 13 DC DC B . n 
B 2 3  DC 3  14 14 DC DC B . n 
B 2 4  DC 4  15 15 DC DC B . n 
B 2 5  DC 5  16 16 DC DC B . n 
B 2 6  DA 6  17 17 DA DA B . n 
B 2 7  DC 7  18 18 DC DC B . n 
B 2 8  DT 8  19 19 DT DT B . n 
B 2 9  DC 9  20 20 DC DC B . n 
B 2 10 DA 10 21 21 DA DA B . n 
C 3 1  DC 1  1  1  DC DC C . n 
C 3 2  DT 2  2  2  DT DT C . n 
C 3 3  DG 3  3  3  DG DG C . n 
C 3 4  DG 4  4  4  DG DG C . n 
C 3 5  DT 5  5  5  DT DT C . n 
D 4 1  DT 1  1  1  DT DT D . n 
D 4 2  DC 2  2  2  DC DC D . n 
D 4 3  DT 3  3  3  DT DT D . n 
D 4 4  DG 4  4  4  DG DG D . n 
D 4 5  DA 5  5  5  DA DA D . n 
D 4 6  DG 6  6  6  DG DG D . n 
D 4 7  DT 7  7  7  DT DT D . n 
D 4 8  DG 8  8  8  DG DG D . n 
D 4 9  DG 9  9  9  DG DG D . n 
D 4 10 DC 10 10 10 DC DC D . n 
D 4 11 DG 11 11 11 DG DG D . n 
D 4 12 DT 12 12 12 DT DT D . n 
D 4 13 DC 13 13 13 DC DC D . n 
D 4 14 DT 14 14 14 DT DT D . n 
D 4 15 DG 15 15 15 DG DG D . n 
D 4 16 DC 16 16 16 DC DC D . n 
# 
_pdbx_struct_assembly.id                   1 
_pdbx_struct_assembly.details              author_and_software_defined_assembly 
_pdbx_struct_assembly.method_details       PISA 
_pdbx_struct_assembly.oligomeric_details   tetrameric 
_pdbx_struct_assembly.oligomeric_count     4 
# 
_pdbx_struct_assembly_gen.assembly_id       1 
_pdbx_struct_assembly_gen.oper_expression   1 
_pdbx_struct_assembly_gen.asym_id_list      A,B,C,D 
# 
loop_
_pdbx_struct_assembly_prop.biol_id 
_pdbx_struct_assembly_prop.type 
_pdbx_struct_assembly_prop.value 
_pdbx_struct_assembly_prop.details 
1 'ABSA (A^2)' 2360 ? 
1 MORE         -6   ? 
1 'SSA (A^2)'  7830 ? 
# 
_pdbx_struct_oper_list.id                   1 
_pdbx_struct_oper_list.type                 'identity operation' 
_pdbx_struct_oper_list.name                 1_555 
_pdbx_struct_oper_list.symmetry_operation   x,y,z 
_pdbx_struct_oper_list.matrix[1][1]         1.0000000000 
_pdbx_struct_oper_list.matrix[1][2]         0.0000000000 
_pdbx_struct_oper_list.matrix[1][3]         0.0000000000 
_pdbx_struct_oper_list.vector[1]            0.0000000000 
_pdbx_struct_oper_list.matrix[2][1]         0.0000000000 
_pdbx_struct_oper_list.matrix[2][2]         1.0000000000 
_pdbx_struct_oper_list.matrix[2][3]         0.0000000000 
_pdbx_struct_oper_list.vector[2]            0.0000000000 
_pdbx_struct_oper_list.matrix[3][1]         0.0000000000 
_pdbx_struct_oper_list.matrix[3][2]         0.0000000000 
_pdbx_struct_oper_list.matrix[3][3]         1.0000000000 
_pdbx_struct_oper_list.vector[3]            0.0000000000 
# 
loop_
_pdbx_audit_revision_history.ordinal 
_pdbx_audit_revision_history.data_content_type 
_pdbx_audit_revision_history.major_revision 
_pdbx_audit_revision_history.minor_revision 
_pdbx_audit_revision_history.revision_date 
1 'Structure model' 1 0 2021-07-14 
2 'Structure model' 1 1 2022-07-06 
3 'Structure model' 1 2 2023-10-18 
# 
_pdbx_audit_revision_details.ordinal             1 
_pdbx_audit_revision_details.revision_ordinal    1 
_pdbx_audit_revision_details.data_content_type   'Structure model' 
_pdbx_audit_revision_details.provider            repository 
_pdbx_audit_revision_details.type                'Initial release' 
_pdbx_audit_revision_details.description         ? 
_pdbx_audit_revision_details.details             ? 
# 
loop_
_pdbx_audit_revision_group.ordinal 
_pdbx_audit_revision_group.revision_ordinal 
_pdbx_audit_revision_group.data_content_type 
_pdbx_audit_revision_group.group 
1 2 'Structure model' 'Database references'    
2 3 'Structure model' 'Data collection'        
3 3 'Structure model' 'Refinement description' 
# 
loop_
_pdbx_audit_revision_category.ordinal 
_pdbx_audit_revision_category.revision_ordinal 
_pdbx_audit_revision_category.data_content_type 
_pdbx_audit_revision_category.category 
1 2 'Structure model' citation                      
2 2 'Structure model' citation_author               
3 2 'Structure model' database_2                    
4 3 'Structure model' chem_comp_atom                
5 3 'Structure model' chem_comp_bond                
6 3 'Structure model' pdbx_initial_refinement_model 
# 
loop_
_pdbx_audit_revision_item.ordinal 
_pdbx_audit_revision_item.revision_ordinal 
_pdbx_audit_revision_item.data_content_type 
_pdbx_audit_revision_item.item 
1  2 'Structure model' '_citation.country'                   
2  2 'Structure model' '_citation.journal_abbrev'            
3  2 'Structure model' '_citation.journal_id_CSD'            
4  2 'Structure model' '_citation.journal_id_ISSN'           
5  2 'Structure model' '_citation.journal_volume'            
6  2 'Structure model' '_citation.page_first'                
7  2 'Structure model' '_citation.page_last'                 
8  2 'Structure model' '_citation.pdbx_database_id_DOI'      
9  2 'Structure model' '_citation.pdbx_database_id_PubMed'   
10 2 'Structure model' '_citation.title'                     
11 2 'Structure model' '_citation.year'                      
12 2 'Structure model' '_database_2.pdbx_DOI'                
13 2 'Structure model' '_database_2.pdbx_database_accession' 
# 
loop_
_software.citation_id 
_software.classification 
_software.compiler_name 
_software.compiler_version 
_software.contact_author 
_software.contact_author_email 
_software.date 
_software.description 
_software.dependencies 
_software.hardware 
_software.language 
_software.location 
_software.mods 
_software.name 
_software.os 
_software.os_version 
_software.type 
_software.version 
_software.pdbx_ordinal 
? refinement        ? ? ? ? ? ? ? ? ? ? ? REFMAC      ? ? ? 5.8.0131 1 
? 'data reduction'  ? ? ? ? ? ? ? ? ? ? ? HKL-2000    ? ? ? .        2 
? 'data scaling'    ? ? ? ? ? ? ? ? ? ? ? HKL-2000    ? ? ? .        3 
? 'data extraction' ? ? ? ? ? ? ? ? ? ? ? PDB_EXTRACT ? ? ? 3.25     4 
? phasing           ? ? ? ? ? ? ? ? ? ? ? PHASER      ? ? ? .        5 
# 
loop_
_pdbx_validate_symm_contact.id 
_pdbx_validate_symm_contact.PDB_model_num 
_pdbx_validate_symm_contact.auth_atom_id_1 
_pdbx_validate_symm_contact.auth_asym_id_1 
_pdbx_validate_symm_contact.auth_comp_id_1 
_pdbx_validate_symm_contact.auth_seq_id_1 
_pdbx_validate_symm_contact.PDB_ins_code_1 
_pdbx_validate_symm_contact.label_alt_id_1 
_pdbx_validate_symm_contact.site_symmetry_1 
_pdbx_validate_symm_contact.auth_atom_id_2 
_pdbx_validate_symm_contact.auth_asym_id_2 
_pdbx_validate_symm_contact.auth_comp_id_2 
_pdbx_validate_symm_contact.auth_seq_id_2 
_pdbx_validate_symm_contact.PDB_ins_code_2 
_pdbx_validate_symm_contact.label_alt_id_2 
_pdbx_validate_symm_contact.site_symmetry_2 
_pdbx_validate_symm_contact.dist 
1 1 "O3'" A DG 11 ? ? 1_555 OP1   B DA 12 ? ? 3_565 1.51 
2 1 OP1   C DC 1  ? ? 1_555 "O3'" C DT 5  ? ? 3_565 1.58 
3 1 OP2   C DC 1  ? ? 1_555 "O3'" C DT 5  ? ? 3_565 1.95 
4 1 P     C DC 1  ? ? 1_555 "O3'" C DT 5  ? ? 3_565 1.98 
5 1 "O3'" A DG 11 ? ? 1_555 P     B DA 12 ? ? 3_565 2.02 
# 
loop_
_pdbx_validate_rmsd_bond.id 
_pdbx_validate_rmsd_bond.PDB_model_num 
_pdbx_validate_rmsd_bond.auth_atom_id_1 
_pdbx_validate_rmsd_bond.auth_asym_id_1 
_pdbx_validate_rmsd_bond.auth_comp_id_1 
_pdbx_validate_rmsd_bond.auth_seq_id_1 
_pdbx_validate_rmsd_bond.PDB_ins_code_1 
_pdbx_validate_rmsd_bond.label_alt_id_1 
_pdbx_validate_rmsd_bond.auth_atom_id_2 
_pdbx_validate_rmsd_bond.auth_asym_id_2 
_pdbx_validate_rmsd_bond.auth_comp_id_2 
_pdbx_validate_rmsd_bond.auth_seq_id_2 
_pdbx_validate_rmsd_bond.PDB_ins_code_2 
_pdbx_validate_rmsd_bond.label_alt_id_2 
_pdbx_validate_rmsd_bond.bond_value 
_pdbx_validate_rmsd_bond.bond_target_value 
_pdbx_validate_rmsd_bond.bond_deviation 
_pdbx_validate_rmsd_bond.bond_standard_deviation 
_pdbx_validate_rmsd_bond.linker_flag 
1 1 "O3'" B DA 17 ? ? P B DC 18 ? ? 1.534 1.607 -0.073 0.012 Y 
2 1 "O3'" D DG 9  ? ? P D DC 10 ? ? 1.531 1.607 -0.076 0.012 Y 
# 
loop_
_pdbx_validate_rmsd_angle.id 
_pdbx_validate_rmsd_angle.PDB_model_num 
_pdbx_validate_rmsd_angle.auth_atom_id_1 
_pdbx_validate_rmsd_angle.auth_asym_id_1 
_pdbx_validate_rmsd_angle.auth_comp_id_1 
_pdbx_validate_rmsd_angle.auth_seq_id_1 
_pdbx_validate_rmsd_angle.PDB_ins_code_1 
_pdbx_validate_rmsd_angle.label_alt_id_1 
_pdbx_validate_rmsd_angle.auth_atom_id_2 
_pdbx_validate_rmsd_angle.auth_asym_id_2 
_pdbx_validate_rmsd_angle.auth_comp_id_2 
_pdbx_validate_rmsd_angle.auth_seq_id_2 
_pdbx_validate_rmsd_angle.PDB_ins_code_2 
_pdbx_validate_rmsd_angle.label_alt_id_2 
_pdbx_validate_rmsd_angle.auth_atom_id_3 
_pdbx_validate_rmsd_angle.auth_asym_id_3 
_pdbx_validate_rmsd_angle.auth_comp_id_3 
_pdbx_validate_rmsd_angle.auth_seq_id_3 
_pdbx_validate_rmsd_angle.PDB_ins_code_3 
_pdbx_validate_rmsd_angle.label_alt_id_3 
_pdbx_validate_rmsd_angle.angle_value 
_pdbx_validate_rmsd_angle.angle_target_value 
_pdbx_validate_rmsd_angle.angle_deviation 
_pdbx_validate_rmsd_angle.angle_standard_deviation 
_pdbx_validate_rmsd_angle.linker_flag 
1 1 "C1'" B DA 12 ? ? "O4'" B DA 12 ? ? "C4'" B DA 12 ? ? 104.04 110.10 -6.06 1.00 N 
2 1 "C3'" B DC 16 ? ? "C2'" B DC 16 ? ? "C1'" B DC 16 ? ? 97.32  102.40 -5.08 0.80 N 
3 1 "O5'" C DC 1  ? ? P     C DC 1  ? ? OP2   C DC 1  ? ? 95.78  105.70 -9.92 0.90 N 
4 1 "O5'" C DG 4  ? ? P     C DG 4  ? ? OP1   C DG 4  ? ? 119.74 110.70 9.04  1.20 N 
5 1 "O4'" C DG 4  ? ? "C4'" C DG 4  ? ? "C3'" C DG 4  ? ? 101.81 104.50 -2.69 0.40 N 
6 1 "C1'" D DG 9  ? ? "O4'" D DG 9  ? ? "C4'" D DG 9  ? ? 103.97 110.10 -6.13 1.00 N 
# 
loop_
_chem_comp_atom.comp_id 
_chem_comp_atom.atom_id 
_chem_comp_atom.type_symbol 
_chem_comp_atom.pdbx_aromatic_flag 
_chem_comp_atom.pdbx_stereo_config 
_chem_comp_atom.pdbx_ordinal 
DA OP3    O N N 1   
DA P      P N N 2   
DA OP1    O N N 3   
DA OP2    O N N 4   
DA "O5'"  O N N 5   
DA "C5'"  C N N 6   
DA "C4'"  C N R 7   
DA "O4'"  O N N 8   
DA "C3'"  C N S 9   
DA "O3'"  O N N 10  
DA "C2'"  C N N 11  
DA "C1'"  C N R 12  
DA N9     N Y N 13  
DA C8     C Y N 14  
DA N7     N Y N 15  
DA C5     C Y N 16  
DA C6     C Y N 17  
DA N6     N N N 18  
DA N1     N Y N 19  
DA C2     C Y N 20  
DA N3     N Y N 21  
DA C4     C Y N 22  
DA HOP3   H N N 23  
DA HOP2   H N N 24  
DA "H5'"  H N N 25  
DA "H5''" H N N 26  
DA "H4'"  H N N 27  
DA "H3'"  H N N 28  
DA "HO3'" H N N 29  
DA "H2'"  H N N 30  
DA "H2''" H N N 31  
DA "H1'"  H N N 32  
DA H8     H N N 33  
DA H61    H N N 34  
DA H62    H N N 35  
DA H2     H N N 36  
DC OP3    O N N 37  
DC P      P N N 38  
DC OP1    O N N 39  
DC OP2    O N N 40  
DC "O5'"  O N N 41  
DC "C5'"  C N N 42  
DC "C4'"  C N R 43  
DC "O4'"  O N N 44  
DC "C3'"  C N S 45  
DC "O3'"  O N N 46  
DC "C2'"  C N N 47  
DC "C1'"  C N R 48  
DC N1     N N N 49  
DC C2     C N N 50  
DC O2     O N N 51  
DC N3     N N N 52  
DC C4     C N N 53  
DC N4     N N N 54  
DC C5     C N N 55  
DC C6     C N N 56  
DC HOP3   H N N 57  
DC HOP2   H N N 58  
DC "H5'"  H N N 59  
DC "H5''" H N N 60  
DC "H4'"  H N N 61  
DC "H3'"  H N N 62  
DC "HO3'" H N N 63  
DC "H2'"  H N N 64  
DC "H2''" H N N 65  
DC "H1'"  H N N 66  
DC H41    H N N 67  
DC H42    H N N 68  
DC H5     H N N 69  
DC H6     H N N 70  
DG OP3    O N N 71  
DG P      P N N 72  
DG OP1    O N N 73  
DG OP2    O N N 74  
DG "O5'"  O N N 75  
DG "C5'"  C N N 76  
DG "C4'"  C N R 77  
DG "O4'"  O N N 78  
DG "C3'"  C N S 79  
DG "O3'"  O N N 80  
DG "C2'"  C N N 81  
DG "C1'"  C N R 82  
DG N9     N Y N 83  
DG C8     C Y N 84  
DG N7     N Y N 85  
DG C5     C Y N 86  
DG C6     C N N 87  
DG O6     O N N 88  
DG N1     N N N 89  
DG C2     C N N 90  
DG N2     N N N 91  
DG N3     N N N 92  
DG C4     C Y N 93  
DG HOP3   H N N 94  
DG HOP2   H N N 95  
DG "H5'"  H N N 96  
DG "H5''" H N N 97  
DG "H4'"  H N N 98  
DG "H3'"  H N N 99  
DG "HO3'" H N N 100 
DG "H2'"  H N N 101 
DG "H2''" H N N 102 
DG "H1'"  H N N 103 
DG H8     H N N 104 
DG H1     H N N 105 
DG H21    H N N 106 
DG H22    H N N 107 
DT OP3    O N N 108 
DT P      P N N 109 
DT OP1    O N N 110 
DT OP2    O N N 111 
DT "O5'"  O N N 112 
DT "C5'"  C N N 113 
DT "C4'"  C N R 114 
DT "O4'"  O N N 115 
DT "C3'"  C N S 116 
DT "O3'"  O N N 117 
DT "C2'"  C N N 118 
DT "C1'"  C N R 119 
DT N1     N N N 120 
DT C2     C N N 121 
DT O2     O N N 122 
DT N3     N N N 123 
DT C4     C N N 124 
DT O4     O N N 125 
DT C5     C N N 126 
DT C7     C N N 127 
DT C6     C N N 128 
DT HOP3   H N N 129 
DT HOP2   H N N 130 
DT "H5'"  H N N 131 
DT "H5''" H N N 132 
DT "H4'"  H N N 133 
DT "H3'"  H N N 134 
DT "HO3'" H N N 135 
DT "H2'"  H N N 136 
DT "H2''" H N N 137 
DT "H1'"  H N N 138 
DT H3     H N N 139 
DT H71    H N N 140 
DT H72    H N N 141 
DT H73    H N N 142 
DT H6     H N N 143 
# 
loop_
_chem_comp_bond.comp_id 
_chem_comp_bond.atom_id_1 
_chem_comp_bond.atom_id_2 
_chem_comp_bond.value_order 
_chem_comp_bond.pdbx_aromatic_flag 
_chem_comp_bond.pdbx_stereo_config 
_chem_comp_bond.pdbx_ordinal 
DA OP3   P      sing N N 1   
DA OP3   HOP3   sing N N 2   
DA P     OP1    doub N N 3   
DA P     OP2    sing N N 4   
DA P     "O5'"  sing N N 5   
DA OP2   HOP2   sing N N 6   
DA "O5'" "C5'"  sing N N 7   
DA "C5'" "C4'"  sing N N 8   
DA "C5'" "H5'"  sing N N 9   
DA "C5'" "H5''" sing N N 10  
DA "C4'" "O4'"  sing N N 11  
DA "C4'" "C3'"  sing N N 12  
DA "C4'" "H4'"  sing N N 13  
DA "O4'" "C1'"  sing N N 14  
DA "C3'" "O3'"  sing N N 15  
DA "C3'" "C2'"  sing N N 16  
DA "C3'" "H3'"  sing N N 17  
DA "O3'" "HO3'" sing N N 18  
DA "C2'" "C1'"  sing N N 19  
DA "C2'" "H2'"  sing N N 20  
DA "C2'" "H2''" sing N N 21  
DA "C1'" N9     sing N N 22  
DA "C1'" "H1'"  sing N N 23  
DA N9    C8     sing Y N 24  
DA N9    C4     sing Y N 25  
DA C8    N7     doub Y N 26  
DA C8    H8     sing N N 27  
DA N7    C5     sing Y N 28  
DA C5    C6     sing Y N 29  
DA C5    C4     doub Y N 30  
DA C6    N6     sing N N 31  
DA C6    N1     doub Y N 32  
DA N6    H61    sing N N 33  
DA N6    H62    sing N N 34  
DA N1    C2     sing Y N 35  
DA C2    N3     doub Y N 36  
DA C2    H2     sing N N 37  
DA N3    C4     sing Y N 38  
DC OP3   P      sing N N 39  
DC OP3   HOP3   sing N N 40  
DC P     OP1    doub N N 41  
DC P     OP2    sing N N 42  
DC P     "O5'"  sing N N 43  
DC OP2   HOP2   sing N N 44  
DC "O5'" "C5'"  sing N N 45  
DC "C5'" "C4'"  sing N N 46  
DC "C5'" "H5'"  sing N N 47  
DC "C5'" "H5''" sing N N 48  
DC "C4'" "O4'"  sing N N 49  
DC "C4'" "C3'"  sing N N 50  
DC "C4'" "H4'"  sing N N 51  
DC "O4'" "C1'"  sing N N 52  
DC "C3'" "O3'"  sing N N 53  
DC "C3'" "C2'"  sing N N 54  
DC "C3'" "H3'"  sing N N 55  
DC "O3'" "HO3'" sing N N 56  
DC "C2'" "C1'"  sing N N 57  
DC "C2'" "H2'"  sing N N 58  
DC "C2'" "H2''" sing N N 59  
DC "C1'" N1     sing N N 60  
DC "C1'" "H1'"  sing N N 61  
DC N1    C2     sing N N 62  
DC N1    C6     sing N N 63  
DC C2    O2     doub N N 64  
DC C2    N3     sing N N 65  
DC N3    C4     doub N N 66  
DC C4    N4     sing N N 67  
DC C4    C5     sing N N 68  
DC N4    H41    sing N N 69  
DC N4    H42    sing N N 70  
DC C5    C6     doub N N 71  
DC C5    H5     sing N N 72  
DC C6    H6     sing N N 73  
DG OP3   P      sing N N 74  
DG OP3   HOP3   sing N N 75  
DG P     OP1    doub N N 76  
DG P     OP2    sing N N 77  
DG P     "O5'"  sing N N 78  
DG OP2   HOP2   sing N N 79  
DG "O5'" "C5'"  sing N N 80  
DG "C5'" "C4'"  sing N N 81  
DG "C5'" "H5'"  sing N N 82  
DG "C5'" "H5''" sing N N 83  
DG "C4'" "O4'"  sing N N 84  
DG "C4'" "C3'"  sing N N 85  
DG "C4'" "H4'"  sing N N 86  
DG "O4'" "C1'"  sing N N 87  
DG "C3'" "O3'"  sing N N 88  
DG "C3'" "C2'"  sing N N 89  
DG "C3'" "H3'"  sing N N 90  
DG "O3'" "HO3'" sing N N 91  
DG "C2'" "C1'"  sing N N 92  
DG "C2'" "H2'"  sing N N 93  
DG "C2'" "H2''" sing N N 94  
DG "C1'" N9     sing N N 95  
DG "C1'" "H1'"  sing N N 96  
DG N9    C8     sing Y N 97  
DG N9    C4     sing Y N 98  
DG C8    N7     doub Y N 99  
DG C8    H8     sing N N 100 
DG N7    C5     sing Y N 101 
DG C5    C6     sing N N 102 
DG C5    C4     doub Y N 103 
DG C6    O6     doub N N 104 
DG C6    N1     sing N N 105 
DG N1    C2     sing N N 106 
DG N1    H1     sing N N 107 
DG C2    N2     sing N N 108 
DG C2    N3     doub N N 109 
DG N2    H21    sing N N 110 
DG N2    H22    sing N N 111 
DG N3    C4     sing N N 112 
DT OP3   P      sing N N 113 
DT OP3   HOP3   sing N N 114 
DT P     OP1    doub N N 115 
DT P     OP2    sing N N 116 
DT P     "O5'"  sing N N 117 
DT OP2   HOP2   sing N N 118 
DT "O5'" "C5'"  sing N N 119 
DT "C5'" "C4'"  sing N N 120 
DT "C5'" "H5'"  sing N N 121 
DT "C5'" "H5''" sing N N 122 
DT "C4'" "O4'"  sing N N 123 
DT "C4'" "C3'"  sing N N 124 
DT "C4'" "H4'"  sing N N 125 
DT "O4'" "C1'"  sing N N 126 
DT "C3'" "O3'"  sing N N 127 
DT "C3'" "C2'"  sing N N 128 
DT "C3'" "H3'"  sing N N 129 
DT "O3'" "HO3'" sing N N 130 
DT "C2'" "C1'"  sing N N 131 
DT "C2'" "H2'"  sing N N 132 
DT "C2'" "H2''" sing N N 133 
DT "C1'" N1     sing N N 134 
DT "C1'" "H1'"  sing N N 135 
DT N1    C2     sing N N 136 
DT N1    C6     sing N N 137 
DT C2    O2     doub N N 138 
DT C2    N3     sing N N 139 
DT N3    C4     sing N N 140 
DT N3    H3     sing N N 141 
DT C4    O4     doub N N 142 
DT C4    C5     sing N N 143 
DT C5    C7     sing N N 144 
DT C5    C6     doub N N 145 
DT C7    H71    sing N N 146 
DT C7    H72    sing N N 147 
DT C7    H73    sing N N 148 
DT C6    H6     sing N N 149 
# 
loop_
_ndb_struct_conf_na.entry_id 
_ndb_struct_conf_na.feature 
6XEK 'double helix'        
6XEK 'a-form double helix' 
6XEK 'b-form double helix' 
# 
loop_
_ndb_struct_na_base_pair.model_number 
_ndb_struct_na_base_pair.i_label_asym_id 
_ndb_struct_na_base_pair.i_label_comp_id 
_ndb_struct_na_base_pair.i_label_seq_id 
_ndb_struct_na_base_pair.i_symmetry 
_ndb_struct_na_base_pair.j_label_asym_id 
_ndb_struct_na_base_pair.j_label_comp_id 
_ndb_struct_na_base_pair.j_label_seq_id 
_ndb_struct_na_base_pair.j_symmetry 
_ndb_struct_na_base_pair.shear 
_ndb_struct_na_base_pair.stretch 
_ndb_struct_na_base_pair.stagger 
_ndb_struct_na_base_pair.buckle 
_ndb_struct_na_base_pair.propeller 
_ndb_struct_na_base_pair.opening 
_ndb_struct_na_base_pair.pair_number 
_ndb_struct_na_base_pair.pair_name 
_ndb_struct_na_base_pair.i_auth_asym_id 
_ndb_struct_na_base_pair.i_auth_seq_id 
_ndb_struct_na_base_pair.i_PDB_ins_code 
_ndb_struct_na_base_pair.j_auth_asym_id 
_ndb_struct_na_base_pair.j_auth_seq_id 
_ndb_struct_na_base_pair.j_PDB_ins_code 
_ndb_struct_na_base_pair.hbond_type_28 
_ndb_struct_na_base_pair.hbond_type_12 
1 A DC 4  1_555 D DG 15 1_555 0.075  -0.043 -0.326 -5.866  -9.625  -15.933 1  A_DC4:DG15_D A 4  ? D 15 ? 19 1 
1 A DA 5  1_555 D DT 14 1_555 -0.147 0.792  0.323  12.489  -7.069  6.778   2  A_DA5:DT14_D A 5  ? D 14 ? ?  ? 
1 A DG 6  1_555 D DC 13 1_555 0.324  0.049  0.624  15.573  -6.541  6.097   3  A_DG6:DC13_D A 6  ? D 13 ? 19 1 
1 A DA 7  1_555 D DT 12 1_555 -0.169 0.292  0.153  5.345   -7.630  -14.460 4  A_DA7:DT12_D A 7  ? D 12 ? 20 1 
1 A DC 8  1_555 D DG 11 1_555 0.913  -0.260 -0.041 5.564   -6.792  1.412   5  A_DC8:DG11_D A 8  ? D 11 ? 19 1 
1 A DG 9  1_555 D DC 10 1_555 -0.044 -0.304 0.565  6.358   0.158   -4.130  6  A_DG9:DC10_D A 9  ? D 10 ? 19 1 
1 A DA 10 1_555 C DT 2  1_555 0.329  -0.226 0.439  4.670   -5.956  -2.047  7  A_DA10:DT2_C A 10 ? C 2  ? 20 1 
1 A DG 11 1_555 C DC 1  1_555 0.160  -0.303 0.227  5.683   -7.117  -5.927  8  A_DG11:DC1_C A 11 ? C 1  ? 19 1 
1 B DA 1  1_555 C DT 5  1_555 0.393  -0.428 0.079  -0.354  -4.717  -6.918  9  B_DA12:DT5_C B 12 ? C 5  ? 20 1 
1 B DC 2  1_555 C DG 4  1_555 0.236  -0.512 0.432  -0.188  -2.433  -2.601  10 B_DC13:DG4_C B 13 ? C 4  ? 19 1 
1 B DC 3  1_555 C DG 3  1_555 -0.391 0.044  -0.046 4.875   -1.129  0.867   11 B_DC14:DG3_C B 14 ? C 3  ? 19 1 
1 B DC 4  1_555 D DG 9  1_555 0.537  -0.101 0.341  -14.796 2.878   -3.086  12 B_DC15:DG9_D B 15 ? D 9  ? 19 1 
1 B DC 5  1_555 D DG 8  1_555 -0.255 -0.063 -0.041 0.276   -1.796  -4.212  13 B_DC16:DG8_D B 16 ? D 8  ? 19 1 
1 B DA 6  1_555 D DT 7  1_555 0.115  -0.103 -0.126 0.035   -3.532  -6.548  14 B_DA17:DT7_D B 17 ? D 7  ? 20 1 
1 B DC 7  1_555 D DG 6  1_555 -0.124 -0.197 0.113  -6.756  -0.347  -2.093  15 B_DC18:DG6_D B 18 ? D 6  ? 19 1 
1 B DT 8  1_555 D DA 5  1_555 -0.112 0.433  0.004  -2.002  -6.473  3.703   16 B_DT19:DA5_D B 19 ? D 5  ? 20 1 
1 B DC 9  1_555 D DG 4  1_555 1.405  0.626  -0.114 3.124   -7.360  14.231  17 B_DC20:DG4_D B 20 ? D 4  ? ?  1 
1 B DA 10 1_555 D DT 3  1_555 0.094  -0.341 0.286  9.049   -13.022 13.879  18 B_DA21:DT3_D B 21 ? D 3  ? 20 1 
# 
loop_
_ndb_struct_na_base_pair_step.model_number 
_ndb_struct_na_base_pair_step.i_label_asym_id_1 
_ndb_struct_na_base_pair_step.i_label_comp_id_1 
_ndb_struct_na_base_pair_step.i_label_seq_id_1 
_ndb_struct_na_base_pair_step.i_symmetry_1 
_ndb_struct_na_base_pair_step.j_label_asym_id_1 
_ndb_struct_na_base_pair_step.j_label_comp_id_1 
_ndb_struct_na_base_pair_step.j_label_seq_id_1 
_ndb_struct_na_base_pair_step.j_symmetry_1 
_ndb_struct_na_base_pair_step.i_label_asym_id_2 
_ndb_struct_na_base_pair_step.i_label_comp_id_2 
_ndb_struct_na_base_pair_step.i_label_seq_id_2 
_ndb_struct_na_base_pair_step.i_symmetry_2 
_ndb_struct_na_base_pair_step.j_label_asym_id_2 
_ndb_struct_na_base_pair_step.j_label_comp_id_2 
_ndb_struct_na_base_pair_step.j_label_seq_id_2 
_ndb_struct_na_base_pair_step.j_symmetry_2 
_ndb_struct_na_base_pair_step.shift 
_ndb_struct_na_base_pair_step.slide 
_ndb_struct_na_base_pair_step.rise 
_ndb_struct_na_base_pair_step.tilt 
_ndb_struct_na_base_pair_step.roll 
_ndb_struct_na_base_pair_step.twist 
_ndb_struct_na_base_pair_step.x_displacement 
_ndb_struct_na_base_pair_step.y_displacement 
_ndb_struct_na_base_pair_step.helical_rise 
_ndb_struct_na_base_pair_step.inclination 
_ndb_struct_na_base_pair_step.tip 
_ndb_struct_na_base_pair_step.helical_twist 
_ndb_struct_na_base_pair_step.step_number 
_ndb_struct_na_base_pair_step.step_name 
_ndb_struct_na_base_pair_step.i_auth_asym_id_1 
_ndb_struct_na_base_pair_step.i_auth_seq_id_1 
_ndb_struct_na_base_pair_step.i_PDB_ins_code_1 
_ndb_struct_na_base_pair_step.j_auth_asym_id_1 
_ndb_struct_na_base_pair_step.j_auth_seq_id_1 
_ndb_struct_na_base_pair_step.j_PDB_ins_code_1 
_ndb_struct_na_base_pair_step.i_auth_asym_id_2 
_ndb_struct_na_base_pair_step.i_auth_seq_id_2 
_ndb_struct_na_base_pair_step.i_PDB_ins_code_2 
_ndb_struct_na_base_pair_step.j_auth_asym_id_2 
_ndb_struct_na_base_pair_step.j_auth_seq_id_2 
_ndb_struct_na_base_pair_step.j_PDB_ins_code_2 
1 A DC 4  1_555 D DG 15 1_555 A DA 5  1_555 D DT 14 1_555 0.704  1.549  2.884 -1.496 2.735  31.523 2.385  -1.537 2.968 5.019  
2.745  31.672 1  AA_DC4DA5:DT14DG15_DD A 4  ? D 15 ? A 5  ? D 14 ? 
1 A DA 5  1_555 D DT 14 1_555 A DG 6  1_555 D DC 13 1_555 0.276  0.131  3.026 -2.655 3.022  35.941 -0.182 -0.791 3.000 4.878  
4.286  36.158 2  AA_DA5DG6:DC13DT14_DD A 5  ? D 14 ? A 6  ? D 13 ? 
1 A DG 6  1_555 D DC 13 1_555 A DA 7  1_555 D DT 12 1_555 -0.518 -0.881 3.351 1.443  -1.118 33.593 -1.336 1.136  3.353 -1.933 
-2.495 33.641 3  AA_DG6DA7:DT12DC13_DD A 6  ? D 13 ? A 7  ? D 12 ? 
1 A DA 7  1_555 D DT 12 1_555 A DC 8  1_555 D DG 11 1_555 1.007  -0.730 3.238 0.600  0.208  40.667 -1.073 -1.383 3.249 0.299  
-0.864 40.671 4  AA_DA7DC8:DG11DT12_DD A 7  ? D 12 ? A 8  ? D 11 ? 
1 A DC 8  1_555 D DG 11 1_555 A DG 9  1_555 D DC 10 1_555 -0.804 -1.143 3.215 -8.357 5.770  28.885 -3.293 -0.107 3.044 11.141 
16.137 30.582 5  AA_DC8DG9:DC10DG11_DD A 8  ? D 11 ? A 9  ? D 10 ? 
1 A DG 9  1_555 D DC 10 1_555 A DA 10 1_555 C DT 2  1_555 -1.200 -0.866 3.244 -0.594 -3.105 31.881 -1.005 2.067  3.333 -5.636 
1.079  32.033 6  AA_DG9DA10:DT2DC10_CD A 9  ? D 10 ? A 10 ? C 2  ? 
1 A DA 10 1_555 C DT 2  1_555 A DG 11 1_555 C DC 1  1_555 -0.453 0.007  3.371 -1.090 3.023  34.526 -0.468 0.588  3.372 5.080  
1.831  34.670 7  AA_DA10DG11:DC1DT2_CC A 10 ? C 2  ? A 11 ? C 1  ? 
1 B DA 1  1_555 C DT 5  1_555 B DC 2  1_555 C DG 4  1_555 1.288  -1.005 3.274 -4.762 0.618  31.752 -1.924 -3.158 3.034 1.122  
8.642  32.104 8  BB_DA12DC13:DG4DT5_CC B 12 ? C 5  ? B 13 ? C 4  ? 
1 B DC 2  1_555 C DG 4  1_555 B DC 3  1_555 C DG 3  1_555 -0.448 -1.634 3.206 0.483  -4.056 35.084 -2.089 0.811  3.362 -6.700 
-0.799 35.313 9  BB_DC13DC14:DG3DG4_CC B 13 ? C 4  ? B 14 ? C 3  ? 
1 B DC 3  1_555 C DG 3  1_555 B DC 4  1_555 D DG 9  1_555 -0.860 -1.317 3.816 -1.491 1.388  32.691 -2.613 1.226  3.793 2.462  
2.646  32.752 10 BB_DC14DC15:DG9DG3_DC B 14 ? C 3  ? B 15 ? D 9  ? 
1 B DC 4  1_555 D DG 9  1_555 B DC 5  1_555 D DG 8  1_555 -0.428 0.318  3.027 3.504  0.238  23.236 0.708  2.133  2.934 0.587  
-8.637 23.496 11 BB_DC15DC16:DG8DG9_DD B 15 ? D 9  ? B 16 ? D 8  ? 
1 B DC 5  1_555 D DG 8  1_555 B DA 6  1_555 D DT 7  1_555 0.168  2.006  3.343 2.744  0.801  49.999 2.311  0.005  3.377 0.947  
-3.244 50.076 12 BB_DC16DA17:DT7DG8_DD B 16 ? D 8  ? B 17 ? D 7  ? 
1 B DA 6  1_555 D DT 7  1_555 B DC 7  1_555 D DG 6  1_555 0.351  -0.676 3.440 -3.639 3.675  26.866 -2.370 -1.673 3.245 7.818  
7.742  27.350 13 BB_DA17DC18:DG6DT7_DD B 17 ? D 7  ? B 18 ? D 6  ? 
1 B DC 7  1_555 D DG 6  1_555 B DT 8  1_555 D DA 5  1_555 0.165  -0.137 3.296 4.214  0.709  34.509 -0.339 0.373  3.289 1.190  
-7.070 34.764 14 BB_DC18DT19:DA5DG6_DD B 18 ? D 6  ? B 19 ? D 5  ? 
1 B DT 8  1_555 D DA 5  1_555 B DC 9  1_555 D DG 4  1_555 0.997  1.223  3.191 4.611  6.875  38.530 0.980  -0.920 3.443 10.274 
-6.891 39.376 15 BB_DT19DC20:DG4DA5_DD B 19 ? D 5  ? B 20 ? D 4  ? 
1 B DC 9  1_555 D DG 4  1_555 B DA 10 1_555 D DT 3  1_555 0.186  2.066  3.156 -1.381 -3.094 36.319 3.703  -0.477 2.967 -4.951 
2.210  36.471 16 BB_DC20DA21:DT3DG4_DD B 20 ? D 4  ? B 21 ? D 3  ? 
# 
loop_
_pdbx_audit_support.funding_organization 
_pdbx_audit_support.country 
_pdbx_audit_support.grant_number 
_pdbx_audit_support.ordinal 
'National Science Foundation (NSF, United States)'                                         'United States' 1360635     1 
'National Institutes of Health/National Institute of General Medical Sciences (NIH/NIGMS)' 'United States' R01GM104960 2 
'National Science Foundation (NSF, United States)'                                         'United States' NSF2004250  3 
# 
_pdbx_initial_refinement_model.id               1 
_pdbx_initial_refinement_model.entity_id_list   ? 
_pdbx_initial_refinement_model.type             'experimental model' 
_pdbx_initial_refinement_model.source_name      PDB 
_pdbx_initial_refinement_model.accession_code   6X8C 
_pdbx_initial_refinement_model.details          ? 
# 
_pdbx_struct_assembly_auth_evidence.id                     1 
_pdbx_struct_assembly_auth_evidence.assembly_id            1 
_pdbx_struct_assembly_auth_evidence.experimental_support   none 
_pdbx_struct_assembly_auth_evidence.details                ? 
# 
